data_2YTW
#
_entry.id   2YTW
#
_cell.length_a   1.000
_cell.length_b   1.000
_cell.length_c   1.000
_cell.angle_alpha   90.00
_cell.angle_beta   90.00
_cell.angle_gamma   90.00
#
_symmetry.space_group_name_H-M   'P 1'
#
_entity_poly.entity_id   1
_entity_poly.type   'polypeptide(L)'
_entity_poly.pdbx_seq_one_letter_code
;GSSGSSGRQAKGKAITKKKYIGIRMMSLTSSKAKELKDRHRDFPDVISGAYIIEVIPDTPAEAGGLKENDVIISINGQSV
VSANDVSDVIKRESTLNMVVRRGNEDIMITVIPEEIDP
;
_entity_poly.pdbx_strand_id   A
#
# COMPACT_ATOMS: atom_id res chain seq x y z
N GLY A 1 -4.12 -15.17 -12.55
CA GLY A 1 -2.86 -15.51 -13.19
C GLY A 1 -1.66 -15.03 -12.40
N SER A 2 -0.89 -15.97 -11.87
CA SER A 2 0.29 -15.63 -11.08
C SER A 2 1.34 -14.95 -11.94
N SER A 3 2.27 -14.24 -11.29
CA SER A 3 3.33 -13.53 -12.00
C SER A 3 4.60 -14.36 -12.05
N GLY A 4 4.83 -15.14 -10.99
CA GLY A 4 6.02 -15.97 -10.92
C GLY A 4 6.34 -16.42 -9.51
N SER A 5 7.62 -16.69 -9.25
CA SER A 5 8.05 -17.12 -7.93
C SER A 5 8.57 -15.95 -7.11
N SER A 6 8.15 -15.86 -5.86
CA SER A 6 8.57 -14.79 -4.97
C SER A 6 8.36 -15.17 -3.51
N GLY A 7 9.29 -15.95 -2.96
CA GLY A 7 9.18 -16.37 -1.57
C GLY A 7 10.08 -15.58 -0.65
N ARG A 8 10.03 -14.25 -0.77
CA ARG A 8 10.85 -13.38 0.06
C ARG A 8 10.36 -13.38 1.51
N GLN A 9 11.04 -12.62 2.36
CA GLN A 9 10.67 -12.53 3.77
C GLN A 9 10.79 -13.90 4.45
N ALA A 10 11.91 -14.12 5.13
CA ALA A 10 12.14 -15.38 5.83
C ALA A 10 12.02 -15.20 7.33
N LYS A 11 12.04 -16.32 8.05
CA LYS A 11 11.93 -16.29 9.50
C LYS A 11 13.11 -15.55 10.12
N GLY A 12 12.90 -14.29 10.46
CA GLY A 12 13.96 -13.50 11.06
C GLY A 12 13.74 -13.25 12.54
N LYS A 13 14.23 -12.12 13.03
CA LYS A 13 14.08 -11.76 14.44
C LYS A 13 13.95 -10.25 14.61
N ALA A 14 12.91 -9.83 15.32
CA ALA A 14 12.68 -8.41 15.56
C ALA A 14 12.33 -8.15 17.01
N ILE A 15 12.36 -6.88 17.41
CA ILE A 15 12.05 -6.50 18.78
C ILE A 15 10.65 -5.89 18.88
N THR A 16 10.36 -4.97 17.97
CA THR A 16 9.05 -4.31 17.96
C THR A 16 8.03 -5.11 17.17
N LYS A 17 6.80 -4.63 17.13
CA LYS A 17 5.73 -5.31 16.41
C LYS A 17 5.45 -4.62 15.08
N LYS A 18 4.65 -5.27 14.23
CA LYS A 18 4.30 -4.71 12.93
C LYS A 18 2.80 -4.77 12.70
N LYS A 19 2.28 -3.84 11.91
CA LYS A 19 0.86 -3.79 11.61
C LYS A 19 0.52 -4.63 10.38
N TYR A 20 -0.75 -4.90 10.18
CA TYR A 20 -1.20 -5.71 9.04
C TYR A 20 -2.60 -5.29 8.61
N ILE A 21 -2.88 -5.46 7.32
CA ILE A 21 -4.18 -5.10 6.77
C ILE A 21 -4.55 -6.03 5.61
N GLY A 22 -3.87 -7.15 5.52
CA GLY A 22 -4.14 -8.10 4.45
C GLY A 22 -4.22 -7.44 3.09
N ILE A 23 -3.06 -7.15 2.51
CA ILE A 23 -3.00 -6.50 1.20
C ILE A 23 -1.73 -6.91 0.45
N ARG A 24 -1.88 -7.22 -0.83
CA ARG A 24 -0.75 -7.61 -1.66
C ARG A 24 -0.44 -6.55 -2.71
N MET A 25 0.82 -6.16 -2.79
CA MET A 25 1.25 -5.15 -3.76
C MET A 25 2.60 -5.50 -4.36
N MET A 26 2.89 -4.96 -5.55
CA MET A 26 4.15 -5.21 -6.21
C MET A 26 4.83 -3.91 -6.61
N SER A 27 6.16 -3.89 -6.49
CA SER A 27 6.93 -2.70 -6.83
C SER A 27 6.58 -2.19 -8.22
N LEU A 28 5.88 -1.06 -8.28
CA LEU A 28 5.47 -0.46 -9.54
C LEU A 28 6.66 0.17 -10.26
N THR A 29 6.81 -0.15 -11.54
CA THR A 29 7.91 0.38 -12.33
C THR A 29 7.39 1.29 -13.45
N SER A 30 8.24 2.20 -13.91
CA SER A 30 7.87 3.13 -14.97
C SER A 30 7.42 2.37 -16.22
N SER A 31 8.01 1.20 -16.44
CA SER A 31 7.68 0.39 -17.60
C SER A 31 6.40 -0.40 -17.35
N LYS A 32 6.21 -0.83 -16.11
CA LYS A 32 5.03 -1.60 -15.72
C LYS A 32 3.77 -0.72 -15.74
N ALA A 33 3.89 0.48 -15.18
CA ALA A 33 2.77 1.40 -15.14
C ALA A 33 2.35 1.83 -16.53
N LYS A 34 3.32 2.26 -17.33
CA LYS A 34 3.06 2.70 -18.70
C LYS A 34 2.29 1.64 -19.48
N GLU A 35 2.49 0.37 -19.10
CA GLU A 35 1.81 -0.74 -19.76
C GLU A 35 0.51 -1.07 -19.03
N LEU A 36 0.45 -0.77 -17.75
CA LEU A 36 -0.74 -1.04 -16.95
C LEU A 36 -1.92 -0.22 -17.43
N LYS A 37 -1.64 1.00 -17.89
CA LYS A 37 -2.69 1.89 -18.37
C LYS A 37 -3.16 1.45 -19.77
N ASP A 38 -2.22 1.36 -20.70
CA ASP A 38 -2.54 0.96 -22.06
C ASP A 38 -3.22 -0.41 -22.07
N ARG A 39 -2.96 -1.21 -21.05
CA ARG A 39 -3.55 -2.55 -20.96
C ARG A 39 -4.83 -2.51 -20.12
N HIS A 40 -4.92 -1.53 -19.23
CA HIS A 40 -6.09 -1.38 -18.37
C HIS A 40 -6.62 0.05 -18.41
N ARG A 41 -7.61 0.29 -19.26
CA ARG A 41 -8.20 1.62 -19.39
C ARG A 41 -8.69 2.13 -18.03
N ASP A 42 -9.02 1.20 -17.14
CA ASP A 42 -9.50 1.56 -15.81
C ASP A 42 -8.43 2.30 -15.02
N PHE A 43 -7.17 1.95 -15.27
CA PHE A 43 -6.05 2.58 -14.58
C PHE A 43 -6.14 4.10 -14.69
N PRO A 44 -5.82 4.78 -13.58
CA PRO A 44 -5.85 6.25 -13.52
C PRO A 44 -4.74 6.89 -14.35
N ASP A 45 -4.57 8.19 -14.20
CA ASP A 45 -3.53 8.92 -14.92
C ASP A 45 -2.27 9.03 -14.10
N VAL A 46 -1.88 7.94 -13.45
CA VAL A 46 -0.68 7.91 -12.63
C VAL A 46 0.21 6.71 -12.97
N ILE A 47 1.46 6.78 -12.57
CA ILE A 47 2.42 5.71 -12.84
C ILE A 47 3.51 5.66 -11.79
N SER A 48 3.18 6.09 -10.57
CA SER A 48 4.14 6.10 -9.48
C SER A 48 3.44 5.95 -8.13
N GLY A 49 3.67 4.81 -7.47
CA GLY A 49 3.05 4.56 -6.19
C GLY A 49 3.00 3.08 -5.85
N ALA A 50 1.97 2.68 -5.12
CA ALA A 50 1.81 1.28 -4.73
C ALA A 50 0.65 0.63 -5.47
N TYR A 51 0.95 -0.41 -6.24
CA TYR A 51 -0.06 -1.12 -7.01
C TYR A 51 -0.63 -2.29 -6.21
N ILE A 52 -1.94 -2.27 -6.01
CA ILE A 52 -2.61 -3.33 -5.27
C ILE A 52 -3.00 -4.49 -6.18
N ILE A 53 -2.46 -5.67 -5.90
CA ILE A 53 -2.75 -6.85 -6.70
C ILE A 53 -3.94 -7.62 -6.14
N GLU A 54 -4.14 -7.50 -4.83
CA GLU A 54 -5.24 -8.19 -4.16
C GLU A 54 -5.30 -7.81 -2.68
N VAL A 55 -6.51 -7.53 -2.19
CA VAL A 55 -6.71 -7.15 -0.80
C VAL A 55 -7.43 -8.26 -0.03
N ILE A 56 -6.68 -8.97 0.81
CA ILE A 56 -7.25 -10.05 1.61
C ILE A 56 -8.52 -9.60 2.31
N PRO A 57 -9.56 -10.45 2.27
CA PRO A 57 -10.85 -10.17 2.90
C PRO A 57 -10.77 -10.20 4.42
N ASP A 58 -11.79 -9.66 5.07
CA ASP A 58 -11.84 -9.64 6.53
C ASP A 58 -10.71 -8.77 7.10
N THR A 59 -10.25 -7.81 6.29
CA THR A 59 -9.17 -6.92 6.71
C THR A 59 -9.64 -5.47 6.77
N PRO A 60 -8.95 -4.66 7.57
CA PRO A 60 -9.28 -3.24 7.73
C PRO A 60 -8.98 -2.43 6.47
N ALA A 61 -8.34 -3.07 5.50
CA ALA A 61 -7.99 -2.41 4.25
C ALA A 61 -9.06 -2.65 3.18
N GLU A 62 -9.73 -3.79 3.29
CA GLU A 62 -10.77 -4.16 2.33
C GLU A 62 -12.04 -3.33 2.57
N ALA A 63 -12.35 -3.10 3.84
CA ALA A 63 -13.54 -2.34 4.20
C ALA A 63 -13.25 -0.83 4.15
N GLY A 64 -11.99 -0.47 4.33
CA GLY A 64 -11.61 0.93 4.30
C GLY A 64 -11.85 1.58 2.95
N GLY A 65 -11.56 0.83 1.89
CA GLY A 65 -11.75 1.35 0.54
C GLY A 65 -10.73 0.81 -0.44
N LEU A 66 -9.57 0.42 0.07
CA LEU A 66 -8.50 -0.11 -0.76
C LEU A 66 -8.98 -1.34 -1.54
N LYS A 67 -9.16 -1.17 -2.85
CA LYS A 67 -9.62 -2.27 -3.70
C LYS A 67 -8.52 -2.68 -4.68
N GLU A 68 -8.73 -3.82 -5.34
CA GLU A 68 -7.75 -4.32 -6.30
C GLU A 68 -7.57 -3.34 -7.46
N ASN A 69 -6.39 -3.37 -8.06
CA ASN A 69 -6.07 -2.48 -9.18
C ASN A 69 -6.12 -1.02 -8.74
N ASP A 70 -5.50 -0.73 -7.61
CA ASP A 70 -5.46 0.63 -7.08
C ASP A 70 -4.04 1.17 -7.07
N VAL A 71 -3.92 2.49 -6.95
CA VAL A 71 -2.61 3.13 -6.92
C VAL A 71 -2.58 4.30 -5.94
N ILE A 72 -1.87 4.11 -4.83
CA ILE A 72 -1.77 5.15 -3.81
C ILE A 72 -0.77 6.23 -4.23
N ILE A 73 -1.21 7.48 -4.15
CA ILE A 73 -0.37 8.61 -4.52
C ILE A 73 0.13 9.35 -3.27
N SER A 74 -0.64 9.24 -2.19
CA SER A 74 -0.27 9.90 -0.94
C SER A 74 -0.93 9.21 0.25
N ILE A 75 -0.34 9.37 1.43
CA ILE A 75 -0.86 8.75 2.64
C ILE A 75 -0.56 9.61 3.86
N ASN A 76 -1.60 9.95 4.61
CA ASN A 76 -1.44 10.77 5.81
C ASN A 76 -0.91 12.15 5.46
N GLY A 77 -1.17 12.59 4.24
CA GLY A 77 -0.70 13.90 3.80
C GLY A 77 0.73 13.86 3.29
N GLN A 78 1.19 12.67 2.91
CA GLN A 78 2.54 12.51 2.41
C GLN A 78 2.55 11.69 1.12
N SER A 79 3.02 12.30 0.03
CA SER A 79 3.08 11.62 -1.25
C SER A 79 4.07 10.46 -1.22
N VAL A 80 3.63 9.31 -1.72
CA VAL A 80 4.47 8.12 -1.75
C VAL A 80 4.83 7.73 -3.18
N VAL A 81 5.96 7.03 -3.33
CA VAL A 81 6.41 6.59 -4.65
C VAL A 81 6.96 5.17 -4.59
N SER A 82 6.51 4.40 -3.62
CA SER A 82 6.96 3.02 -3.45
C SER A 82 6.03 2.25 -2.52
N ALA A 83 5.68 1.03 -2.91
CA ALA A 83 4.80 0.19 -2.11
C ALA A 83 5.38 -0.05 -0.72
N ASN A 84 6.70 0.09 -0.61
CA ASN A 84 7.38 -0.12 0.67
C ASN A 84 7.17 1.08 1.59
N ASP A 85 6.92 2.25 1.00
CA ASP A 85 6.70 3.46 1.76
C ASP A 85 5.30 3.48 2.36
N VAL A 86 4.32 3.11 1.56
CA VAL A 86 2.93 3.09 2.01
C VAL A 86 2.73 2.08 3.15
N SER A 87 3.61 1.09 3.20
CA SER A 87 3.54 0.07 4.23
C SER A 87 4.13 0.57 5.55
N ASP A 88 5.03 1.54 5.44
CA ASP A 88 5.67 2.13 6.63
C ASP A 88 4.66 2.91 7.46
N VAL A 89 3.86 3.74 6.80
CA VAL A 89 2.86 4.54 7.47
C VAL A 89 1.91 3.67 8.30
N ILE A 90 1.79 2.40 7.89
CA ILE A 90 0.92 1.47 8.59
C ILE A 90 1.40 1.23 10.02
N LYS A 91 2.71 1.06 10.17
CA LYS A 91 3.30 0.82 11.48
C LYS A 91 3.72 2.14 12.14
N ARG A 92 3.92 3.16 11.31
CA ARG A 92 4.32 4.47 11.81
C ARG A 92 3.16 5.17 12.50
N GLU A 93 2.08 5.37 11.76
CA GLU A 93 0.89 6.04 12.29
C GLU A 93 -0.21 5.02 12.57
N SER A 94 -1.04 5.32 13.57
CA SER A 94 -2.14 4.43 13.94
C SER A 94 -3.20 4.39 12.84
N THR A 95 -3.48 5.56 12.26
CA THR A 95 -4.47 5.66 11.20
C THR A 95 -3.82 5.61 9.82
N LEU A 96 -4.64 5.46 8.79
CA LEU A 96 -4.14 5.40 7.42
C LEU A 96 -5.00 6.24 6.48
N ASN A 97 -4.57 7.48 6.25
CA ASN A 97 -5.31 8.38 5.38
C ASN A 97 -4.75 8.34 3.95
N MET A 98 -5.03 7.24 3.25
CA MET A 98 -4.55 7.07 1.88
C MET A 98 -5.44 7.84 0.90
N VAL A 99 -4.91 8.12 -0.28
CA VAL A 99 -5.65 8.85 -1.31
C VAL A 99 -5.44 8.21 -2.68
N VAL A 100 -6.39 7.37 -3.08
CA VAL A 100 -6.32 6.70 -4.38
C VAL A 100 -7.24 7.38 -5.39
N ARG A 101 -6.88 7.27 -6.66
CA ARG A 101 -7.67 7.87 -7.74
C ARG A 101 -8.64 6.85 -8.33
N ARG A 102 -9.93 7.12 -8.20
CA ARG A 102 -10.96 6.23 -8.72
C ARG A 102 -11.84 6.94 -9.73
N GLY A 103 -12.03 6.33 -10.89
CA GLY A 103 -12.85 6.93 -11.92
C GLY A 103 -12.20 8.14 -12.56
N ASN A 104 -12.34 9.29 -11.92
CA ASN A 104 -11.75 10.53 -12.42
C ASN A 104 -11.59 11.55 -11.31
N GLU A 105 -11.28 11.08 -10.11
CA GLU A 105 -11.10 11.96 -8.96
C GLU A 105 -10.30 11.26 -7.87
N ASP A 106 -10.06 11.98 -6.78
CA ASP A 106 -9.29 11.44 -5.66
C ASP A 106 -10.22 11.04 -4.51
N ILE A 107 -10.01 9.84 -3.97
CA ILE A 107 -10.83 9.35 -2.87
C ILE A 107 -9.97 8.95 -1.68
N MET A 108 -10.36 9.40 -0.49
CA MET A 108 -9.62 9.09 0.72
C MET A 108 -9.99 7.70 1.25
N ILE A 109 -9.00 6.96 1.73
CA ILE A 109 -9.22 5.63 2.25
C ILE A 109 -8.72 5.51 3.69
N THR A 110 -9.64 5.63 4.64
CA THR A 110 -9.28 5.54 6.05
C THR A 110 -9.24 4.08 6.51
N VAL A 111 -8.05 3.62 6.88
CA VAL A 111 -7.87 2.25 7.34
C VAL A 111 -7.24 2.22 8.74
N ILE A 112 -7.68 1.26 9.54
CA ILE A 112 -7.16 1.12 10.90
C ILE A 112 -6.38 -0.19 11.06
N PRO A 113 -5.08 -0.14 10.75
CA PRO A 113 -4.20 -1.31 10.86
C PRO A 113 -3.94 -1.71 12.30
N GLU A 114 -4.10 -3.01 12.58
CA GLU A 114 -3.88 -3.52 13.93
C GLU A 114 -2.43 -3.95 14.12
N GLU A 115 -1.89 -3.66 15.30
CA GLU A 115 -0.50 -4.02 15.61
C GLU A 115 -0.40 -5.49 16.00
N ILE A 116 0.21 -6.28 15.13
CA ILE A 116 0.39 -7.71 15.37
C ILE A 116 1.84 -8.05 15.67
N ASP A 117 2.05 -9.09 16.46
CA ASP A 117 3.40 -9.52 16.82
C ASP A 117 4.26 -9.70 15.57
N PRO A 118 5.59 -9.68 15.78
CA PRO A 118 6.56 -9.84 14.68
C PRO A 118 6.55 -11.26 14.10
N GLY A 1 5.49 -20.05 -11.36
CA GLY A 1 5.38 -18.64 -11.63
C GLY A 1 4.11 -18.04 -11.05
N SER A 2 4.22 -16.84 -10.48
CA SER A 2 3.08 -16.16 -9.89
C SER A 2 3.07 -14.68 -10.26
N SER A 3 4.06 -13.94 -9.77
CA SER A 3 4.17 -12.52 -10.05
C SER A 3 5.60 -12.03 -9.85
N GLY A 4 6.05 -12.06 -8.59
CA GLY A 4 7.40 -11.61 -8.30
C GLY A 4 7.73 -11.71 -6.81
N SER A 5 8.63 -12.63 -6.47
CA SER A 5 9.01 -12.81 -5.07
C SER A 5 9.70 -11.57 -4.52
N SER A 6 9.14 -11.04 -3.43
CA SER A 6 9.69 -9.84 -2.80
C SER A 6 10.94 -10.17 -1.99
N GLY A 7 11.63 -9.13 -1.54
CA GLY A 7 12.84 -9.34 -0.75
C GLY A 7 13.37 -8.05 -0.15
N ARG A 8 12.46 -7.22 0.34
CA ARG A 8 12.85 -5.94 0.94
C ARG A 8 12.97 -6.07 2.45
N GLN A 9 12.04 -6.79 3.06
CA GLN A 9 12.06 -6.99 4.51
C GLN A 9 12.65 -8.35 4.86
N ALA A 10 12.27 -9.37 4.09
CA ALA A 10 12.76 -10.72 4.33
C ALA A 10 12.46 -11.17 5.75
N LYS A 11 13.03 -12.32 6.14
CA LYS A 11 12.83 -12.86 7.48
C LYS A 11 13.72 -12.15 8.49
N GLY A 12 13.11 -11.53 9.49
CA GLY A 12 13.86 -10.83 10.51
C GLY A 12 13.06 -10.59 11.77
N LYS A 13 13.45 -11.24 12.86
CA LYS A 13 12.75 -11.09 14.14
C LYS A 13 13.21 -9.83 14.87
N ALA A 14 12.25 -9.05 15.35
CA ALA A 14 12.56 -7.81 16.06
C ALA A 14 11.71 -7.69 17.33
N ILE A 15 12.26 -7.02 18.34
CA ILE A 15 11.55 -6.83 19.60
C ILE A 15 10.23 -6.10 19.39
N THR A 16 10.24 -5.16 18.45
CA THR A 16 9.05 -4.37 18.15
C THR A 16 8.02 -5.21 17.40
N LYS A 17 6.89 -4.58 17.05
CA LYS A 17 5.82 -5.27 16.34
C LYS A 17 5.53 -4.58 15.01
N LYS A 18 4.73 -5.23 14.17
CA LYS A 18 4.38 -4.68 12.87
C LYS A 18 2.87 -4.75 12.66
N LYS A 19 2.34 -3.82 11.87
CA LYS A 19 0.91 -3.78 11.58
C LYS A 19 0.58 -4.62 10.35
N TYR A 20 -0.70 -4.90 10.16
CA TYR A 20 -1.15 -5.70 9.03
C TYR A 20 -2.55 -5.29 8.60
N ILE A 21 -2.83 -5.44 7.30
CA ILE A 21 -4.14 -5.09 6.76
C ILE A 21 -4.52 -6.02 5.62
N GLY A 22 -3.82 -7.14 5.51
CA GLY A 22 -4.11 -8.09 4.46
C GLY A 22 -4.21 -7.44 3.09
N ILE A 23 -3.05 -7.17 2.49
CA ILE A 23 -3.00 -6.53 1.18
C ILE A 23 -1.76 -6.96 0.41
N ARG A 24 -1.92 -7.26 -0.87
CA ARG A 24 -0.81 -7.67 -1.72
C ARG A 24 -0.50 -6.61 -2.77
N MET A 25 0.75 -6.17 -2.80
CA MET A 25 1.19 -5.15 -3.76
C MET A 25 2.54 -5.50 -4.35
N MET A 26 2.83 -4.94 -5.52
CA MET A 26 4.10 -5.20 -6.20
C MET A 26 4.79 -3.91 -6.58
N SER A 27 6.11 -3.88 -6.45
CA SER A 27 6.89 -2.68 -6.77
C SER A 27 6.56 -2.20 -8.17
N LEU A 28 5.87 -1.07 -8.25
CA LEU A 28 5.49 -0.49 -9.54
C LEU A 28 6.70 0.11 -10.25
N THR A 29 6.85 -0.22 -11.53
CA THR A 29 7.96 0.28 -12.32
C THR A 29 7.49 1.20 -13.44
N SER A 30 8.36 2.10 -13.87
CA SER A 30 8.02 3.05 -14.94
C SER A 30 7.53 2.31 -16.18
N SER A 31 7.98 1.07 -16.35
CA SER A 31 7.60 0.26 -17.49
C SER A 31 6.28 -0.48 -17.22
N LYS A 32 6.12 -0.94 -15.99
CA LYS A 32 4.91 -1.65 -15.60
C LYS A 32 3.69 -0.73 -15.61
N ALA A 33 3.89 0.50 -15.13
CA ALA A 33 2.81 1.48 -15.09
C ALA A 33 2.43 1.93 -16.49
N LYS A 34 3.44 2.22 -17.31
CA LYS A 34 3.21 2.68 -18.68
C LYS A 34 2.46 1.61 -19.49
N GLU A 35 2.68 0.35 -19.13
CA GLU A 35 2.03 -0.76 -19.81
C GLU A 35 0.69 -1.10 -19.16
N LEU A 36 0.58 -0.77 -17.88
CA LEU A 36 -0.64 -1.05 -17.14
C LEU A 36 -1.78 -0.16 -17.62
N LYS A 37 -1.43 1.03 -18.11
CA LYS A 37 -2.43 1.97 -18.61
C LYS A 37 -2.86 1.59 -20.03
N ASP A 38 -1.96 0.95 -20.77
CA ASP A 38 -2.25 0.54 -22.14
C ASP A 38 -3.11 -0.72 -22.16
N ARG A 39 -2.96 -1.54 -21.11
CA ARG A 39 -3.72 -2.78 -21.01
C ARG A 39 -4.98 -2.59 -20.16
N HIS A 40 -4.85 -1.77 -19.13
CA HIS A 40 -5.97 -1.50 -18.23
C HIS A 40 -6.44 -0.06 -18.38
N ARG A 41 -7.52 0.13 -19.15
CA ARG A 41 -8.06 1.46 -19.38
C ARG A 41 -8.61 2.06 -18.08
N ASP A 42 -8.98 1.18 -17.15
CA ASP A 42 -9.51 1.62 -15.87
C ASP A 42 -8.45 2.35 -15.05
N PHE A 43 -7.19 2.01 -15.29
CA PHE A 43 -6.07 2.63 -14.59
C PHE A 43 -6.16 4.16 -14.68
N PRO A 44 -5.86 4.82 -13.55
CA PRO A 44 -5.90 6.29 -13.48
C PRO A 44 -4.78 6.94 -14.29
N ASP A 45 -4.61 8.25 -14.11
CA ASP A 45 -3.58 8.99 -14.83
C ASP A 45 -2.30 9.08 -14.00
N VAL A 46 -1.93 7.97 -13.38
CA VAL A 46 -0.72 7.94 -12.55
C VAL A 46 0.16 6.74 -12.92
N ILE A 47 1.42 6.81 -12.53
CA ILE A 47 2.37 5.74 -12.82
C ILE A 47 3.48 5.69 -11.78
N SER A 48 3.17 6.12 -10.55
CA SER A 48 4.14 6.13 -9.48
C SER A 48 3.46 5.99 -8.12
N GLY A 49 3.68 4.85 -7.47
CA GLY A 49 3.06 4.61 -6.17
C GLY A 49 3.02 3.14 -5.82
N ALA A 50 1.95 2.73 -5.14
CA ALA A 50 1.79 1.34 -4.75
C ALA A 50 0.61 0.69 -5.48
N TYR A 51 0.91 -0.34 -6.27
CA TYR A 51 -0.12 -1.04 -7.03
C TYR A 51 -0.68 -2.21 -6.23
N ILE A 52 -1.99 -2.20 -6.02
CA ILE A 52 -2.66 -3.26 -5.27
C ILE A 52 -3.07 -4.41 -6.19
N ILE A 53 -2.50 -5.58 -5.96
CA ILE A 53 -2.81 -6.76 -6.77
C ILE A 53 -4.02 -7.51 -6.20
N GLU A 54 -4.23 -7.37 -4.90
CA GLU A 54 -5.36 -8.03 -4.24
C GLU A 54 -5.44 -7.64 -2.77
N VAL A 55 -6.66 -7.45 -2.28
CA VAL A 55 -6.88 -7.08 -0.89
C VAL A 55 -7.57 -8.20 -0.12
N ILE A 56 -6.82 -8.89 0.73
CA ILE A 56 -7.36 -9.98 1.52
C ILE A 56 -8.63 -9.54 2.25
N PRO A 57 -9.66 -10.40 2.20
CA PRO A 57 -10.94 -10.13 2.86
C PRO A 57 -10.85 -10.18 4.38
N ASP A 58 -11.85 -9.62 5.05
CA ASP A 58 -11.88 -9.61 6.50
C ASP A 58 -10.73 -8.77 7.06
N THR A 59 -10.29 -7.78 6.28
CA THR A 59 -9.20 -6.91 6.69
C THR A 59 -9.66 -5.46 6.79
N PRO A 60 -8.94 -4.67 7.60
CA PRO A 60 -9.25 -3.25 7.80
C PRO A 60 -8.97 -2.41 6.55
N ALA A 61 -8.36 -3.04 5.55
CA ALA A 61 -8.03 -2.35 4.31
C ALA A 61 -9.12 -2.56 3.26
N GLU A 62 -9.70 -3.76 3.25
CA GLU A 62 -10.76 -4.08 2.29
C GLU A 62 -11.97 -3.19 2.51
N ALA A 63 -12.38 -3.05 3.77
CA ALA A 63 -13.53 -2.22 4.11
C ALA A 63 -13.20 -0.74 3.99
N GLY A 64 -11.97 -0.38 4.35
CA GLY A 64 -11.55 1.01 4.27
C GLY A 64 -11.78 1.61 2.89
N GLY A 65 -11.66 0.77 1.86
CA GLY A 65 -11.85 1.25 0.50
C GLY A 65 -10.78 0.73 -0.44
N LEU A 66 -9.67 0.27 0.12
CA LEU A 66 -8.56 -0.25 -0.68
C LEU A 66 -9.02 -1.46 -1.50
N LYS A 67 -9.19 -1.25 -2.80
CA LYS A 67 -9.61 -2.33 -3.69
C LYS A 67 -8.47 -2.75 -4.61
N GLU A 68 -8.73 -3.74 -5.47
CA GLU A 68 -7.73 -4.24 -6.39
C GLU A 68 -7.52 -3.25 -7.55
N ASN A 69 -6.34 -3.31 -8.15
CA ASN A 69 -6.01 -2.43 -9.27
C ASN A 69 -6.00 -0.97 -8.83
N ASP A 70 -5.66 -0.75 -7.56
CA ASP A 70 -5.61 0.60 -7.01
C ASP A 70 -4.18 1.15 -7.02
N VAL A 71 -4.05 2.47 -6.88
CA VAL A 71 -2.75 3.11 -6.88
C VAL A 71 -2.71 4.28 -5.89
N ILE A 72 -2.00 4.09 -4.79
CA ILE A 72 -1.89 5.13 -3.77
C ILE A 72 -0.88 6.19 -4.19
N ILE A 73 -1.30 7.45 -4.11
CA ILE A 73 -0.42 8.56 -4.48
C ILE A 73 0.07 9.29 -3.24
N SER A 74 -0.70 9.21 -2.15
CA SER A 74 -0.34 9.87 -0.91
C SER A 74 -0.99 9.17 0.28
N ILE A 75 -0.39 9.32 1.46
CA ILE A 75 -0.91 8.71 2.67
C ILE A 75 -0.60 9.57 3.89
N ASN A 76 -1.65 9.91 4.65
CA ASN A 76 -1.48 10.73 5.84
C ASN A 76 -0.95 12.11 5.49
N GLY A 77 -1.23 12.55 4.27
CA GLY A 77 -0.76 13.86 3.83
C GLY A 77 0.66 13.83 3.33
N GLN A 78 1.12 12.64 2.93
CA GLN A 78 2.49 12.48 2.42
C GLN A 78 2.49 11.67 1.14
N SER A 79 2.96 12.28 0.05
CA SER A 79 3.02 11.62 -1.24
C SER A 79 4.01 10.46 -1.22
N VAL A 80 3.58 9.30 -1.71
CA VAL A 80 4.43 8.12 -1.74
C VAL A 80 4.79 7.75 -3.17
N VAL A 81 5.91 7.05 -3.33
CA VAL A 81 6.37 6.62 -4.65
C VAL A 81 6.93 5.21 -4.60
N SER A 82 6.48 4.43 -3.63
CA SER A 82 6.94 3.05 -3.47
C SER A 82 6.03 2.27 -2.52
N ALA A 83 5.68 1.05 -2.93
CA ALA A 83 4.81 0.21 -2.11
C ALA A 83 5.41 -0.02 -0.72
N ASN A 84 6.73 0.13 -0.62
CA ASN A 84 7.42 -0.06 0.65
C ASN A 84 7.20 1.14 1.57
N ASP A 85 6.93 2.29 0.97
CA ASP A 85 6.70 3.51 1.74
C ASP A 85 5.31 3.52 2.34
N VAL A 86 4.31 3.13 1.55
CA VAL A 86 2.93 3.10 2.01
C VAL A 86 2.76 2.08 3.14
N SER A 87 3.65 1.10 3.19
CA SER A 87 3.60 0.06 4.22
C SER A 87 4.18 0.59 5.53
N ASP A 88 5.06 1.57 5.43
CA ASP A 88 5.70 2.15 6.60
C ASP A 88 4.68 2.93 7.44
N VAL A 89 3.89 3.76 6.78
CA VAL A 89 2.88 4.56 7.46
C VAL A 89 1.94 3.68 8.28
N ILE A 90 1.81 2.42 7.88
CA ILE A 90 0.96 1.48 8.59
C ILE A 90 1.45 1.24 10.01
N LYS A 91 2.76 1.06 10.15
CA LYS A 91 3.36 0.83 11.45
C LYS A 91 3.79 2.14 12.10
N ARG A 92 3.91 3.18 11.29
CA ARG A 92 4.31 4.50 11.79
C ARG A 92 3.15 5.20 12.48
N GLU A 93 2.07 5.39 11.72
CA GLU A 93 0.88 6.06 12.27
C GLU A 93 -0.23 5.04 12.57
N SER A 94 -1.04 5.33 13.58
CA SER A 94 -2.12 4.45 13.96
C SER A 94 -3.19 4.38 12.87
N THR A 95 -3.49 5.53 12.27
CA THR A 95 -4.49 5.60 11.21
C THR A 95 -3.82 5.55 9.84
N LEU A 96 -4.65 5.40 8.79
CA LEU A 96 -4.14 5.36 7.43
C LEU A 96 -5.02 6.18 6.49
N ASN A 97 -4.63 7.43 6.29
CA ASN A 97 -5.38 8.33 5.41
C ASN A 97 -4.80 8.31 3.99
N MET A 98 -5.06 7.22 3.28
CA MET A 98 -4.58 7.07 1.91
C MET A 98 -5.47 7.83 0.93
N VAL A 99 -4.94 8.13 -0.24
CA VAL A 99 -5.69 8.85 -1.27
C VAL A 99 -5.50 8.22 -2.64
N VAL A 100 -6.46 7.39 -3.03
CA VAL A 100 -6.40 6.71 -4.32
C VAL A 100 -7.30 7.39 -5.34
N ARG A 101 -6.94 7.28 -6.61
CA ARG A 101 -7.72 7.89 -7.69
C ARG A 101 -8.71 6.89 -8.28
N ARG A 102 -9.99 7.18 -8.15
CA ARG A 102 -11.04 6.30 -8.67
C ARG A 102 -11.92 7.05 -9.66
N GLY A 103 -11.95 6.57 -10.90
CA GLY A 103 -12.76 7.20 -11.92
C GLY A 103 -12.11 8.45 -12.50
N ASN A 104 -12.35 9.58 -11.85
CA ASN A 104 -11.78 10.84 -12.30
C ASN A 104 -11.65 11.83 -11.14
N GLU A 105 -11.31 11.31 -9.96
CA GLU A 105 -11.16 12.14 -8.79
C GLU A 105 -10.31 11.44 -7.73
N ASP A 106 -10.03 12.14 -6.64
CA ASP A 106 -9.23 11.58 -5.55
C ASP A 106 -10.10 11.20 -4.36
N ILE A 107 -10.06 9.93 -3.98
CA ILE A 107 -10.84 9.45 -2.85
C ILE A 107 -9.95 9.06 -1.69
N MET A 108 -10.42 9.33 -0.47
CA MET A 108 -9.66 9.02 0.73
C MET A 108 -10.03 7.62 1.26
N ILE A 109 -9.02 6.90 1.73
CA ILE A 109 -9.25 5.55 2.26
C ILE A 109 -8.73 5.43 3.69
N THR A 110 -9.64 5.56 4.65
CA THR A 110 -9.29 5.47 6.06
C THR A 110 -9.23 4.01 6.52
N VAL A 111 -8.04 3.57 6.92
CA VAL A 111 -7.85 2.19 7.38
C VAL A 111 -7.22 2.17 8.77
N ILE A 112 -7.66 1.21 9.59
CA ILE A 112 -7.13 1.08 10.94
C ILE A 112 -6.34 -0.20 11.10
N PRO A 113 -5.04 -0.14 10.78
CA PRO A 113 -4.14 -1.30 10.88
C PRO A 113 -3.87 -1.71 12.32
N GLU A 114 -4.01 -2.99 12.60
CA GLU A 114 -3.78 -3.52 13.95
C GLU A 114 -2.33 -3.93 14.13
N GLU A 115 -1.78 -3.65 15.31
CA GLU A 115 -0.40 -4.00 15.60
C GLU A 115 -0.28 -5.47 15.99
N ILE A 116 0.33 -6.26 15.11
CA ILE A 116 0.50 -7.68 15.35
C ILE A 116 1.97 -8.01 15.65
N ASP A 117 2.18 -9.06 16.43
CA ASP A 117 3.54 -9.48 16.78
C ASP A 117 4.40 -9.66 15.53
N PRO A 118 5.72 -9.64 15.73
CA PRO A 118 6.68 -9.80 14.63
C PRO A 118 6.68 -11.21 14.04
N GLY A 1 1.51 -12.86 -15.67
CA GLY A 1 2.13 -11.55 -15.79
C GLY A 1 3.64 -11.63 -15.91
N SER A 2 4.33 -11.09 -14.92
CA SER A 2 5.79 -11.10 -14.91
C SER A 2 6.33 -11.90 -13.74
N SER A 3 6.40 -13.22 -13.91
CA SER A 3 6.89 -14.10 -12.86
C SER A 3 8.42 -14.02 -12.74
N GLY A 4 8.90 -13.91 -11.51
CA GLY A 4 10.33 -13.83 -11.29
C GLY A 4 10.67 -13.51 -9.84
N SER A 5 10.50 -14.50 -8.97
CA SER A 5 10.78 -14.32 -7.55
C SER A 5 9.95 -13.18 -6.96
N SER A 6 10.24 -12.81 -5.73
CA SER A 6 9.53 -11.74 -5.05
C SER A 6 10.50 -10.74 -4.42
N GLY A 7 11.48 -11.25 -3.69
CA GLY A 7 12.46 -10.39 -3.06
C GLY A 7 13.26 -11.11 -1.98
N ARG A 8 13.23 -10.57 -0.77
CA ARG A 8 13.96 -11.16 0.35
C ARG A 8 13.39 -10.68 1.68
N GLN A 9 12.06 -10.62 1.77
CA GLN A 9 11.40 -10.17 2.99
C GLN A 9 11.83 -8.77 3.36
N ALA A 10 11.26 -8.25 4.45
CA ALA A 10 11.60 -6.91 4.91
C ALA A 10 11.66 -6.85 6.44
N LYS A 11 12.85 -7.08 6.98
CA LYS A 11 13.04 -7.06 8.43
C LYS A 11 14.31 -6.30 8.80
N GLY A 12 14.70 -6.38 10.07
CA GLY A 12 15.89 -5.70 10.52
C GLY A 12 15.58 -4.51 11.41
N LYS A 13 15.25 -4.78 12.67
CA LYS A 13 14.93 -3.73 13.62
C LYS A 13 14.91 -4.26 15.04
N ALA A 14 14.84 -3.36 16.02
CA ALA A 14 14.81 -3.75 17.43
C ALA A 14 13.57 -4.58 17.73
N ILE A 15 13.44 -4.99 18.99
CA ILE A 15 12.29 -5.79 19.42
C ILE A 15 11.01 -4.98 19.37
N THR A 16 10.33 -5.03 18.23
CA THR A 16 9.08 -4.31 18.05
C THR A 16 8.06 -5.14 17.27
N LYS A 17 6.86 -4.61 17.13
CA LYS A 17 5.80 -5.31 16.40
C LYS A 17 5.51 -4.61 15.08
N LYS A 18 4.71 -5.27 14.24
CA LYS A 18 4.36 -4.71 12.93
C LYS A 18 2.85 -4.78 12.71
N LYS A 19 2.32 -3.84 11.93
CA LYS A 19 0.90 -3.79 11.63
C LYS A 19 0.56 -4.64 10.40
N TYR A 20 -0.72 -4.91 10.22
CA TYR A 20 -1.17 -5.72 9.09
C TYR A 20 -2.57 -5.30 8.65
N ILE A 21 -2.85 -5.46 7.36
CA ILE A 21 -4.15 -5.10 6.80
C ILE A 21 -4.54 -6.04 5.66
N GLY A 22 -3.85 -7.17 5.57
CA GLY A 22 -4.14 -8.12 4.52
C GLY A 22 -4.21 -7.48 3.15
N ILE A 23 -3.05 -7.21 2.56
CA ILE A 23 -2.99 -6.59 1.24
C ILE A 23 -1.73 -7.03 0.49
N ARG A 24 -1.89 -7.28 -0.80
CA ARG A 24 -0.76 -7.70 -1.64
C ARG A 24 -0.46 -6.66 -2.71
N MET A 25 0.78 -6.20 -2.74
CA MET A 25 1.20 -5.20 -3.72
C MET A 25 2.56 -5.55 -4.32
N MET A 26 2.85 -4.99 -5.49
CA MET A 26 4.12 -5.24 -6.16
C MET A 26 4.80 -3.94 -6.55
N SER A 27 6.13 -3.91 -6.43
CA SER A 27 6.90 -2.72 -6.77
C SER A 27 6.55 -2.23 -8.18
N LEU A 28 5.85 -1.11 -8.25
CA LEU A 28 5.45 -0.52 -9.52
C LEU A 28 6.64 0.14 -10.22
N THR A 29 6.82 -0.17 -11.50
CA THR A 29 7.92 0.38 -12.27
C THR A 29 7.40 1.28 -13.39
N SER A 30 8.22 2.23 -13.81
CA SER A 30 7.84 3.16 -14.88
C SER A 30 7.39 2.38 -16.12
N SER A 31 7.92 1.19 -16.30
CA SER A 31 7.58 0.36 -17.44
C SER A 31 6.26 -0.39 -17.20
N LYS A 32 6.14 -0.97 -16.02
CA LYS A 32 4.94 -1.72 -15.65
C LYS A 32 3.72 -0.80 -15.63
N ALA A 33 3.92 0.42 -15.14
CA ALA A 33 2.83 1.39 -15.04
C ALA A 33 2.43 1.88 -16.44
N LYS A 34 3.42 2.22 -17.25
CA LYS A 34 3.16 2.70 -18.60
C LYS A 34 2.41 1.66 -19.42
N GLU A 35 2.60 0.39 -19.06
CA GLU A 35 1.93 -0.71 -19.76
C GLU A 35 0.62 -1.08 -19.08
N LEU A 36 0.54 -0.81 -17.78
CA LEU A 36 -0.66 -1.11 -17.01
C LEU A 36 -1.84 -0.27 -17.48
N LYS A 37 -1.55 0.94 -17.93
CA LYS A 37 -2.60 1.84 -18.42
C LYS A 37 -3.05 1.44 -19.81
N ASP A 38 -2.09 1.37 -20.75
CA ASP A 38 -2.39 1.00 -22.12
C ASP A 38 -3.11 -0.34 -22.18
N ARG A 39 -2.87 -1.18 -21.17
CA ARG A 39 -3.50 -2.50 -21.10
C ARG A 39 -4.79 -2.45 -20.30
N HIS A 40 -4.83 -1.57 -19.30
CA HIS A 40 -6.01 -1.43 -18.46
C HIS A 40 -6.54 0.00 -18.49
N ARG A 41 -7.52 0.25 -19.36
CA ARG A 41 -8.11 1.58 -19.50
C ARG A 41 -8.62 2.08 -18.16
N ASP A 42 -8.96 1.16 -17.27
CA ASP A 42 -9.47 1.50 -15.95
C ASP A 42 -8.41 2.24 -15.14
N PHE A 43 -7.15 1.89 -15.36
CA PHE A 43 -6.04 2.52 -14.65
C PHE A 43 -6.12 4.04 -14.74
N PRO A 44 -5.83 4.73 -13.63
CA PRO A 44 -5.87 6.19 -13.57
C PRO A 44 -4.74 6.83 -14.38
N ASP A 45 -4.57 8.13 -14.22
CA ASP A 45 -3.53 8.87 -14.93
C ASP A 45 -2.26 8.97 -14.09
N VAL A 46 -1.88 7.86 -13.45
CA VAL A 46 -0.70 7.83 -12.61
C VAL A 46 0.19 6.64 -12.95
N ILE A 47 1.46 6.71 -12.57
CA ILE A 47 2.40 5.65 -12.83
C ILE A 47 3.51 5.62 -11.79
N SER A 48 3.19 6.05 -10.58
CA SER A 48 4.17 6.09 -9.49
C SER A 48 3.47 5.96 -8.14
N GLY A 49 3.68 4.81 -7.49
CA GLY A 49 3.08 4.57 -6.19
C GLY A 49 3.03 3.11 -5.83
N ALA A 50 1.95 2.70 -5.17
CA ALA A 50 1.79 1.30 -4.77
C ALA A 50 0.63 0.64 -5.51
N TYR A 51 0.92 -0.39 -6.28
CA TYR A 51 -0.09 -1.10 -7.04
C TYR A 51 -0.66 -2.27 -6.23
N ILE A 52 -1.97 -2.25 -6.02
CA ILE A 52 -2.63 -3.31 -5.26
C ILE A 52 -3.03 -4.46 -6.17
N ILE A 53 -2.47 -5.64 -5.91
CA ILE A 53 -2.77 -6.83 -6.70
C ILE A 53 -3.98 -7.57 -6.13
N GLU A 54 -4.21 -7.42 -4.84
CA GLU A 54 -5.33 -8.08 -4.18
C GLU A 54 -5.42 -7.66 -2.72
N VAL A 55 -6.65 -7.50 -2.23
CA VAL A 55 -6.88 -7.12 -0.84
C VAL A 55 -7.59 -8.22 -0.07
N ILE A 56 -6.85 -8.90 0.79
CA ILE A 56 -7.41 -9.99 1.59
C ILE A 56 -8.68 -9.53 2.31
N PRO A 57 -9.72 -10.38 2.26
CA PRO A 57 -11.01 -10.08 2.91
C PRO A 57 -10.92 -10.12 4.43
N ASP A 58 -11.92 -9.56 5.09
CA ASP A 58 -11.95 -9.52 6.54
C ASP A 58 -10.80 -8.70 7.10
N THR A 59 -10.34 -7.73 6.31
CA THR A 59 -9.25 -6.87 6.72
C THR A 59 -9.68 -5.41 6.82
N PRO A 60 -8.96 -4.62 7.62
CA PRO A 60 -9.26 -3.20 7.81
C PRO A 60 -8.96 -2.37 6.56
N ALA A 61 -8.35 -3.01 5.57
CA ALA A 61 -8.01 -2.34 4.32
C ALA A 61 -9.10 -2.53 3.28
N GLU A 62 -9.69 -3.73 3.25
CA GLU A 62 -10.74 -4.04 2.30
C GLU A 62 -11.95 -3.14 2.51
N ALA A 63 -12.36 -2.98 3.77
CA ALA A 63 -13.50 -2.14 4.10
C ALA A 63 -13.16 -0.67 3.95
N GLY A 64 -11.93 -0.31 4.32
CA GLY A 64 -11.51 1.08 4.22
C GLY A 64 -11.73 1.65 2.85
N GLY A 65 -11.63 0.80 1.82
CA GLY A 65 -11.82 1.26 0.46
C GLY A 65 -10.76 0.71 -0.48
N LEU A 66 -9.64 0.29 0.08
CA LEU A 66 -8.54 -0.26 -0.72
C LEU A 66 -8.99 -1.47 -1.52
N LYS A 67 -9.16 -1.27 -2.82
CA LYS A 67 -9.59 -2.35 -3.70
C LYS A 67 -8.47 -2.78 -4.63
N GLU A 68 -8.72 -3.81 -5.42
CA GLU A 68 -7.72 -4.32 -6.36
C GLU A 68 -7.52 -3.34 -7.52
N ASN A 69 -6.34 -3.40 -8.14
CA ASN A 69 -6.02 -2.52 -9.26
C ASN A 69 -6.04 -1.05 -8.83
N ASP A 70 -5.63 -0.81 -7.59
CA ASP A 70 -5.59 0.55 -7.06
C ASP A 70 -4.17 1.10 -7.05
N VAL A 71 -4.04 2.42 -6.93
CA VAL A 71 -2.74 3.07 -6.92
C VAL A 71 -2.72 4.23 -5.94
N ILE A 72 -1.97 4.08 -4.85
CA ILE A 72 -1.86 5.12 -3.84
C ILE A 72 -0.85 6.19 -4.26
N ILE A 73 -1.27 7.45 -4.18
CA ILE A 73 -0.40 8.57 -4.55
C ILE A 73 0.08 9.32 -3.31
N SER A 74 -0.69 9.23 -2.24
CA SER A 74 -0.34 9.91 -0.99
C SER A 74 -1.00 9.22 0.20
N ILE A 75 -0.39 9.38 1.38
CA ILE A 75 -0.92 8.77 2.59
C ILE A 75 -0.61 9.63 3.81
N ASN A 76 -1.65 9.98 4.57
CA ASN A 76 -1.49 10.80 5.76
C ASN A 76 -0.96 12.18 5.41
N GLY A 77 -1.23 12.62 4.17
CA GLY A 77 -0.77 13.93 3.73
C GLY A 77 0.65 13.89 3.23
N GLN A 78 1.12 12.70 2.84
CA GLN A 78 2.48 12.54 2.34
C GLN A 78 2.49 11.72 1.06
N SER A 79 2.96 12.33 -0.02
CA SER A 79 3.02 11.65 -1.32
C SER A 79 4.00 10.49 -1.28
N VAL A 80 3.58 9.34 -1.79
CA VAL A 80 4.42 8.16 -1.80
C VAL A 80 4.78 7.77 -3.23
N VAL A 81 5.90 7.07 -3.39
CA VAL A 81 6.36 6.63 -4.69
C VAL A 81 6.93 5.22 -4.64
N SER A 82 6.47 4.44 -3.66
CA SER A 82 6.93 3.07 -3.49
C SER A 82 6.02 2.30 -2.56
N ALA A 83 5.66 1.08 -2.95
CA ALA A 83 4.79 0.24 -2.13
C ALA A 83 5.38 0.01 -0.75
N ASN A 84 6.69 0.16 -0.64
CA ASN A 84 7.38 -0.03 0.63
C ASN A 84 7.16 1.17 1.55
N ASP A 85 6.90 2.33 0.95
CA ASP A 85 6.67 3.54 1.72
C ASP A 85 5.27 3.56 2.32
N VAL A 86 4.28 3.18 1.51
CA VAL A 86 2.89 3.13 1.97
C VAL A 86 2.72 2.13 3.10
N SER A 87 3.60 1.14 3.15
CA SER A 87 3.54 0.13 4.19
C SER A 87 4.14 0.62 5.49
N ASP A 88 5.04 1.60 5.38
CA ASP A 88 5.69 2.17 6.55
C ASP A 88 4.70 2.95 7.41
N VAL A 89 3.83 3.72 6.75
CA VAL A 89 2.83 4.51 7.44
C VAL A 89 1.91 3.63 8.28
N ILE A 90 1.78 2.37 7.87
CA ILE A 90 0.93 1.42 8.58
C ILE A 90 1.43 1.20 10.01
N LYS A 91 2.74 1.02 10.15
CA LYS A 91 3.35 0.80 11.46
C LYS A 91 3.78 2.13 12.09
N ARG A 92 3.94 3.15 11.26
CA ARG A 92 4.35 4.47 11.73
C ARG A 92 3.19 5.17 12.43
N GLU A 93 2.09 5.36 11.71
CA GLU A 93 0.91 6.02 12.25
C GLU A 93 -0.19 5.02 12.56
N SER A 94 -0.99 5.32 13.56
CA SER A 94 -2.10 4.43 13.95
C SER A 94 -3.16 4.38 12.86
N THR A 95 -3.43 5.52 12.25
CA THR A 95 -4.43 5.61 11.20
C THR A 95 -3.78 5.55 9.81
N LEU A 96 -4.61 5.43 8.79
CA LEU A 96 -4.11 5.36 7.42
C LEU A 96 -4.98 6.19 6.48
N ASN A 97 -4.58 7.44 6.25
CA ASN A 97 -5.33 8.34 5.38
C ASN A 97 -4.76 8.31 3.96
N MET A 98 -5.02 7.21 3.24
CA MET A 98 -4.54 7.06 1.87
C MET A 98 -5.43 7.82 0.90
N VAL A 99 -4.89 8.11 -0.28
CA VAL A 99 -5.64 8.84 -1.30
C VAL A 99 -5.46 8.19 -2.68
N VAL A 100 -6.41 7.36 -3.06
CA VAL A 100 -6.36 6.68 -4.35
C VAL A 100 -7.27 7.36 -5.36
N ARG A 101 -6.91 7.23 -6.64
CA ARG A 101 -7.69 7.84 -7.72
C ARG A 101 -8.69 6.83 -8.29
N ARG A 102 -9.97 7.13 -8.15
CA ARG A 102 -11.02 6.25 -8.66
C ARG A 102 -11.91 6.99 -9.66
N GLY A 103 -11.97 6.49 -10.89
CA GLY A 103 -12.80 7.12 -11.91
C GLY A 103 -12.14 8.35 -12.50
N ASN A 104 -12.33 9.49 -11.85
CA ASN A 104 -11.76 10.74 -12.33
C ASN A 104 -11.61 11.75 -11.18
N GLU A 105 -11.25 11.24 -10.00
CA GLU A 105 -11.08 12.09 -8.83
C GLU A 105 -10.22 11.38 -7.77
N ASP A 106 -9.97 12.08 -6.67
CA ASP A 106 -9.16 11.53 -5.59
C ASP A 106 -10.04 11.16 -4.39
N ILE A 107 -10.01 9.89 -4.01
CA ILE A 107 -10.80 9.42 -2.88
C ILE A 107 -9.91 9.02 -1.71
N MET A 108 -10.37 9.34 -0.50
CA MET A 108 -9.61 9.01 0.70
C MET A 108 -9.98 7.63 1.23
N ILE A 109 -8.99 6.90 1.72
CA ILE A 109 -9.21 5.56 2.24
C ILE A 109 -8.69 5.45 3.68
N THR A 110 -9.61 5.57 4.63
CA THR A 110 -9.25 5.48 6.05
C THR A 110 -9.19 4.03 6.51
N VAL A 111 -8.00 3.57 6.88
CA VAL A 111 -7.81 2.21 7.34
C VAL A 111 -7.19 2.18 8.73
N ILE A 112 -7.63 1.25 9.57
CA ILE A 112 -7.12 1.11 10.92
C ILE A 112 -6.34 -0.18 11.08
N PRO A 113 -5.03 -0.13 10.77
CA PRO A 113 -4.15 -1.30 10.88
C PRO A 113 -3.89 -1.69 12.33
N GLU A 114 -4.05 -2.99 12.62
CA GLU A 114 -3.83 -3.50 13.97
C GLU A 114 -2.38 -3.93 14.16
N GLU A 115 -1.85 -3.67 15.35
CA GLU A 115 -0.47 -4.04 15.65
C GLU A 115 -0.36 -5.52 16.02
N ILE A 116 0.30 -6.29 15.17
CA ILE A 116 0.47 -7.72 15.41
C ILE A 116 1.93 -8.06 15.69
N ASP A 117 2.15 -9.12 16.47
CA ASP A 117 3.49 -9.55 16.81
C ASP A 117 4.34 -9.72 15.56
N PRO A 118 5.68 -9.72 15.74
CA PRO A 118 6.62 -9.87 14.63
C PRO A 118 6.61 -11.28 14.05
N GLY A 1 19.64 -0.77 -19.88
CA GLY A 1 18.43 -1.53 -20.19
C GLY A 1 17.85 -2.23 -18.97
N SER A 2 18.31 -3.45 -18.73
CA SER A 2 17.84 -4.23 -17.60
C SER A 2 19.00 -4.79 -16.79
N SER A 3 18.69 -5.55 -15.74
CA SER A 3 19.70 -6.13 -14.88
C SER A 3 19.59 -7.65 -14.86
N GLY A 4 20.50 -8.30 -14.14
CA GLY A 4 20.48 -9.75 -14.05
C GLY A 4 21.19 -10.26 -12.82
N SER A 5 20.58 -10.04 -11.65
CA SER A 5 21.15 -10.48 -10.39
C SER A 5 20.06 -10.73 -9.36
N SER A 6 20.11 -11.91 -8.73
CA SER A 6 19.12 -12.28 -7.74
C SER A 6 19.05 -11.24 -6.62
N GLY A 7 17.99 -11.30 -5.82
CA GLY A 7 17.83 -10.36 -4.73
C GLY A 7 17.04 -10.93 -3.57
N ARG A 8 15.73 -11.09 -3.78
CA ARG A 8 14.86 -11.63 -2.76
C ARG A 8 14.85 -10.74 -1.52
N GLN A 9 13.85 -9.87 -1.44
CA GLN A 9 13.73 -8.96 -0.30
C GLN A 9 13.06 -9.64 0.88
N ALA A 10 13.84 -10.41 1.63
CA ALA A 10 13.33 -11.12 2.79
C ALA A 10 14.07 -10.72 4.06
N LYS A 11 13.42 -9.93 4.90
CA LYS A 11 14.02 -9.47 6.15
C LYS A 11 13.75 -10.46 7.27
N GLY A 12 14.83 -10.94 7.90
CA GLY A 12 14.68 -11.89 8.99
C GLY A 12 14.65 -11.21 10.35
N LYS A 13 15.47 -10.18 10.52
CA LYS A 13 15.54 -9.44 11.78
C LYS A 13 14.57 -8.26 11.76
N ALA A 14 13.77 -8.14 12.81
CA ALA A 14 12.80 -7.05 12.92
C ALA A 14 12.57 -6.68 14.38
N ILE A 15 12.58 -5.38 14.66
CA ILE A 15 12.37 -4.89 16.01
C ILE A 15 10.93 -4.43 16.22
N THR A 16 10.43 -4.60 17.44
CA THR A 16 9.06 -4.20 17.76
C THR A 16 8.06 -4.99 16.94
N LYS A 17 6.78 -4.68 17.13
CA LYS A 17 5.71 -5.36 16.40
C LYS A 17 5.42 -4.66 15.07
N LYS A 18 4.64 -5.32 14.22
CA LYS A 18 4.29 -4.75 12.92
C LYS A 18 2.79 -4.81 12.70
N LYS A 19 2.27 -3.87 11.90
CA LYS A 19 0.85 -3.82 11.60
C LYS A 19 0.52 -4.65 10.37
N TYR A 20 -0.76 -4.93 10.17
CA TYR A 20 -1.21 -5.72 9.03
C TYR A 20 -2.61 -5.30 8.59
N ILE A 21 -2.89 -5.47 7.30
CA ILE A 21 -4.18 -5.11 6.74
C ILE A 21 -4.56 -6.03 5.59
N GLY A 22 -3.87 -7.16 5.49
CA GLY A 22 -4.15 -8.11 4.43
C GLY A 22 -4.23 -7.45 3.07
N ILE A 23 -3.07 -7.15 2.49
CA ILE A 23 -3.01 -6.51 1.18
C ILE A 23 -1.74 -6.91 0.43
N ARG A 24 -1.89 -7.23 -0.85
CA ARG A 24 -0.76 -7.62 -1.68
C ARG A 24 -0.45 -6.55 -2.72
N MET A 25 0.82 -6.16 -2.81
CA MET A 25 1.24 -5.16 -3.77
C MET A 25 2.60 -5.50 -4.37
N MET A 26 2.89 -4.96 -5.55
CA MET A 26 4.15 -5.20 -6.22
C MET A 26 4.83 -3.90 -6.61
N SER A 27 6.16 -3.88 -6.49
CA SER A 27 6.93 -2.68 -6.82
C SER A 27 6.59 -2.18 -8.22
N LEU A 28 5.88 -1.06 -8.28
CA LEU A 28 5.48 -0.47 -9.55
C LEU A 28 6.68 0.15 -10.27
N THR A 29 6.83 -0.17 -11.55
CA THR A 29 7.93 0.35 -12.34
C THR A 29 7.43 1.25 -13.46
N SER A 30 8.23 2.25 -13.82
CA SER A 30 7.85 3.19 -14.88
C SER A 30 7.45 2.45 -16.15
N SER A 31 8.06 1.28 -16.36
CA SER A 31 7.78 0.47 -17.54
C SER A 31 6.52 -0.37 -17.33
N LYS A 32 6.27 -0.75 -16.08
CA LYS A 32 5.10 -1.55 -15.75
C LYS A 32 3.83 -0.71 -15.80
N ALA A 33 3.87 0.46 -15.16
CA ALA A 33 2.73 1.36 -15.13
C ALA A 33 2.32 1.77 -16.54
N LYS A 34 3.29 2.18 -17.33
CA LYS A 34 3.03 2.60 -18.71
C LYS A 34 2.24 1.53 -19.46
N GLU A 35 2.49 0.27 -19.12
CA GLU A 35 1.81 -0.85 -19.77
C GLU A 35 0.51 -1.18 -19.04
N LEU A 36 0.46 -0.86 -17.76
CA LEU A 36 -0.73 -1.12 -16.95
C LEU A 36 -1.91 -0.28 -17.43
N LYS A 37 -1.61 0.93 -17.89
CA LYS A 37 -2.65 1.84 -18.38
C LYS A 37 -3.13 1.42 -19.76
N ASP A 38 -2.21 1.29 -20.69
CA ASP A 38 -2.54 0.89 -22.05
C ASP A 38 -3.25 -0.47 -22.06
N ARG A 39 -2.98 -1.28 -21.04
CA ARG A 39 -3.58 -2.60 -20.93
C ARG A 39 -4.85 -2.54 -20.10
N HIS A 40 -4.93 -1.56 -19.21
CA HIS A 40 -6.11 -1.40 -18.35
C HIS A 40 -6.62 0.04 -18.40
N ARG A 41 -7.60 0.28 -19.26
CA ARG A 41 -8.18 1.61 -19.40
C ARG A 41 -8.68 2.14 -18.06
N ASP A 42 -9.02 1.22 -17.16
CA ASP A 42 -9.50 1.59 -15.83
C ASP A 42 -8.43 2.33 -15.05
N PHE A 43 -7.18 1.97 -15.29
CA PHE A 43 -6.05 2.59 -14.60
C PHE A 43 -6.13 4.12 -14.70
N PRO A 44 -5.81 4.81 -13.60
CA PRO A 44 -5.84 6.28 -13.55
C PRO A 44 -4.72 6.90 -14.38
N ASP A 45 -4.54 8.21 -14.22
CA ASP A 45 -3.51 8.93 -14.96
C ASP A 45 -2.23 9.04 -14.12
N VAL A 46 -1.86 7.94 -13.48
CA VAL A 46 -0.66 7.92 -12.64
C VAL A 46 0.22 6.72 -12.98
N ILE A 47 1.48 6.79 -12.58
CA ILE A 47 2.42 5.71 -12.84
C ILE A 47 3.52 5.67 -11.79
N SER A 48 3.19 6.11 -10.58
CA SER A 48 4.15 6.12 -9.47
C SER A 48 3.44 5.97 -8.13
N GLY A 49 3.67 4.84 -7.47
CA GLY A 49 3.05 4.59 -6.18
C GLY A 49 3.00 3.11 -5.84
N ALA A 50 1.96 2.70 -5.13
CA ALA A 50 1.80 1.30 -4.74
C ALA A 50 0.64 0.65 -5.49
N TYR A 51 0.95 -0.39 -6.26
CA TYR A 51 -0.07 -1.10 -7.02
C TYR A 51 -0.63 -2.27 -6.23
N ILE A 52 -1.95 -2.26 -6.04
CA ILE A 52 -2.62 -3.32 -5.29
C ILE A 52 -3.01 -4.48 -6.21
N ILE A 53 -2.47 -5.66 -5.92
CA ILE A 53 -2.76 -6.84 -6.72
C ILE A 53 -3.95 -7.62 -6.15
N GLU A 54 -4.14 -7.49 -4.84
CA GLU A 54 -5.24 -8.18 -4.17
C GLU A 54 -5.30 -7.80 -2.69
N VAL A 55 -6.51 -7.53 -2.21
CA VAL A 55 -6.71 -7.15 -0.82
C VAL A 55 -7.43 -8.26 -0.05
N ILE A 56 -6.68 -8.97 0.79
CA ILE A 56 -7.25 -10.04 1.60
C ILE A 56 -8.53 -9.60 2.30
N PRO A 57 -9.56 -10.45 2.24
CA PRO A 57 -10.85 -10.17 2.88
C PRO A 57 -10.78 -10.20 4.40
N ASP A 58 -11.80 -9.65 5.05
CA ASP A 58 -11.85 -9.63 6.51
C ASP A 58 -10.72 -8.77 7.07
N THR A 59 -10.26 -7.81 6.27
CA THR A 59 -9.18 -6.92 6.69
C THR A 59 -9.65 -5.47 6.75
N PRO A 60 -8.96 -4.66 7.55
CA PRO A 60 -9.28 -3.24 7.71
C PRO A 60 -8.98 -2.42 6.46
N ALA A 61 -8.34 -3.06 5.49
CA ALA A 61 -7.99 -2.39 4.23
C ALA A 61 -9.06 -2.66 3.17
N GLU A 62 -9.73 -3.80 3.27
CA GLU A 62 -10.77 -4.15 2.31
C GLU A 62 -12.04 -3.33 2.54
N ALA A 63 -12.35 -3.09 3.81
CA ALA A 63 -13.54 -2.32 4.18
C ALA A 63 -13.25 -0.83 4.13
N GLY A 64 -11.98 -0.46 4.31
CA GLY A 64 -11.60 0.93 4.29
C GLY A 64 -11.83 1.58 2.93
N GLY A 65 -11.57 0.82 1.87
CA GLY A 65 -11.75 1.34 0.53
C GLY A 65 -10.73 0.80 -0.45
N LEU A 66 -9.56 0.43 0.06
CA LEU A 66 -8.49 -0.11 -0.77
C LEU A 66 -8.97 -1.33 -1.55
N LYS A 67 -9.17 -1.16 -2.85
CA LYS A 67 -9.63 -2.26 -3.71
C LYS A 67 -8.53 -2.67 -4.68
N GLU A 68 -8.75 -3.80 -5.35
CA GLU A 68 -7.76 -4.31 -6.32
C GLU A 68 -7.58 -3.33 -7.47
N ASN A 69 -6.40 -3.36 -8.07
CA ASN A 69 -6.08 -2.47 -9.18
C ASN A 69 -6.14 -1.01 -8.75
N ASP A 70 -5.51 -0.72 -7.61
CA ASP A 70 -5.49 0.64 -7.09
C ASP A 70 -4.06 1.18 -7.08
N VAL A 71 -3.94 2.51 -6.95
CA VAL A 71 -2.63 3.16 -6.93
C VAL A 71 -2.60 4.32 -5.94
N ILE A 72 -1.88 4.13 -4.85
CA ILE A 72 -1.78 5.17 -3.83
C ILE A 72 -0.79 6.25 -4.23
N ILE A 73 -1.22 7.51 -4.15
CA ILE A 73 -0.38 8.64 -4.51
C ILE A 73 0.12 9.38 -3.28
N SER A 74 -0.64 9.27 -2.19
CA SER A 74 -0.28 9.92 -0.93
C SER A 74 -0.94 9.23 0.25
N ILE A 75 -0.34 9.38 1.43
CA ILE A 75 -0.87 8.78 2.64
C ILE A 75 -0.56 9.63 3.87
N ASN A 76 -1.60 9.98 4.61
CA ASN A 76 -1.45 10.79 5.82
C ASN A 76 -0.91 12.18 5.46
N GLY A 77 -1.17 12.62 4.24
CA GLY A 77 -0.71 13.92 3.80
C GLY A 77 0.72 13.88 3.29
N GLN A 78 1.18 12.70 2.91
CA GLN A 78 2.54 12.54 2.41
C GLN A 78 2.55 11.72 1.12
N SER A 79 3.03 12.32 0.04
CA SER A 79 3.09 11.65 -1.25
C SER A 79 4.07 10.49 -1.22
N VAL A 80 3.64 9.35 -1.72
CA VAL A 80 4.48 8.15 -1.75
C VAL A 80 4.84 7.76 -3.18
N VAL A 81 5.96 7.06 -3.33
CA VAL A 81 6.41 6.62 -4.65
C VAL A 81 6.96 5.20 -4.59
N SER A 82 6.52 4.43 -3.61
CA SER A 82 6.96 3.06 -3.45
C SER A 82 6.03 2.29 -2.52
N ALA A 83 5.68 1.07 -2.93
CA ALA A 83 4.80 0.22 -2.13
C ALA A 83 5.38 -0.02 -0.74
N ASN A 84 6.69 0.11 -0.62
CA ASN A 84 7.37 -0.10 0.66
C ASN A 84 7.16 1.10 1.58
N ASP A 85 6.92 2.27 0.99
CA ASP A 85 6.70 3.48 1.75
C ASP A 85 5.30 3.50 2.35
N VAL A 86 4.31 3.13 1.55
CA VAL A 86 2.92 3.11 2.00
C VAL A 86 2.73 2.10 3.13
N SER A 87 3.61 1.11 3.19
CA SER A 87 3.53 0.08 4.22
C SER A 87 4.12 0.59 5.53
N ASP A 88 5.02 1.56 5.43
CA ASP A 88 5.66 2.13 6.61
C ASP A 88 4.66 2.91 7.45
N VAL A 89 3.86 3.74 6.79
CA VAL A 89 2.85 4.55 7.48
C VAL A 89 1.91 3.67 8.30
N ILE A 90 1.79 2.41 7.89
CA ILE A 90 0.92 1.46 8.60
C ILE A 90 1.42 1.22 10.02
N LYS A 91 2.72 1.04 10.16
CA LYS A 91 3.32 0.81 11.47
C LYS A 91 3.74 2.12 12.13
N ARG A 92 3.93 3.15 11.31
CA ARG A 92 4.34 4.45 11.82
C ARG A 92 3.17 5.15 12.51
N GLU A 93 2.09 5.36 11.76
CA GLU A 93 0.90 6.02 12.30
C GLU A 93 -0.21 5.00 12.58
N SER A 94 -1.03 5.29 13.58
CA SER A 94 -2.13 4.39 13.94
C SER A 94 -3.19 4.36 12.85
N THR A 95 -3.47 5.54 12.27
CA THR A 95 -4.47 5.65 11.22
C THR A 95 -3.81 5.60 9.83
N LEU A 96 -4.64 5.45 8.81
CA LEU A 96 -4.13 5.39 7.44
C LEU A 96 -5.00 6.23 6.50
N ASN A 97 -4.57 7.47 6.26
CA ASN A 97 -5.30 8.38 5.38
C ASN A 97 -4.75 8.33 3.96
N MET A 98 -5.01 7.24 3.26
CA MET A 98 -4.55 7.08 1.89
C MET A 98 -5.43 7.85 0.92
N VAL A 99 -4.90 8.13 -0.27
CA VAL A 99 -5.65 8.85 -1.29
C VAL A 99 -5.45 8.23 -2.67
N VAL A 100 -6.39 7.38 -3.07
CA VAL A 100 -6.33 6.71 -4.37
C VAL A 100 -7.25 7.39 -5.38
N ARG A 101 -6.89 7.29 -6.65
CA ARG A 101 -7.69 7.88 -7.72
C ARG A 101 -8.65 6.86 -8.31
N ARG A 102 -9.95 7.13 -8.17
CA ARG A 102 -10.98 6.24 -8.70
C ARG A 102 -11.86 6.96 -9.70
N GLY A 103 -12.06 6.35 -10.86
CA GLY A 103 -12.89 6.95 -11.89
C GLY A 103 -12.23 8.16 -12.53
N ASN A 104 -12.38 9.31 -11.89
CA ASN A 104 -11.79 10.54 -12.41
C ASN A 104 -11.63 11.58 -11.30
N GLU A 105 -11.31 11.10 -10.10
CA GLU A 105 -11.11 11.98 -8.96
C GLU A 105 -10.30 11.29 -7.87
N ASP A 106 -10.05 12.00 -6.77
CA ASP A 106 -9.29 11.45 -5.65
C ASP A 106 -10.21 11.07 -4.50
N ILE A 107 -9.99 9.88 -3.96
CA ILE A 107 -10.82 9.39 -2.85
C ILE A 107 -9.94 8.99 -1.66
N MET A 108 -10.35 9.40 -0.47
CA MET A 108 -9.61 9.09 0.74
C MET A 108 -9.99 7.71 1.27
N ILE A 109 -8.99 6.97 1.74
CA ILE A 109 -9.22 5.63 2.27
C ILE A 109 -8.72 5.51 3.71
N THR A 110 -9.63 5.63 4.67
CA THR A 110 -9.28 5.54 6.07
C THR A 110 -9.23 4.09 6.54
N VAL A 111 -8.03 3.62 6.87
CA VAL A 111 -7.85 2.25 7.32
C VAL A 111 -7.23 2.21 8.72
N ILE A 112 -7.67 1.25 9.53
CA ILE A 112 -7.15 1.11 10.88
C ILE A 112 -6.38 -0.19 11.04
N PRO A 113 -5.07 -0.15 10.73
CA PRO A 113 -4.20 -1.32 10.84
C PRO A 113 -3.94 -1.73 12.28
N GLU A 114 -4.09 -3.02 12.57
CA GLU A 114 -3.88 -3.53 13.92
C GLU A 114 -2.43 -3.96 14.11
N GLU A 115 -1.88 -3.68 15.29
CA GLU A 115 -0.51 -4.04 15.60
C GLU A 115 -0.40 -5.51 15.98
N ILE A 116 0.22 -6.30 15.10
CA ILE A 116 0.39 -7.72 15.35
C ILE A 116 1.85 -8.07 15.64
N ASP A 117 2.06 -9.12 16.42
CA ASP A 117 3.41 -9.55 16.78
C ASP A 117 4.27 -9.71 15.53
N PRO A 118 5.59 -9.70 15.72
CA PRO A 118 6.56 -9.85 14.63
C PRO A 118 6.56 -11.25 14.04
N GLY A 1 11.54 10.69 -4.12
CA GLY A 1 11.43 11.31 -5.43
C GLY A 1 12.21 10.54 -6.50
N SER A 2 11.53 9.62 -7.15
CA SER A 2 12.16 8.80 -8.20
C SER A 2 13.31 7.98 -7.62
N SER A 3 12.99 7.17 -6.61
CA SER A 3 14.00 6.33 -5.98
C SER A 3 13.67 4.85 -6.18
N GLY A 4 14.67 4.00 -5.99
CA GLY A 4 14.47 2.57 -6.15
C GLY A 4 15.27 1.76 -5.15
N SER A 5 14.58 1.20 -4.15
CA SER A 5 15.23 0.41 -3.12
C SER A 5 14.20 -0.31 -2.26
N SER A 6 13.62 -1.39 -2.79
CA SER A 6 12.62 -2.16 -2.07
C SER A 6 12.64 -3.61 -2.51
N GLY A 7 12.24 -4.50 -1.60
CA GLY A 7 12.21 -5.91 -1.91
C GLY A 7 11.43 -6.72 -0.88
N ARG A 8 11.76 -8.00 -0.77
CA ARG A 8 11.08 -8.88 0.17
C ARG A 8 11.21 -8.35 1.60
N GLN A 9 10.23 -8.66 2.44
CA GLN A 9 10.24 -8.21 3.82
C GLN A 9 10.29 -9.41 4.78
N ALA A 10 11.33 -9.46 5.60
CA ALA A 10 11.50 -10.54 6.56
C ALA A 10 11.94 -10.00 7.92
N LYS A 11 11.11 -10.22 8.93
CA LYS A 11 11.41 -9.76 10.28
C LYS A 11 11.94 -10.91 11.14
N GLY A 12 13.06 -10.67 11.81
CA GLY A 12 13.65 -11.70 12.65
C GLY A 12 13.33 -11.49 14.12
N LYS A 13 14.35 -11.57 14.97
CA LYS A 13 14.17 -11.39 16.40
C LYS A 13 14.17 -9.92 16.77
N ALA A 14 13.00 -9.40 17.13
CA ALA A 14 12.86 -8.00 17.50
C ALA A 14 11.76 -7.81 18.54
N ILE A 15 11.72 -6.64 19.14
CA ILE A 15 10.72 -6.33 20.16
C ILE A 15 9.52 -5.61 19.56
N THR A 16 9.80 -4.58 18.75
CA THR A 16 8.74 -3.81 18.11
C THR A 16 7.84 -4.70 17.26
N LYS A 17 6.54 -4.45 17.32
CA LYS A 17 5.58 -5.23 16.56
C LYS A 17 5.34 -4.60 15.18
N LYS A 18 4.59 -5.31 14.34
CA LYS A 18 4.28 -4.82 13.00
C LYS A 18 2.77 -4.85 12.74
N LYS A 19 2.30 -3.87 11.98
CA LYS A 19 0.88 -3.78 11.65
C LYS A 19 0.55 -4.62 10.43
N TYR A 20 -0.74 -4.87 10.21
CA TYR A 20 -1.19 -5.67 9.08
C TYR A 20 -2.58 -5.24 8.63
N ILE A 21 -2.86 -5.40 7.34
CA ILE A 21 -4.16 -5.04 6.79
C ILE A 21 -4.56 -5.98 5.64
N GLY A 22 -3.87 -7.12 5.55
CA GLY A 22 -4.16 -8.07 4.51
C GLY A 22 -4.24 -7.42 3.14
N ILE A 23 -3.07 -7.16 2.54
CA ILE A 23 -3.02 -6.55 1.22
C ILE A 23 -1.77 -6.99 0.46
N ARG A 24 -1.93 -7.21 -0.84
CA ARG A 24 -0.81 -7.63 -1.68
C ARG A 24 -0.51 -6.58 -2.75
N MET A 25 0.74 -6.13 -2.76
CA MET A 25 1.17 -5.12 -3.73
C MET A 25 2.53 -5.47 -4.31
N MET A 26 2.83 -4.92 -5.49
CA MET A 26 4.09 -5.18 -6.16
C MET A 26 4.78 -3.87 -6.54
N SER A 27 6.10 -3.85 -6.45
CA SER A 27 6.87 -2.66 -6.77
C SER A 27 6.52 -2.15 -8.17
N LEU A 28 5.83 -1.01 -8.22
CA LEU A 28 5.42 -0.41 -9.48
C LEU A 28 6.61 0.22 -10.20
N THR A 29 6.80 -0.15 -11.46
CA THR A 29 7.90 0.39 -12.25
C THR A 29 7.38 1.23 -13.40
N SER A 30 8.25 2.10 -13.93
CA SER A 30 7.88 2.98 -15.04
C SER A 30 7.28 2.17 -16.19
N SER A 31 7.93 1.06 -16.53
CA SER A 31 7.46 0.21 -17.62
C SER A 31 6.13 -0.44 -17.26
N LYS A 32 6.07 -1.05 -16.08
CA LYS A 32 4.86 -1.71 -15.61
C LYS A 32 3.67 -0.75 -15.62
N ALA A 33 3.92 0.49 -15.21
CA ALA A 33 2.88 1.51 -15.18
C ALA A 33 2.50 1.96 -16.59
N LYS A 34 3.53 2.18 -17.42
CA LYS A 34 3.30 2.62 -18.80
C LYS A 34 2.53 1.57 -19.59
N GLU A 35 2.66 0.31 -19.18
CA GLU A 35 1.97 -0.79 -19.85
C GLU A 35 0.64 -1.10 -19.15
N LEU A 36 0.57 -0.79 -17.86
CA LEU A 36 -0.64 -1.04 -17.09
C LEU A 36 -1.79 -0.17 -17.58
N LYS A 37 -1.47 1.03 -18.06
CA LYS A 37 -2.47 1.96 -18.56
C LYS A 37 -2.90 1.57 -19.98
N ASP A 38 -1.97 0.99 -20.73
CA ASP A 38 -2.25 0.57 -22.10
C ASP A 38 -3.05 -0.72 -22.12
N ARG A 39 -2.92 -1.51 -21.07
CA ARG A 39 -3.64 -2.78 -20.97
C ARG A 39 -4.90 -2.63 -20.13
N HIS A 40 -4.87 -1.69 -19.18
CA HIS A 40 -6.01 -1.44 -18.31
C HIS A 40 -6.48 0.01 -18.44
N ARG A 41 -7.52 0.21 -19.24
CA ARG A 41 -8.07 1.54 -19.45
C ARG A 41 -8.59 2.13 -18.14
N ASP A 42 -8.97 1.24 -17.21
CA ASP A 42 -9.48 1.67 -15.92
C ASP A 42 -8.41 2.41 -15.11
N PHE A 43 -7.15 2.04 -15.35
CA PHE A 43 -6.04 2.66 -14.65
C PHE A 43 -6.10 4.19 -14.76
N PRO A 44 -5.79 4.88 -13.65
CA PRO A 44 -5.82 6.34 -13.60
C PRO A 44 -4.68 6.96 -14.41
N ASP A 45 -4.51 8.27 -14.26
CA ASP A 45 -3.47 8.98 -14.98
C ASP A 45 -2.19 9.10 -14.14
N VAL A 46 -1.83 8.00 -13.49
CA VAL A 46 -0.64 7.97 -12.66
C VAL A 46 0.25 6.77 -13.00
N ILE A 47 1.51 6.83 -12.58
CA ILE A 47 2.45 5.76 -12.85
C ILE A 47 3.55 5.71 -11.78
N SER A 48 3.20 6.15 -10.57
CA SER A 48 4.16 6.17 -9.47
C SER A 48 3.45 6.01 -8.13
N GLY A 49 3.72 4.89 -7.46
CA GLY A 49 3.10 4.64 -6.17
C GLY A 49 3.05 3.16 -5.84
N ALA A 50 1.99 2.75 -5.14
CA ALA A 50 1.82 1.36 -4.75
C ALA A 50 0.65 0.72 -5.49
N TYR A 51 0.94 -0.32 -6.27
CA TYR A 51 -0.10 -1.01 -7.02
C TYR A 51 -0.68 -2.17 -6.22
N ILE A 52 -1.99 -2.17 -6.05
CA ILE A 52 -2.67 -3.22 -5.30
C ILE A 52 -3.06 -4.38 -6.21
N ILE A 53 -2.53 -5.57 -5.93
CA ILE A 53 -2.83 -6.75 -6.73
C ILE A 53 -4.03 -7.51 -6.16
N GLU A 54 -4.25 -7.36 -4.85
CA GLU A 54 -5.37 -8.03 -4.20
C GLU A 54 -5.45 -7.62 -2.72
N VAL A 55 -6.66 -7.44 -2.23
CA VAL A 55 -6.88 -7.06 -0.85
C VAL A 55 -7.59 -8.16 -0.07
N ILE A 56 -6.85 -8.86 0.79
CA ILE A 56 -7.43 -9.93 1.59
C ILE A 56 -8.68 -9.48 2.30
N PRO A 57 -9.72 -10.32 2.26
CA PRO A 57 -11.01 -10.02 2.91
C PRO A 57 -10.91 -10.07 4.43
N ASP A 58 -11.91 -9.50 5.10
CA ASP A 58 -11.94 -9.47 6.55
C ASP A 58 -10.79 -8.64 7.10
N THR A 59 -10.33 -7.68 6.31
CA THR A 59 -9.23 -6.81 6.73
C THR A 59 -9.68 -5.36 6.81
N PRO A 60 -8.95 -4.56 7.62
CA PRO A 60 -9.25 -3.14 7.80
C PRO A 60 -8.96 -2.31 6.55
N ALA A 61 -8.34 -2.95 5.56
CA ALA A 61 -8.01 -2.28 4.31
C ALA A 61 -9.10 -2.48 3.26
N GLU A 62 -9.69 -3.68 3.26
CA GLU A 62 -10.75 -4.00 2.30
C GLU A 62 -11.95 -3.09 2.50
N ALA A 63 -12.37 -2.94 3.77
CA ALA A 63 -13.51 -2.11 4.11
C ALA A 63 -13.17 -0.63 3.97
N GLY A 64 -11.93 -0.28 4.31
CA GLY A 64 -11.50 1.11 4.23
C GLY A 64 -11.77 1.71 2.86
N GLY A 65 -11.72 0.87 1.83
CA GLY A 65 -11.95 1.35 0.48
C GLY A 65 -10.93 0.82 -0.51
N LEU A 66 -9.80 0.37 0.00
CA LEU A 66 -8.73 -0.16 -0.84
C LEU A 66 -9.24 -1.33 -1.69
N LYS A 67 -9.31 -1.12 -3.00
CA LYS A 67 -9.78 -2.15 -3.92
C LYS A 67 -8.68 -2.55 -4.89
N GLU A 68 -8.77 -3.78 -5.39
CA GLU A 68 -7.78 -4.30 -6.33
C GLU A 68 -7.58 -3.34 -7.50
N ASN A 69 -6.38 -3.35 -8.07
CA ASN A 69 -6.06 -2.48 -9.19
C ASN A 69 -6.12 -1.01 -8.78
N ASP A 70 -5.47 -0.69 -7.66
CA ASP A 70 -5.45 0.67 -7.15
C ASP A 70 -4.03 1.23 -7.15
N VAL A 71 -3.91 2.54 -6.98
CA VAL A 71 -2.61 3.19 -6.96
C VAL A 71 -2.60 4.35 -5.97
N ILE A 72 -1.87 4.18 -4.87
CA ILE A 72 -1.78 5.21 -3.85
C ILE A 72 -0.79 6.30 -4.26
N ILE A 73 -1.20 7.55 -4.10
CA ILE A 73 -0.36 8.69 -4.45
C ILE A 73 0.11 9.43 -3.21
N SER A 74 -0.65 9.31 -2.13
CA SER A 74 -0.31 9.98 -0.88
C SER A 74 -0.96 9.26 0.30
N ILE A 75 -0.37 9.41 1.48
CA ILE A 75 -0.88 8.78 2.68
C ILE A 75 -0.58 9.62 3.92
N ASN A 76 -1.62 9.96 4.67
CA ASN A 76 -1.47 10.76 5.89
C ASN A 76 -0.94 12.15 5.55
N GLY A 77 -1.20 12.60 4.32
CA GLY A 77 -0.74 13.91 3.90
C GLY A 77 0.68 13.89 3.39
N GLN A 78 1.15 12.71 2.99
CA GLN A 78 2.51 12.56 2.48
C GLN A 78 2.51 11.75 1.19
N SER A 79 2.97 12.38 0.11
CA SER A 79 3.03 11.71 -1.19
C SER A 79 4.02 10.55 -1.17
N VAL A 80 3.59 9.41 -1.68
CA VAL A 80 4.44 8.22 -1.72
C VAL A 80 4.81 7.85 -3.15
N VAL A 81 5.92 7.16 -3.32
CA VAL A 81 6.39 6.74 -4.63
C VAL A 81 6.94 5.32 -4.60
N SER A 82 6.50 4.54 -3.62
CA SER A 82 6.96 3.16 -3.48
C SER A 82 6.04 2.38 -2.54
N ALA A 83 5.70 1.15 -2.95
CA ALA A 83 4.84 0.30 -2.14
C ALA A 83 5.43 0.06 -0.76
N ASN A 84 6.74 0.20 -0.65
CA ASN A 84 7.43 -0.01 0.62
C ASN A 84 7.21 1.19 1.56
N ASP A 85 6.95 2.35 0.97
CA ASP A 85 6.71 3.56 1.75
C ASP A 85 5.31 3.56 2.36
N VAL A 86 4.32 3.19 1.54
CA VAL A 86 2.94 3.14 2.00
C VAL A 86 2.76 2.13 3.12
N SER A 87 3.65 1.14 3.16
CA SER A 87 3.58 0.09 4.18
C SER A 87 4.17 0.59 5.49
N ASP A 88 5.06 1.57 5.41
CA ASP A 88 5.70 2.14 6.58
C ASP A 88 4.69 2.90 7.44
N VAL A 89 3.89 3.73 6.78
CA VAL A 89 2.87 4.52 7.47
C VAL A 89 1.94 3.64 8.29
N ILE A 90 1.82 2.38 7.88
CA ILE A 90 0.97 1.43 8.58
C ILE A 90 1.48 1.16 10.00
N LYS A 91 2.79 1.00 10.12
CA LYS A 91 3.40 0.75 11.42
C LYS A 91 3.83 2.05 12.08
N ARG A 92 3.94 3.10 11.28
CA ARG A 92 4.34 4.41 11.80
C ARG A 92 3.17 5.10 12.50
N GLU A 93 2.09 5.31 11.76
CA GLU A 93 0.90 5.96 12.31
C GLU A 93 -0.21 4.94 12.58
N SER A 94 -1.02 5.22 13.58
CA SER A 94 -2.12 4.33 13.96
C SER A 94 -3.19 4.31 12.88
N THR A 95 -3.38 5.44 12.22
CA THR A 95 -4.37 5.56 11.17
C THR A 95 -3.73 5.50 9.79
N LEU A 96 -4.56 5.48 8.75
CA LEU A 96 -4.06 5.43 7.38
C LEU A 96 -4.96 6.26 6.45
N ASN A 97 -4.57 7.52 6.24
CA ASN A 97 -5.33 8.40 5.37
C ASN A 97 -4.78 8.39 3.95
N MET A 98 -5.02 7.29 3.24
CA MET A 98 -4.55 7.15 1.86
C MET A 98 -5.46 7.89 0.90
N VAL A 99 -4.93 8.19 -0.29
CA VAL A 99 -5.71 8.90 -1.30
C VAL A 99 -5.49 8.28 -2.69
N VAL A 100 -6.40 7.41 -3.09
CA VAL A 100 -6.32 6.76 -4.39
C VAL A 100 -7.22 7.44 -5.41
N ARG A 101 -6.84 7.33 -6.68
CA ARG A 101 -7.60 7.95 -7.76
C ARG A 101 -8.59 6.94 -8.36
N ARG A 102 -9.88 7.25 -8.24
CA ARG A 102 -10.92 6.38 -8.77
C ARG A 102 -11.78 7.12 -9.79
N GLY A 103 -11.48 6.92 -11.07
CA GLY A 103 -12.23 7.57 -12.12
C GLY A 103 -11.59 8.88 -12.56
N ASN A 104 -12.11 9.99 -12.04
CA ASN A 104 -11.59 11.31 -12.39
C ASN A 104 -11.26 12.12 -11.14
N GLU A 105 -11.48 11.50 -9.98
CA GLU A 105 -11.21 12.16 -8.70
C GLU A 105 -10.54 11.19 -7.72
N ASP A 106 -10.02 11.74 -6.63
CA ASP A 106 -9.36 10.94 -5.61
C ASP A 106 -10.28 10.71 -4.41
N ILE A 107 -10.22 9.50 -3.85
CA ILE A 107 -11.05 9.16 -2.69
C ILE A 107 -10.18 8.75 -1.51
N MET A 108 -10.43 9.37 -0.36
CA MET A 108 -9.68 9.07 0.86
C MET A 108 -10.04 7.68 1.37
N ILE A 109 -9.01 6.91 1.74
CA ILE A 109 -9.21 5.57 2.26
C ILE A 109 -8.68 5.45 3.69
N THR A 110 -9.59 5.55 4.66
CA THR A 110 -9.22 5.45 6.06
C THR A 110 -9.14 3.99 6.51
N VAL A 111 -7.94 3.55 6.87
CA VAL A 111 -7.74 2.17 7.33
C VAL A 111 -7.13 2.14 8.72
N ILE A 112 -7.61 1.21 9.54
CA ILE A 112 -7.09 1.07 10.90
C ILE A 112 -6.31 -0.22 11.07
N PRO A 113 -5.00 -0.17 10.77
CA PRO A 113 -4.11 -1.32 10.88
C PRO A 113 -3.87 -1.73 12.33
N GLU A 114 -4.04 -3.02 12.62
CA GLU A 114 -3.83 -3.54 13.96
C GLU A 114 -2.39 -3.99 14.15
N GLU A 115 -1.85 -3.72 15.34
CA GLU A 115 -0.47 -4.09 15.66
C GLU A 115 -0.39 -5.57 16.02
N ILE A 116 0.21 -6.36 15.13
CA ILE A 116 0.37 -7.79 15.37
C ILE A 116 1.81 -8.15 15.66
N ASP A 117 2.02 -9.26 16.37
CA ASP A 117 3.36 -9.72 16.70
C ASP A 117 4.24 -9.80 15.46
N PRO A 118 5.56 -9.81 15.66
CA PRO A 118 6.54 -9.89 14.57
C PRO A 118 6.53 -11.25 13.90
N GLY A 1 11.64 -54.50 26.99
CA GLY A 1 11.28 -53.16 27.38
C GLY A 1 12.38 -52.16 27.11
N SER A 2 12.90 -51.54 28.17
CA SER A 2 13.96 -50.56 28.03
C SER A 2 13.48 -49.36 27.23
N SER A 3 12.96 -48.35 27.92
CA SER A 3 12.46 -47.14 27.26
C SER A 3 13.60 -46.17 27.00
N GLY A 4 13.29 -45.09 26.28
CA GLY A 4 14.30 -44.09 25.97
C GLY A 4 14.09 -42.80 26.74
N SER A 5 14.39 -41.67 26.12
CA SER A 5 14.25 -40.37 26.76
C SER A 5 13.45 -39.42 25.88
N SER A 6 13.28 -38.19 26.36
CA SER A 6 12.53 -37.18 25.60
C SER A 6 13.39 -35.95 25.34
N GLY A 7 12.91 -35.09 24.44
CA GLY A 7 13.66 -33.89 24.11
C GLY A 7 13.03 -32.64 24.71
N ARG A 8 13.81 -31.57 24.76
CA ARG A 8 13.32 -30.30 25.32
C ARG A 8 13.32 -29.21 24.26
N GLN A 9 12.43 -28.24 24.42
CA GLN A 9 12.31 -27.13 23.48
C GLN A 9 12.29 -25.80 24.21
N ALA A 10 12.41 -24.71 23.45
CA ALA A 10 12.40 -23.37 24.04
C ALA A 10 11.85 -22.35 23.04
N LYS A 11 11.76 -21.09 23.48
CA LYS A 11 11.25 -20.02 22.63
C LYS A 11 12.20 -18.83 22.64
N GLY A 12 11.90 -17.83 21.82
CA GLY A 12 12.73 -16.65 21.74
C GLY A 12 11.93 -15.37 21.77
N LYS A 13 12.31 -14.45 22.65
CA LYS A 13 11.62 -13.17 22.78
C LYS A 13 11.97 -12.24 21.63
N ALA A 14 10.96 -11.80 20.89
CA ALA A 14 11.17 -10.90 19.77
C ALA A 14 11.22 -9.45 20.23
N ILE A 15 11.26 -8.52 19.28
CA ILE A 15 11.31 -7.10 19.58
C ILE A 15 10.31 -6.32 18.74
N THR A 16 9.68 -5.31 19.35
CA THR A 16 8.71 -4.48 18.65
C THR A 16 7.66 -5.34 17.96
N LYS A 17 6.83 -4.70 17.14
CA LYS A 17 5.79 -5.40 16.41
C LYS A 17 5.50 -4.72 15.07
N LYS A 18 4.70 -5.37 14.24
CA LYS A 18 4.35 -4.83 12.92
C LYS A 18 2.84 -4.87 12.71
N LYS A 19 2.34 -3.93 11.92
CA LYS A 19 0.91 -3.86 11.63
C LYS A 19 0.57 -4.70 10.40
N TYR A 20 -0.72 -4.96 10.22
CA TYR A 20 -1.19 -5.76 9.09
C TYR A 20 -2.58 -5.32 8.65
N ILE A 21 -2.86 -5.47 7.36
CA ILE A 21 -4.16 -5.11 6.81
C ILE A 21 -4.56 -6.03 5.67
N GLY A 22 -3.89 -7.17 5.56
CA GLY A 22 -4.18 -8.12 4.51
C GLY A 22 -4.25 -7.48 3.15
N ILE A 23 -3.09 -7.20 2.56
CA ILE A 23 -3.03 -6.58 1.24
C ILE A 23 -1.78 -7.02 0.48
N ARG A 24 -1.94 -7.30 -0.80
CA ARG A 24 -0.82 -7.72 -1.64
C ARG A 24 -0.52 -6.67 -2.70
N MET A 25 0.74 -6.21 -2.72
CA MET A 25 1.16 -5.21 -3.69
C MET A 25 2.52 -5.58 -4.29
N MET A 26 2.81 -5.02 -5.46
CA MET A 26 4.08 -5.28 -6.13
C MET A 26 4.78 -3.98 -6.52
N SER A 27 6.10 -3.97 -6.40
CA SER A 27 6.88 -2.78 -6.72
C SER A 27 6.55 -2.28 -8.12
N LEU A 28 5.87 -1.15 -8.19
CA LEU A 28 5.47 -0.56 -9.47
C LEU A 28 6.68 0.06 -10.17
N THR A 29 6.78 -0.18 -11.47
CA THR A 29 7.89 0.35 -12.26
C THR A 29 7.38 1.27 -13.37
N SER A 30 8.22 2.24 -13.77
CA SER A 30 7.86 3.17 -14.82
C SER A 30 7.37 2.44 -16.06
N SER A 31 7.98 1.28 -16.33
CA SER A 31 7.62 0.49 -17.49
C SER A 31 6.34 -0.30 -17.24
N LYS A 32 6.19 -0.81 -16.02
CA LYS A 32 5.01 -1.57 -15.65
C LYS A 32 3.77 -0.69 -15.64
N ALA A 33 3.94 0.55 -15.21
CA ALA A 33 2.83 1.50 -15.16
C ALA A 33 2.38 1.90 -16.55
N LYS A 34 3.31 2.34 -17.38
CA LYS A 34 3.01 2.75 -18.75
C LYS A 34 2.32 1.63 -19.51
N GLU A 35 2.57 0.39 -19.09
CA GLU A 35 1.98 -0.77 -19.74
C GLU A 35 0.68 -1.18 -19.04
N LEU A 36 0.57 -0.84 -17.75
CA LEU A 36 -0.61 -1.17 -16.98
C LEU A 36 -1.80 -0.31 -17.41
N LYS A 37 -1.52 0.92 -17.83
CA LYS A 37 -2.56 1.84 -18.27
C LYS A 37 -3.06 1.47 -19.67
N ASP A 38 -2.13 1.39 -20.62
CA ASP A 38 -2.48 1.05 -21.99
C ASP A 38 -3.22 -0.29 -22.04
N ARG A 39 -2.96 -1.14 -21.05
CA ARG A 39 -3.60 -2.45 -20.98
C ARG A 39 -4.86 -2.40 -20.12
N HIS A 40 -4.89 -1.45 -19.19
CA HIS A 40 -6.04 -1.30 -18.30
C HIS A 40 -6.57 0.13 -18.34
N ARG A 41 -7.62 0.35 -19.12
CA ARG A 41 -8.23 1.67 -19.25
C ARG A 41 -8.70 2.19 -17.89
N ASP A 42 -8.99 1.26 -16.98
CA ASP A 42 -9.46 1.63 -15.65
C ASP A 42 -8.37 2.37 -14.88
N PHE A 43 -7.11 2.03 -15.18
CA PHE A 43 -5.98 2.67 -14.51
C PHE A 43 -6.09 4.18 -14.58
N PRO A 44 -5.74 4.86 -13.46
CA PRO A 44 -5.80 6.31 -13.36
C PRO A 44 -4.72 6.99 -14.22
N ASP A 45 -4.56 8.29 -14.04
CA ASP A 45 -3.56 9.05 -14.78
C ASP A 45 -2.26 9.15 -14.00
N VAL A 46 -1.84 8.04 -13.40
CA VAL A 46 -0.61 8.01 -12.62
C VAL A 46 0.26 6.83 -13.02
N ILE A 47 1.52 6.86 -12.60
CA ILE A 47 2.46 5.79 -12.91
C ILE A 47 3.54 5.68 -11.85
N SER A 48 3.20 6.06 -10.61
CA SER A 48 4.15 6.00 -9.51
C SER A 48 3.42 5.86 -8.17
N GLY A 49 3.68 4.75 -7.49
CA GLY A 49 3.04 4.51 -6.21
C GLY A 49 2.96 3.03 -5.87
N ALA A 50 1.97 2.67 -5.05
CA ALA A 50 1.78 1.27 -4.66
C ALA A 50 0.62 0.64 -5.41
N TYR A 51 0.93 -0.39 -6.19
CA TYR A 51 -0.09 -1.10 -6.97
C TYR A 51 -0.67 -2.27 -6.18
N ILE A 52 -1.98 -2.23 -5.96
CA ILE A 52 -2.65 -3.30 -5.22
C ILE A 52 -3.06 -4.43 -6.15
N ILE A 53 -2.53 -5.62 -5.89
CA ILE A 53 -2.84 -6.80 -6.70
C ILE A 53 -4.05 -7.55 -6.14
N GLU A 54 -4.26 -7.40 -4.84
CA GLU A 54 -5.39 -8.07 -4.19
C GLU A 54 -5.48 -7.67 -2.71
N VAL A 55 -6.70 -7.43 -2.24
CA VAL A 55 -6.91 -7.05 -0.85
C VAL A 55 -7.62 -8.16 -0.08
N ILE A 56 -6.88 -8.86 0.77
CA ILE A 56 -7.44 -9.94 1.58
C ILE A 56 -8.71 -9.48 2.30
N PRO A 57 -9.75 -10.33 2.24
CA PRO A 57 -11.04 -10.04 2.90
C PRO A 57 -10.94 -10.09 4.42
N ASP A 58 -11.95 -9.52 5.08
CA ASP A 58 -11.97 -9.50 6.53
C ASP A 58 -10.82 -8.68 7.09
N THR A 59 -10.37 -7.70 6.32
CA THR A 59 -9.26 -6.85 6.74
C THR A 59 -9.70 -5.39 6.83
N PRO A 60 -8.96 -4.60 7.64
CA PRO A 60 -9.26 -3.18 7.84
C PRO A 60 -8.96 -2.35 6.59
N ALA A 61 -8.35 -2.98 5.59
CA ALA A 61 -8.01 -2.31 4.35
C ALA A 61 -9.11 -2.50 3.30
N GLU A 62 -9.70 -3.68 3.28
CA GLU A 62 -10.76 -4.00 2.32
C GLU A 62 -11.98 -3.09 2.56
N ALA A 63 -12.37 -2.97 3.82
CA ALA A 63 -13.53 -2.14 4.17
C ALA A 63 -13.17 -0.66 4.09
N GLY A 64 -11.92 -0.33 4.38
CA GLY A 64 -11.48 1.04 4.33
C GLY A 64 -11.81 1.72 3.01
N GLY A 65 -11.90 0.92 1.94
CA GLY A 65 -12.22 1.47 0.64
C GLY A 65 -11.14 1.15 -0.40
N LEU A 66 -10.29 0.19 -0.07
CA LEU A 66 -9.20 -0.21 -0.96
C LEU A 66 -9.67 -1.29 -1.93
N LYS A 67 -9.58 -1.02 -3.23
CA LYS A 67 -9.99 -1.96 -4.25
C LYS A 67 -8.79 -2.40 -5.09
N GLU A 68 -8.83 -3.63 -5.58
CA GLU A 68 -7.75 -4.16 -6.40
C GLU A 68 -7.44 -3.22 -7.56
N ASN A 69 -6.23 -3.33 -8.10
CA ASN A 69 -5.80 -2.49 -9.21
C ASN A 69 -5.79 -1.02 -8.80
N ASP A 70 -5.47 -0.75 -7.54
CA ASP A 70 -5.42 0.61 -7.02
C ASP A 70 -4.00 1.15 -7.08
N VAL A 71 -3.87 2.47 -6.92
CA VAL A 71 -2.57 3.12 -6.95
C VAL A 71 -2.51 4.29 -5.99
N ILE A 72 -1.91 4.06 -4.83
CA ILE A 72 -1.80 5.11 -3.82
C ILE A 72 -0.80 6.19 -4.24
N ILE A 73 -1.22 7.44 -4.15
CA ILE A 73 -0.36 8.56 -4.53
C ILE A 73 0.15 9.31 -3.29
N SER A 74 -0.61 9.20 -2.20
CA SER A 74 -0.23 9.88 -0.96
C SER A 74 -0.92 9.22 0.23
N ILE A 75 -0.32 9.36 1.41
CA ILE A 75 -0.88 8.80 2.63
C ILE A 75 -0.54 9.65 3.84
N ASN A 76 -1.57 10.03 4.60
CA ASN A 76 -1.39 10.85 5.78
C ASN A 76 -0.81 12.22 5.42
N GLY A 77 -1.07 12.66 4.19
CA GLY A 77 -0.57 13.94 3.73
C GLY A 77 0.85 13.86 3.23
N GLN A 78 1.28 12.66 2.84
CA GLN A 78 2.64 12.46 2.34
C GLN A 78 2.62 11.64 1.05
N SER A 79 3.08 12.25 -0.04
CA SER A 79 3.11 11.56 -1.33
C SER A 79 4.14 10.44 -1.33
N VAL A 80 3.72 9.26 -1.77
CA VAL A 80 4.61 8.11 -1.83
C VAL A 80 4.95 7.75 -3.27
N VAL A 81 5.98 6.93 -3.44
CA VAL A 81 6.42 6.50 -4.76
C VAL A 81 6.83 5.04 -4.76
N SER A 82 6.29 4.28 -3.81
CA SER A 82 6.61 2.86 -3.71
C SER A 82 5.69 2.18 -2.69
N ALA A 83 5.54 0.87 -2.84
CA ALA A 83 4.68 0.09 -1.94
C ALA A 83 5.30 0.01 -0.54
N ASN A 84 6.61 0.24 -0.46
CA ASN A 84 7.31 0.19 0.81
C ASN A 84 7.02 1.44 1.65
N ASP A 85 6.88 2.57 0.98
CA ASP A 85 6.59 3.83 1.66
C ASP A 85 5.21 3.80 2.28
N VAL A 86 4.23 3.28 1.54
CA VAL A 86 2.86 3.19 2.03
C VAL A 86 2.74 2.17 3.16
N SER A 87 3.63 1.18 3.16
CA SER A 87 3.63 0.15 4.18
C SER A 87 4.24 0.66 5.48
N ASP A 88 5.08 1.68 5.36
CA ASP A 88 5.74 2.26 6.52
C ASP A 88 4.74 3.05 7.38
N VAL A 89 3.79 3.69 6.71
CA VAL A 89 2.78 4.48 7.40
C VAL A 89 1.86 3.58 8.24
N ILE A 90 1.79 2.31 7.87
CA ILE A 90 0.95 1.35 8.58
C ILE A 90 1.46 1.13 10.00
N LYS A 91 2.77 0.96 10.13
CA LYS A 91 3.38 0.74 11.44
C LYS A 91 3.82 2.05 12.07
N ARG A 92 4.00 3.07 11.23
CA ARG A 92 4.41 4.39 11.70
C ARG A 92 3.25 5.11 12.38
N GLU A 93 2.16 5.31 11.64
CA GLU A 93 1.00 5.98 12.17
C GLU A 93 -0.12 4.99 12.49
N SER A 94 -0.93 5.31 13.49
CA SER A 94 -2.03 4.44 13.89
C SER A 94 -3.11 4.39 12.82
N THR A 95 -3.31 5.51 12.14
CA THR A 95 -4.31 5.60 11.09
C THR A 95 -3.67 5.51 9.71
N LEU A 96 -4.50 5.50 8.67
CA LEU A 96 -4.01 5.42 7.29
C LEU A 96 -4.90 6.22 6.35
N ASN A 97 -4.56 7.50 6.17
CA ASN A 97 -5.32 8.37 5.30
C ASN A 97 -4.78 8.32 3.87
N MET A 98 -5.04 7.22 3.18
CA MET A 98 -4.59 7.05 1.80
C MET A 98 -5.50 7.81 0.83
N VAL A 99 -4.97 8.09 -0.36
CA VAL A 99 -5.73 8.80 -1.38
C VAL A 99 -5.51 8.17 -2.76
N VAL A 100 -6.46 7.31 -3.16
CA VAL A 100 -6.37 6.65 -4.45
C VAL A 100 -7.25 7.35 -5.49
N ARG A 101 -6.86 7.25 -6.76
CA ARG A 101 -7.62 7.87 -7.83
C ARG A 101 -8.60 6.88 -8.45
N ARG A 102 -9.89 7.18 -8.35
CA ARG A 102 -10.92 6.32 -8.89
C ARG A 102 -11.59 6.97 -10.10
N GLY A 103 -11.20 6.53 -11.29
CA GLY A 103 -11.77 7.08 -12.51
C GLY A 103 -11.18 8.44 -12.87
N ASN A 104 -11.78 9.49 -12.35
CA ASN A 104 -11.31 10.84 -12.61
C ASN A 104 -11.42 11.72 -11.37
N GLU A 105 -11.22 11.10 -10.21
CA GLU A 105 -11.29 11.83 -8.94
C GLU A 105 -10.52 11.09 -7.85
N ASP A 106 -10.10 11.84 -6.82
CA ASP A 106 -9.34 11.26 -5.72
C ASP A 106 -10.25 10.97 -4.54
N ILE A 107 -10.08 9.79 -3.93
CA ILE A 107 -10.89 9.39 -2.79
C ILE A 107 -10.01 9.01 -1.60
N MET A 108 -10.43 9.41 -0.41
CA MET A 108 -9.68 9.11 0.80
C MET A 108 -10.06 7.74 1.36
N ILE A 109 -9.06 6.97 1.74
CA ILE A 109 -9.30 5.63 2.28
C ILE A 109 -8.71 5.50 3.68
N THR A 110 -9.56 5.65 4.70
CA THR A 110 -9.12 5.55 6.08
C THR A 110 -9.09 4.10 6.54
N VAL A 111 -7.92 3.63 6.94
CA VAL A 111 -7.75 2.25 7.41
C VAL A 111 -7.13 2.22 8.79
N ILE A 112 -7.57 1.28 9.62
CA ILE A 112 -7.05 1.13 10.97
C ILE A 112 -6.29 -0.18 11.13
N PRO A 113 -4.98 -0.14 10.81
CA PRO A 113 -4.11 -1.32 10.91
C PRO A 113 -3.85 -1.72 12.35
N GLU A 114 -4.01 -3.01 12.64
CA GLU A 114 -3.80 -3.53 13.99
C GLU A 114 -2.35 -3.98 14.17
N GLU A 115 -1.80 -3.72 15.36
CA GLU A 115 -0.43 -4.10 15.66
C GLU A 115 -0.34 -5.58 16.02
N ILE A 116 0.30 -6.36 15.15
CA ILE A 116 0.45 -7.78 15.38
C ILE A 116 1.91 -8.15 15.66
N ASP A 117 2.11 -9.21 16.43
CA ASP A 117 3.46 -9.65 16.77
C ASP A 117 4.31 -9.82 15.51
N PRO A 118 5.64 -9.83 15.69
CA PRO A 118 6.58 -9.98 14.58
C PRO A 118 6.56 -11.39 13.98
N GLY A 1 -5.51 -9.48 -12.84
CA GLY A 1 -5.00 -10.78 -13.23
C GLY A 1 -3.63 -11.08 -12.67
N SER A 2 -3.58 -11.89 -11.62
CA SER A 2 -2.31 -12.25 -10.99
C SER A 2 -1.80 -13.58 -11.53
N SER A 3 -0.71 -13.51 -12.30
CA SER A 3 -0.12 -14.71 -12.89
C SER A 3 1.35 -14.84 -12.49
N GLY A 4 2.05 -13.70 -12.50
CA GLY A 4 3.46 -13.71 -12.13
C GLY A 4 4.02 -12.32 -11.95
N SER A 5 3.76 -11.72 -10.80
CA SER A 5 4.24 -10.38 -10.50
C SER A 5 5.72 -10.39 -10.15
N SER A 6 6.06 -11.02 -9.04
CA SER A 6 7.44 -11.11 -8.60
C SER A 6 7.63 -12.25 -7.60
N GLY A 7 6.76 -12.30 -6.60
CA GLY A 7 6.85 -13.35 -5.59
C GLY A 7 6.45 -12.85 -4.21
N ARG A 8 7.34 -13.06 -3.24
CA ARG A 8 7.08 -12.65 -1.87
C ARG A 8 8.37 -12.22 -1.18
N GLN A 9 8.24 -11.55 -0.04
CA GLN A 9 9.40 -11.09 0.71
C GLN A 9 9.32 -11.53 2.17
N ALA A 10 10.47 -11.73 2.79
CA ALA A 10 10.53 -12.16 4.18
C ALA A 10 11.06 -11.04 5.07
N LYS A 11 12.33 -10.72 4.94
CA LYS A 11 12.96 -9.68 5.73
C LYS A 11 12.85 -9.98 7.23
N GLY A 12 13.44 -9.11 8.04
CA GLY A 12 13.39 -9.31 9.49
C GLY A 12 14.66 -8.85 10.17
N LYS A 13 14.54 -7.80 10.98
CA LYS A 13 15.68 -7.27 11.71
C LYS A 13 15.24 -6.28 12.78
N ALA A 14 14.04 -6.49 13.31
CA ALA A 14 13.50 -5.63 14.35
C ALA A 14 12.96 -6.45 15.52
N ILE A 15 12.73 -5.79 16.64
CA ILE A 15 12.21 -6.44 17.83
C ILE A 15 10.76 -6.05 18.10
N THR A 16 10.39 -4.86 17.65
CA THR A 16 9.04 -4.36 17.84
C THR A 16 8.04 -5.16 17.02
N LYS A 17 6.77 -4.75 17.09
CA LYS A 17 5.71 -5.44 16.36
C LYS A 17 5.43 -4.73 15.03
N LYS A 18 4.65 -5.37 14.18
CA LYS A 18 4.30 -4.80 12.88
C LYS A 18 2.79 -4.87 12.65
N LYS A 19 2.27 -3.92 11.87
CA LYS A 19 0.85 -3.87 11.56
C LYS A 19 0.53 -4.70 10.33
N TYR A 20 -0.76 -4.98 10.12
CA TYR A 20 -1.19 -5.76 8.98
C TYR A 20 -2.60 -5.35 8.54
N ILE A 21 -2.87 -5.51 7.25
CA ILE A 21 -4.18 -5.15 6.70
C ILE A 21 -4.56 -6.06 5.53
N GLY A 22 -3.86 -7.18 5.42
CA GLY A 22 -4.13 -8.12 4.34
C GLY A 22 -4.20 -7.44 2.99
N ILE A 23 -3.04 -7.13 2.43
CA ILE A 23 -2.98 -6.47 1.12
C ILE A 23 -1.70 -6.86 0.38
N ARG A 24 -1.85 -7.15 -0.91
CA ARG A 24 -0.70 -7.53 -1.74
C ARG A 24 -0.40 -6.45 -2.77
N MET A 25 0.85 -6.03 -2.83
CA MET A 25 1.28 -5.00 -3.78
C MET A 25 2.66 -5.31 -4.33
N MET A 26 2.95 -4.79 -5.52
CA MET A 26 4.23 -5.00 -6.16
C MET A 26 4.87 -3.67 -6.57
N SER A 27 6.18 -3.56 -6.35
CA SER A 27 6.90 -2.34 -6.69
C SER A 27 6.64 -1.94 -8.15
N LEU A 28 5.88 -0.86 -8.32
CA LEU A 28 5.55 -0.38 -9.66
C LEU A 28 6.79 0.18 -10.35
N THR A 29 6.83 0.04 -11.68
CA THR A 29 7.96 0.53 -12.46
C THR A 29 7.49 1.43 -13.59
N SER A 30 8.42 2.19 -14.17
CA SER A 30 8.10 3.09 -15.27
C SER A 30 7.43 2.34 -16.42
N SER A 31 7.99 1.17 -16.76
CA SER A 31 7.46 0.35 -17.84
C SER A 31 6.16 -0.32 -17.42
N LYS A 32 6.18 -0.98 -16.27
CA LYS A 32 5.02 -1.68 -15.75
C LYS A 32 3.82 -0.74 -15.67
N ALA A 33 4.06 0.50 -15.27
CA ALA A 33 3.01 1.50 -15.16
C ALA A 33 2.41 1.81 -16.52
N LYS A 34 3.24 2.34 -17.42
CA LYS A 34 2.79 2.69 -18.76
C LYS A 34 2.17 1.49 -19.46
N GLU A 35 2.58 0.29 -19.05
CA GLU A 35 2.07 -0.94 -19.63
C GLU A 35 0.77 -1.37 -18.95
N LEU A 36 0.58 -0.89 -17.72
CA LEU A 36 -0.62 -1.22 -16.95
C LEU A 36 -1.84 -0.47 -17.49
N LYS A 37 -1.60 0.74 -18.00
CA LYS A 37 -2.68 1.56 -18.55
C LYS A 37 -3.17 0.99 -19.87
N ASP A 38 -2.25 0.78 -20.80
CA ASP A 38 -2.60 0.24 -22.11
C ASP A 38 -3.42 -1.04 -21.96
N ARG A 39 -3.03 -1.89 -21.02
CA ARG A 39 -3.73 -3.14 -20.78
C ARG A 39 -4.97 -2.92 -19.92
N HIS A 40 -4.94 -1.87 -19.11
CA HIS A 40 -6.05 -1.55 -18.23
C HIS A 40 -6.45 -0.08 -18.36
N ARG A 41 -7.51 0.18 -19.11
CA ARG A 41 -7.99 1.55 -19.31
C ARG A 41 -8.43 2.18 -18.00
N ASP A 42 -9.05 1.37 -17.15
CA ASP A 42 -9.53 1.84 -15.85
C ASP A 42 -8.41 2.55 -15.08
N PHE A 43 -7.18 2.11 -15.33
CA PHE A 43 -6.02 2.71 -14.66
C PHE A 43 -6.02 4.22 -14.80
N PRO A 44 -5.69 4.93 -13.71
CA PRO A 44 -5.65 6.39 -13.69
C PRO A 44 -4.49 6.94 -14.51
N ASP A 45 -4.25 8.24 -14.40
CA ASP A 45 -3.17 8.90 -15.12
C ASP A 45 -1.92 9.01 -14.25
N VAL A 46 -1.58 7.92 -13.57
CA VAL A 46 -0.41 7.91 -12.70
C VAL A 46 0.52 6.75 -13.05
N ILE A 47 1.77 6.84 -12.60
CA ILE A 47 2.75 5.81 -12.87
C ILE A 47 3.81 5.76 -11.77
N SER A 48 3.42 6.13 -10.56
CA SER A 48 4.34 6.14 -9.43
C SER A 48 3.58 6.02 -8.11
N GLY A 49 3.77 4.90 -7.42
CA GLY A 49 3.08 4.69 -6.16
C GLY A 49 3.03 3.23 -5.77
N ALA A 50 1.92 2.82 -5.16
CA ALA A 50 1.75 1.44 -4.73
C ALA A 50 0.60 0.77 -5.49
N TYR A 51 0.94 -0.26 -6.26
CA TYR A 51 -0.05 -0.98 -7.04
C TYR A 51 -0.62 -2.16 -6.26
N ILE A 52 -1.94 -2.16 -6.06
CA ILE A 52 -2.60 -3.23 -5.33
C ILE A 52 -2.97 -4.39 -6.26
N ILE A 53 -2.41 -5.57 -5.98
CA ILE A 53 -2.68 -6.75 -6.79
C ILE A 53 -3.87 -7.53 -6.22
N GLU A 54 -4.08 -7.42 -4.92
CA GLU A 54 -5.19 -8.11 -4.26
C GLU A 54 -5.26 -7.75 -2.78
N VAL A 55 -6.47 -7.48 -2.30
CA VAL A 55 -6.68 -7.12 -0.91
C VAL A 55 -7.40 -8.23 -0.15
N ILE A 56 -6.65 -8.96 0.69
CA ILE A 56 -7.21 -10.04 1.47
C ILE A 56 -8.49 -9.61 2.17
N PRO A 57 -9.52 -10.46 2.11
CA PRO A 57 -10.82 -10.19 2.73
C PRO A 57 -10.75 -10.24 4.26
N ASP A 58 -11.78 -9.71 4.91
CA ASP A 58 -11.83 -9.70 6.37
C ASP A 58 -10.71 -8.84 6.94
N THR A 59 -10.25 -7.87 6.16
CA THR A 59 -9.18 -6.99 6.60
C THR A 59 -9.65 -5.54 6.67
N PRO A 60 -8.96 -4.73 7.48
CA PRO A 60 -9.30 -3.31 7.67
C PRO A 60 -8.99 -2.49 6.42
N ALA A 61 -8.35 -3.11 5.44
CA ALA A 61 -8.01 -2.43 4.20
C ALA A 61 -9.07 -2.66 3.12
N GLU A 62 -9.73 -3.81 3.20
CA GLU A 62 -10.77 -4.17 2.24
C GLU A 62 -12.04 -3.35 2.49
N ALA A 63 -12.35 -3.13 3.76
CA ALA A 63 -13.53 -2.37 4.13
C ALA A 63 -13.27 -0.88 4.09
N GLY A 64 -12.01 -0.50 4.29
CA GLY A 64 -11.64 0.90 4.27
C GLY A 64 -11.90 1.55 2.93
N GLY A 65 -11.57 0.84 1.86
CA GLY A 65 -11.77 1.37 0.51
C GLY A 65 -10.74 0.85 -0.47
N LEU A 66 -9.59 0.43 0.03
CA LEU A 66 -8.52 -0.09 -0.81
C LEU A 66 -9.00 -1.30 -1.62
N LYS A 67 -9.19 -1.10 -2.92
CA LYS A 67 -9.64 -2.18 -3.79
C LYS A 67 -8.54 -2.59 -4.77
N GLU A 68 -8.74 -3.73 -5.42
CA GLU A 68 -7.75 -4.22 -6.38
C GLU A 68 -7.57 -3.24 -7.53
N ASN A 69 -6.38 -3.25 -8.13
CA ASN A 69 -6.07 -2.36 -9.24
C ASN A 69 -6.12 -0.90 -8.80
N ASP A 70 -5.50 -0.62 -7.66
CA ASP A 70 -5.47 0.74 -7.13
C ASP A 70 -4.05 1.29 -7.12
N VAL A 71 -3.93 2.62 -6.99
CA VAL A 71 -2.62 3.27 -6.97
C VAL A 71 -2.61 4.41 -5.95
N ILE A 72 -1.86 4.22 -4.88
CA ILE A 72 -1.74 5.23 -3.84
C ILE A 72 -0.76 6.32 -4.24
N ILE A 73 -1.19 7.57 -4.13
CA ILE A 73 -0.35 8.71 -4.48
C ILE A 73 0.15 9.43 -3.23
N SER A 74 -0.60 9.29 -2.14
CA SER A 74 -0.22 9.92 -0.88
C SER A 74 -0.90 9.23 0.30
N ILE A 75 -0.32 9.37 1.48
CA ILE A 75 -0.87 8.76 2.68
C ILE A 75 -0.56 9.61 3.92
N ASN A 76 -1.61 9.96 4.66
CA ASN A 76 -1.47 10.77 5.86
C ASN A 76 -0.91 12.14 5.52
N GLY A 77 -1.16 12.59 4.29
CA GLY A 77 -0.67 13.90 3.87
C GLY A 77 0.75 13.85 3.38
N GLN A 78 1.21 12.67 2.98
CA GLN A 78 2.58 12.49 2.49
C GLN A 78 2.59 11.69 1.20
N SER A 79 3.08 12.30 0.13
CA SER A 79 3.15 11.65 -1.17
C SER A 79 4.15 10.50 -1.15
N VAL A 80 3.72 9.34 -1.63
CA VAL A 80 4.59 8.16 -1.67
C VAL A 80 4.95 7.79 -3.11
N VAL A 81 6.05 7.06 -3.27
CA VAL A 81 6.51 6.64 -4.58
C VAL A 81 7.03 5.21 -4.55
N SER A 82 6.53 4.43 -3.58
CA SER A 82 6.95 3.04 -3.45
C SER A 82 6.01 2.28 -2.51
N ALA A 83 5.72 1.03 -2.87
CA ALA A 83 4.83 0.20 -2.06
C ALA A 83 5.40 -0.01 -0.66
N ASN A 84 6.72 0.11 -0.54
CA ASN A 84 7.39 -0.07 0.74
C ASN A 84 7.16 1.14 1.65
N ASP A 85 6.92 2.29 1.04
CA ASP A 85 6.69 3.52 1.79
C ASP A 85 5.28 3.53 2.38
N VAL A 86 4.30 3.15 1.58
CA VAL A 86 2.91 3.11 2.03
C VAL A 86 2.73 2.09 3.17
N SER A 87 3.60 1.10 3.21
CA SER A 87 3.53 0.07 4.24
C SER A 87 4.12 0.57 5.55
N ASP A 88 5.00 1.56 5.46
CA ASP A 88 5.63 2.14 6.65
C ASP A 88 4.62 2.91 7.48
N VAL A 89 3.82 3.74 6.82
CA VAL A 89 2.81 4.54 7.50
C VAL A 89 1.86 3.65 8.31
N ILE A 90 1.75 2.39 7.91
CA ILE A 90 0.88 1.45 8.60
C ILE A 90 1.36 1.19 10.02
N LYS A 91 2.67 1.03 10.17
CA LYS A 91 3.27 0.78 11.47
C LYS A 91 3.67 2.09 12.14
N ARG A 92 3.87 3.12 11.34
CA ARG A 92 4.27 4.44 11.85
C ARG A 92 3.09 5.12 12.54
N GLU A 93 2.01 5.33 11.79
CA GLU A 93 0.82 5.97 12.33
C GLU A 93 -0.29 4.95 12.59
N SER A 94 -1.11 5.23 13.59
CA SER A 94 -2.21 4.33 13.95
C SER A 94 -3.27 4.30 12.86
N THR A 95 -3.54 5.48 12.28
CA THR A 95 -4.53 5.59 11.21
C THR A 95 -3.88 5.54 9.84
N LEU A 96 -4.70 5.42 8.80
CA LEU A 96 -4.20 5.36 7.43
C LEU A 96 -5.06 6.21 6.50
N ASN A 97 -4.65 7.46 6.31
CA ASN A 97 -5.38 8.37 5.43
C ASN A 97 -4.81 8.35 4.02
N MET A 98 -5.07 7.26 3.29
CA MET A 98 -4.59 7.12 1.93
C MET A 98 -5.47 7.89 0.95
N VAL A 99 -4.93 8.19 -0.22
CA VAL A 99 -5.67 8.93 -1.24
C VAL A 99 -5.46 8.30 -2.62
N VAL A 100 -6.40 7.47 -3.03
CA VAL A 100 -6.32 6.81 -4.34
C VAL A 100 -7.24 7.48 -5.35
N ARG A 101 -6.87 7.40 -6.62
CA ARG A 101 -7.66 8.00 -7.70
C ARG A 101 -8.62 6.99 -8.30
N ARG A 102 -9.92 7.24 -8.17
CA ARG A 102 -10.94 6.35 -8.70
C ARG A 102 -11.81 7.07 -9.71
N GLY A 103 -11.71 6.67 -10.97
CA GLY A 103 -12.51 7.29 -12.02
C GLY A 103 -11.87 8.58 -12.54
N ASN A 104 -12.11 9.68 -11.83
CA ASN A 104 -11.55 10.97 -12.23
C ASN A 104 -11.52 11.93 -11.03
N GLU A 105 -11.20 11.39 -9.87
CA GLU A 105 -11.12 12.20 -8.66
C GLU A 105 -10.30 11.49 -7.58
N ASP A 106 -10.00 12.22 -6.51
CA ASP A 106 -9.22 11.66 -5.40
C ASP A 106 -10.13 11.23 -4.26
N ILE A 107 -10.06 9.94 -3.92
CA ILE A 107 -10.88 9.40 -2.85
C ILE A 107 -10.01 8.98 -1.65
N MET A 108 -10.40 9.42 -0.47
CA MET A 108 -9.67 9.10 0.75
C MET A 108 -10.03 7.70 1.24
N ILE A 109 -9.03 6.96 1.72
CA ILE A 109 -9.25 5.61 2.22
C ILE A 109 -8.75 5.48 3.65
N THR A 110 -9.67 5.58 4.62
CA THR A 110 -9.33 5.46 6.02
C THR A 110 -9.28 4.00 6.46
N VAL A 111 -8.09 3.57 6.88
CA VAL A 111 -7.91 2.19 7.33
C VAL A 111 -7.29 2.14 8.73
N ILE A 112 -7.72 1.17 9.53
CA ILE A 112 -7.20 1.02 10.88
C ILE A 112 -6.42 -0.28 11.03
N PRO A 113 -5.11 -0.23 10.72
CA PRO A 113 -4.23 -1.39 10.81
C PRO A 113 -3.97 -1.82 12.26
N GLU A 114 -4.11 -3.10 12.53
CA GLU A 114 -3.90 -3.64 13.87
C GLU A 114 -2.45 -4.06 14.06
N GLU A 115 -1.91 -3.79 15.25
CA GLU A 115 -0.53 -4.14 15.55
C GLU A 115 -0.41 -5.61 15.92
N ILE A 116 0.21 -6.39 15.04
CA ILE A 116 0.39 -7.82 15.27
C ILE A 116 1.85 -8.15 15.57
N ASP A 117 2.06 -9.21 16.33
CA ASP A 117 3.41 -9.64 16.69
C ASP A 117 4.28 -9.78 15.44
N PRO A 118 5.60 -9.77 15.64
CA PRO A 118 6.56 -9.91 14.55
C PRO A 118 6.57 -11.31 13.94
N GLY A 1 17.93 14.51 -14.68
CA GLY A 1 18.23 13.61 -13.56
C GLY A 1 17.03 12.80 -13.14
N SER A 2 17.03 12.33 -11.90
CA SER A 2 15.94 11.52 -11.37
C SER A 2 15.40 12.12 -10.08
N SER A 3 14.09 12.01 -9.89
CA SER A 3 13.44 12.54 -8.69
C SER A 3 12.62 11.46 -7.98
N GLY A 4 13.29 10.37 -7.59
CA GLY A 4 12.60 9.29 -6.91
C GLY A 4 13.56 8.26 -6.36
N SER A 5 14.38 8.68 -5.39
CA SER A 5 15.35 7.79 -4.76
C SER A 5 15.05 7.62 -3.28
N SER A 6 14.31 6.55 -2.96
CA SER A 6 13.95 6.27 -1.58
C SER A 6 14.42 4.88 -1.16
N GLY A 7 14.61 4.68 0.14
CA GLY A 7 15.05 3.39 0.64
C GLY A 7 15.07 3.32 2.15
N ARG A 8 14.03 2.72 2.72
CA ARG A 8 13.92 2.59 4.17
C ARG A 8 13.77 1.14 4.58
N GLN A 9 14.68 0.68 5.43
CA GLN A 9 14.64 -0.70 5.90
C GLN A 9 15.56 -0.89 7.11
N ALA A 10 16.79 -0.42 6.98
CA ALA A 10 17.77 -0.54 8.06
C ALA A 10 17.98 -2.00 8.45
N LYS A 11 18.77 -2.21 9.50
CA LYS A 11 19.06 -3.56 9.99
C LYS A 11 18.82 -3.66 11.49
N GLY A 12 18.28 -4.80 11.93
CA GLY A 12 18.02 -5.00 13.33
C GLY A 12 16.97 -4.04 13.87
N LYS A 13 15.76 -4.54 14.08
CA LYS A 13 14.68 -3.71 14.60
C LYS A 13 14.53 -3.90 16.10
N ALA A 14 13.50 -3.26 16.67
CA ALA A 14 13.25 -3.35 18.11
C ALA A 14 12.42 -4.58 18.43
N ILE A 15 11.97 -4.67 19.69
CA ILE A 15 11.16 -5.79 20.13
C ILE A 15 9.69 -5.40 20.25
N THR A 16 9.04 -5.24 19.10
CA THR A 16 7.63 -4.86 19.08
C THR A 16 6.88 -5.66 18.01
N LYS A 17 5.55 -5.53 18.01
CA LYS A 17 4.71 -6.23 17.05
C LYS A 17 4.74 -5.53 15.69
N LYS A 18 4.09 -6.15 14.71
CA LYS A 18 4.04 -5.58 13.36
C LYS A 18 2.60 -5.42 12.89
N LYS A 19 2.29 -4.26 12.34
CA LYS A 19 0.94 -3.97 11.84
C LYS A 19 0.61 -4.85 10.65
N TYR A 20 -0.67 -4.92 10.30
CA TYR A 20 -1.12 -5.74 9.18
C TYR A 20 -2.52 -5.31 8.73
N ILE A 21 -2.77 -5.43 7.43
CA ILE A 21 -4.06 -5.05 6.86
C ILE A 21 -4.44 -5.97 5.71
N GLY A 22 -3.73 -7.09 5.60
CA GLY A 22 -4.02 -8.04 4.53
C GLY A 22 -4.11 -7.38 3.17
N ILE A 23 -2.97 -7.08 2.58
CA ILE A 23 -2.92 -6.44 1.27
C ILE A 23 -1.66 -6.85 0.49
N ARG A 24 -1.84 -7.16 -0.78
CA ARG A 24 -0.73 -7.57 -1.63
C ARG A 24 -0.43 -6.51 -2.68
N MET A 25 0.83 -6.09 -2.75
CA MET A 25 1.25 -5.06 -3.71
C MET A 25 2.60 -5.43 -4.33
N MET A 26 2.85 -4.90 -5.51
CA MET A 26 4.11 -5.16 -6.21
C MET A 26 4.80 -3.86 -6.60
N SER A 27 6.12 -3.84 -6.48
CA SER A 27 6.90 -2.65 -6.82
C SER A 27 6.54 -2.15 -8.23
N LEU A 28 5.84 -1.01 -8.28
CA LEU A 28 5.44 -0.43 -9.56
C LEU A 28 6.64 0.17 -10.28
N THR A 29 6.80 -0.20 -11.55
CA THR A 29 7.90 0.29 -12.36
C THR A 29 7.40 1.17 -13.50
N SER A 30 8.29 1.96 -14.07
CA SER A 30 7.94 2.85 -15.17
C SER A 30 7.35 2.07 -16.33
N SER A 31 7.96 0.94 -16.66
CA SER A 31 7.50 0.09 -17.76
C SER A 31 6.18 -0.59 -17.39
N LYS A 32 6.09 -1.05 -16.15
CA LYS A 32 4.88 -1.72 -15.67
C LYS A 32 3.70 -0.77 -15.68
N ALA A 33 3.92 0.46 -15.23
CA ALA A 33 2.86 1.46 -15.18
C ALA A 33 2.44 1.88 -16.58
N LYS A 34 3.42 2.25 -17.40
CA LYS A 34 3.16 2.68 -18.77
C LYS A 34 2.37 1.60 -19.52
N GLU A 35 2.56 0.35 -19.13
CA GLU A 35 1.86 -0.75 -19.78
C GLU A 35 0.54 -1.05 -19.07
N LEU A 36 0.48 -0.71 -17.79
CA LEU A 36 -0.73 -0.94 -16.99
C LEU A 36 -1.90 -0.11 -17.54
N LYS A 37 -1.58 1.06 -18.06
CA LYS A 37 -2.61 1.95 -18.61
C LYS A 37 -2.97 1.53 -20.03
N ASP A 38 -1.97 1.15 -20.81
CA ASP A 38 -2.19 0.72 -22.19
C ASP A 38 -3.03 -0.54 -22.24
N ARG A 39 -2.98 -1.33 -21.17
CA ARG A 39 -3.74 -2.58 -21.09
C ARG A 39 -5.02 -2.38 -20.28
N HIS A 40 -4.89 -1.75 -19.12
CA HIS A 40 -6.03 -1.50 -18.26
C HIS A 40 -6.51 -0.06 -18.38
N ARG A 41 -7.55 0.14 -19.19
CA ARG A 41 -8.11 1.48 -19.40
C ARG A 41 -8.62 2.07 -18.09
N ASP A 42 -8.97 1.20 -17.15
CA ASP A 42 -9.48 1.63 -15.85
C ASP A 42 -8.40 2.37 -15.07
N PHE A 43 -7.15 2.01 -15.31
CA PHE A 43 -6.02 2.63 -14.63
C PHE A 43 -6.09 4.15 -14.74
N PRO A 44 -5.77 4.84 -13.64
CA PRO A 44 -5.79 6.30 -13.60
C PRO A 44 -4.67 6.92 -14.42
N ASP A 45 -4.49 8.23 -14.28
CA ASP A 45 -3.45 8.95 -15.01
C ASP A 45 -2.18 9.06 -14.18
N VAL A 46 -1.81 7.97 -13.52
CA VAL A 46 -0.62 7.95 -12.68
C VAL A 46 0.27 6.75 -13.03
N ILE A 47 1.53 6.82 -12.61
CA ILE A 47 2.48 5.74 -12.87
C ILE A 47 3.57 5.70 -11.81
N SER A 48 3.23 6.14 -10.59
CA SER A 48 4.18 6.15 -9.50
C SER A 48 3.46 6.03 -8.15
N GLY A 49 3.68 4.91 -7.48
CA GLY A 49 3.05 4.68 -6.19
C GLY A 49 3.02 3.21 -5.81
N ALA A 50 1.92 2.79 -5.18
CA ALA A 50 1.78 1.40 -4.76
C ALA A 50 0.62 0.73 -5.49
N TYR A 51 0.93 -0.32 -6.25
CA TYR A 51 -0.08 -1.05 -7.00
C TYR A 51 -0.64 -2.21 -6.18
N ILE A 52 -1.95 -2.24 -6.02
CA ILE A 52 -2.62 -3.29 -5.27
C ILE A 52 -3.01 -4.46 -6.17
N ILE A 53 -2.48 -5.64 -5.86
CA ILE A 53 -2.78 -6.83 -6.64
C ILE A 53 -3.96 -7.60 -6.05
N GLU A 54 -4.16 -7.46 -4.74
CA GLU A 54 -5.24 -8.14 -4.06
C GLU A 54 -5.29 -7.75 -2.58
N VAL A 55 -6.48 -7.46 -2.08
CA VAL A 55 -6.66 -7.08 -0.68
C VAL A 55 -7.38 -8.17 0.10
N ILE A 56 -6.64 -8.87 0.94
CA ILE A 56 -7.21 -9.95 1.75
C ILE A 56 -8.47 -9.48 2.47
N PRO A 57 -9.51 -10.31 2.45
CA PRO A 57 -10.79 -10.01 3.09
C PRO A 57 -10.69 -10.04 4.60
N ASP A 58 -11.69 -9.48 5.27
CA ASP A 58 -11.73 -9.44 6.73
C ASP A 58 -10.58 -8.60 7.27
N THR A 59 -10.15 -7.63 6.48
CA THR A 59 -9.06 -6.74 6.88
C THR A 59 -9.51 -5.28 6.91
N PRO A 60 -8.80 -4.46 7.70
CA PRO A 60 -9.11 -3.04 7.83
C PRO A 60 -8.79 -2.25 6.56
N ALA A 61 -8.17 -2.92 5.60
CA ALA A 61 -7.81 -2.28 4.34
C ALA A 61 -8.89 -2.53 3.28
N GLU A 62 -9.57 -3.66 3.40
CA GLU A 62 -10.62 -4.02 2.45
C GLU A 62 -11.87 -3.18 2.68
N ALA A 63 -12.20 -2.95 3.95
CA ALA A 63 -13.37 -2.16 4.30
C ALA A 63 -13.07 -0.67 4.23
N GLY A 64 -11.81 -0.32 4.46
CA GLY A 64 -11.41 1.08 4.42
C GLY A 64 -11.69 1.72 3.07
N GLY A 65 -11.48 0.97 2.00
CA GLY A 65 -11.71 1.48 0.67
C GLY A 65 -10.73 0.94 -0.34
N LEU A 66 -9.55 0.54 0.13
CA LEU A 66 -8.51 -0.01 -0.74
C LEU A 66 -9.01 -1.25 -1.48
N LYS A 67 -9.08 -1.15 -2.80
CA LYS A 67 -9.54 -2.27 -3.62
C LYS A 67 -8.45 -2.71 -4.60
N GLU A 68 -8.69 -3.83 -5.28
CA GLU A 68 -7.72 -4.35 -6.25
C GLU A 68 -7.55 -3.39 -7.41
N ASN A 69 -6.36 -3.40 -8.01
CA ASN A 69 -6.05 -2.53 -9.14
C ASN A 69 -6.12 -1.06 -8.72
N ASP A 70 -5.51 -0.74 -7.58
CA ASP A 70 -5.50 0.62 -7.07
C ASP A 70 -4.08 1.18 -7.07
N VAL A 71 -3.97 2.51 -6.97
CA VAL A 71 -2.69 3.17 -6.96
C VAL A 71 -2.68 4.34 -5.98
N ILE A 72 -1.95 4.18 -4.88
CA ILE A 72 -1.85 5.22 -3.86
C ILE A 72 -0.86 6.30 -4.28
N ILE A 73 -1.29 7.56 -4.21
CA ILE A 73 -0.45 8.68 -4.57
C ILE A 73 0.03 9.43 -3.33
N SER A 74 -0.72 9.32 -2.25
CA SER A 74 -0.37 9.98 -1.00
C SER A 74 -1.03 9.28 0.19
N ILE A 75 -0.43 9.45 1.36
CA ILE A 75 -0.95 8.83 2.58
C ILE A 75 -0.66 9.69 3.81
N ASN A 76 -1.71 10.03 4.55
CA ASN A 76 -1.57 10.84 5.75
C ASN A 76 -1.05 12.24 5.39
N GLY A 77 -1.30 12.66 4.16
CA GLY A 77 -0.86 13.97 3.72
C GLY A 77 0.58 13.96 3.20
N GLN A 78 1.05 12.78 2.83
CA GLN A 78 2.41 12.62 2.33
C GLN A 78 2.43 11.80 1.05
N SER A 79 2.89 12.41 -0.03
CA SER A 79 2.96 11.73 -1.32
C SER A 79 3.98 10.60 -1.29
N VAL A 80 3.55 9.41 -1.73
CA VAL A 80 4.42 8.24 -1.75
C VAL A 80 4.80 7.86 -3.17
N VAL A 81 5.90 7.14 -3.32
CA VAL A 81 6.37 6.70 -4.62
C VAL A 81 6.93 5.29 -4.57
N SER A 82 6.48 4.52 -3.59
CA SER A 82 6.94 3.14 -3.41
C SER A 82 6.00 2.37 -2.50
N ALA A 83 5.70 1.13 -2.89
CA ALA A 83 4.82 0.28 -2.10
C ALA A 83 5.38 0.04 -0.70
N ASN A 84 6.69 0.22 -0.56
CA ASN A 84 7.35 0.02 0.72
C ASN A 84 7.15 1.23 1.63
N ASP A 85 6.91 2.38 1.02
CA ASP A 85 6.69 3.61 1.78
C ASP A 85 5.29 3.65 2.37
N VAL A 86 4.31 3.22 1.57
CA VAL A 86 2.92 3.21 2.01
C VAL A 86 2.72 2.23 3.17
N SER A 87 3.61 1.26 3.27
CA SER A 87 3.53 0.27 4.34
C SER A 87 4.15 0.79 5.63
N ASP A 88 5.07 1.75 5.48
CA ASP A 88 5.75 2.34 6.63
C ASP A 88 4.75 3.11 7.50
N VAL A 89 3.87 3.85 6.86
CA VAL A 89 2.87 4.64 7.57
C VAL A 89 1.97 3.75 8.43
N ILE A 90 1.79 2.51 7.99
CA ILE A 90 0.97 1.56 8.72
C ILE A 90 1.45 1.39 10.16
N LYS A 91 2.76 1.23 10.32
CA LYS A 91 3.35 1.06 11.64
C LYS A 91 3.77 2.41 12.22
N ARG A 92 4.02 3.37 11.34
CA ARG A 92 4.43 4.71 11.76
C ARG A 92 3.27 5.44 12.45
N GLU A 93 2.17 5.60 11.72
CA GLU A 93 1.00 6.29 12.26
C GLU A 93 -0.14 5.31 12.50
N SER A 94 -0.96 5.60 13.50
CA SER A 94 -2.09 4.74 13.84
C SER A 94 -3.07 4.66 12.68
N THR A 95 -3.54 5.81 12.21
CA THR A 95 -4.49 5.87 11.10
C THR A 95 -3.76 5.94 9.76
N LEU A 96 -4.49 5.69 8.69
CA LEU A 96 -3.92 5.72 7.35
C LEU A 96 -4.85 6.46 6.38
N ASN A 97 -4.58 7.75 6.18
CA ASN A 97 -5.39 8.56 5.28
C ASN A 97 -4.83 8.51 3.86
N MET A 98 -5.08 7.41 3.17
CA MET A 98 -4.60 7.23 1.80
C MET A 98 -5.52 7.96 0.82
N VAL A 99 -5.00 8.24 -0.37
CA VAL A 99 -5.76 8.94 -1.40
C VAL A 99 -5.55 8.28 -2.77
N VAL A 100 -6.48 7.41 -3.16
CA VAL A 100 -6.39 6.73 -4.44
C VAL A 100 -7.30 7.39 -5.47
N ARG A 101 -6.93 7.27 -6.74
CA ARG A 101 -7.71 7.85 -7.82
C ARG A 101 -8.68 6.82 -8.41
N ARG A 102 -9.97 7.10 -8.30
CA ARG A 102 -10.99 6.19 -8.82
C ARG A 102 -12.01 6.95 -9.65
N GLY A 103 -11.84 6.92 -10.98
CA GLY A 103 -12.75 7.61 -11.86
C GLY A 103 -12.35 9.05 -12.11
N ASN A 104 -11.05 9.26 -12.31
CA ASN A 104 -10.53 10.61 -12.57
C ASN A 104 -10.80 11.52 -11.38
N GLU A 105 -10.91 10.92 -10.19
CA GLU A 105 -11.16 11.69 -8.98
C GLU A 105 -10.42 11.07 -7.79
N ASP A 106 -10.01 11.92 -6.85
CA ASP A 106 -9.30 11.46 -5.66
C ASP A 106 -10.29 10.98 -4.60
N ILE A 107 -9.95 9.88 -3.94
CA ILE A 107 -10.80 9.32 -2.90
C ILE A 107 -9.99 8.95 -1.66
N MET A 108 -10.43 9.43 -0.50
CA MET A 108 -9.74 9.14 0.76
C MET A 108 -10.05 7.74 1.24
N ILE A 109 -9.05 7.07 1.82
CA ILE A 109 -9.22 5.71 2.32
C ILE A 109 -8.62 5.57 3.72
N THR A 110 -9.47 5.66 4.74
CA THR A 110 -9.02 5.54 6.11
C THR A 110 -8.94 4.07 6.54
N VAL A 111 -7.75 3.65 6.95
CA VAL A 111 -7.54 2.27 7.38
C VAL A 111 -6.97 2.21 8.80
N ILE A 112 -7.41 1.22 9.57
CA ILE A 112 -6.94 1.06 10.94
C ILE A 112 -6.21 -0.26 11.11
N PRO A 113 -4.89 -0.24 10.87
CA PRO A 113 -4.04 -1.43 11.00
C PRO A 113 -3.86 -1.86 12.45
N GLU A 114 -3.82 -3.17 12.68
CA GLU A 114 -3.66 -3.70 14.02
C GLU A 114 -2.27 -4.33 14.19
N GLU A 115 -1.67 -4.12 15.35
CA GLU A 115 -0.34 -4.67 15.64
C GLU A 115 -0.43 -6.15 15.97
N ILE A 116 0.12 -6.98 15.10
CA ILE A 116 0.10 -8.42 15.30
C ILE A 116 1.50 -8.96 15.59
N ASP A 117 1.57 -10.04 16.37
CA ASP A 117 2.85 -10.64 16.72
C ASP A 117 3.69 -10.91 15.48
N PRO A 118 5.00 -11.07 15.68
CA PRO A 118 5.95 -11.33 14.58
C PRO A 118 5.77 -12.71 13.97
N GLY A 1 21.10 -41.12 21.66
CA GLY A 1 21.03 -39.95 22.53
C GLY A 1 21.64 -40.21 23.89
N SER A 2 22.46 -39.27 24.36
CA SER A 2 23.11 -39.40 25.66
C SER A 2 22.26 -38.77 26.76
N SER A 3 22.78 -38.80 27.98
CA SER A 3 22.06 -38.24 29.13
C SER A 3 22.35 -36.75 29.26
N GLY A 4 21.94 -35.99 28.25
CA GLY A 4 22.15 -34.55 28.28
C GLY A 4 20.86 -33.77 28.43
N SER A 5 20.04 -33.79 27.39
CA SER A 5 18.76 -33.07 27.41
C SER A 5 18.99 -31.57 27.55
N SER A 6 17.90 -30.82 27.74
CA SER A 6 17.98 -29.38 27.88
C SER A 6 16.82 -28.85 28.71
N GLY A 7 16.98 -27.64 29.24
CA GLY A 7 15.92 -27.04 30.05
C GLY A 7 14.77 -26.52 29.21
N ARG A 8 14.39 -25.27 29.45
CA ARG A 8 13.30 -24.65 28.72
C ARG A 8 13.72 -23.31 28.14
N GLN A 9 14.98 -23.22 27.70
CA GLN A 9 15.50 -22.00 27.13
C GLN A 9 15.49 -20.86 28.15
N ALA A 10 16.06 -19.73 27.77
CA ALA A 10 16.12 -18.56 28.66
C ALA A 10 16.47 -17.30 27.90
N LYS A 11 15.50 -16.40 27.78
CA LYS A 11 15.71 -15.14 27.07
C LYS A 11 14.56 -14.17 27.31
N GLY A 12 14.60 -13.03 26.66
CA GLY A 12 13.55 -12.03 26.82
C GLY A 12 13.37 -11.17 25.59
N LYS A 13 14.39 -10.41 25.25
CA LYS A 13 14.33 -9.53 24.08
C LYS A 13 13.24 -8.49 24.23
N ALA A 14 13.27 -7.46 23.37
CA ALA A 14 12.28 -6.41 23.41
C ALA A 14 10.90 -6.94 23.01
N ILE A 15 9.92 -6.04 22.95
CA ILE A 15 8.56 -6.41 22.58
C ILE A 15 8.01 -5.48 21.49
N THR A 16 8.31 -5.82 20.24
CA THR A 16 7.86 -5.02 19.11
C THR A 16 7.06 -5.87 18.12
N LYS A 17 5.87 -5.41 17.76
CA LYS A 17 5.02 -6.12 16.82
C LYS A 17 5.02 -5.44 15.47
N LYS A 18 4.27 -6.01 14.52
CA LYS A 18 4.18 -5.46 13.18
C LYS A 18 2.72 -5.31 12.75
N LYS A 19 2.38 -4.14 12.20
CA LYS A 19 1.03 -3.87 11.75
C LYS A 19 0.67 -4.75 10.56
N TYR A 20 -0.62 -4.82 10.25
CA TYR A 20 -1.10 -5.63 9.12
C TYR A 20 -2.49 -5.19 8.69
N ILE A 21 -2.78 -5.34 7.41
CA ILE A 21 -4.08 -4.97 6.86
C ILE A 21 -4.48 -5.89 5.71
N GLY A 22 -3.80 -7.03 5.61
CA GLY A 22 -4.11 -7.99 4.56
C GLY A 22 -4.19 -7.35 3.20
N ILE A 23 -3.03 -7.08 2.60
CA ILE A 23 -2.98 -6.47 1.28
C ILE A 23 -1.74 -6.90 0.53
N ARG A 24 -1.91 -7.17 -0.77
CA ARG A 24 -0.79 -7.61 -1.61
C ARG A 24 -0.48 -6.55 -2.68
N MET A 25 0.78 -6.12 -2.72
CA MET A 25 1.21 -5.12 -3.69
C MET A 25 2.56 -5.49 -4.29
N MET A 26 2.85 -4.95 -5.47
CA MET A 26 4.11 -5.23 -6.15
C MET A 26 4.80 -3.93 -6.55
N SER A 27 6.13 -3.91 -6.42
CA SER A 27 6.91 -2.73 -6.76
C SER A 27 6.57 -2.25 -8.17
N LEU A 28 5.88 -1.12 -8.25
CA LEU A 28 5.50 -0.54 -9.54
C LEU A 28 6.71 0.01 -10.28
N THR A 29 6.84 -0.37 -11.55
CA THR A 29 7.97 0.10 -12.37
C THR A 29 7.48 0.98 -13.50
N SER A 30 8.36 1.87 -13.97
CA SER A 30 8.03 2.79 -15.06
C SER A 30 7.55 2.01 -16.29
N SER A 31 8.09 0.80 -16.46
CA SER A 31 7.72 -0.04 -17.60
C SER A 31 6.41 -0.78 -17.33
N LYS A 32 6.13 -1.01 -16.06
CA LYS A 32 4.91 -1.70 -15.67
C LYS A 32 3.71 -0.77 -15.69
N ALA A 33 3.92 0.46 -15.24
CA ALA A 33 2.86 1.47 -15.21
C ALA A 33 2.46 1.88 -16.62
N LYS A 34 3.46 2.16 -17.45
CA LYS A 34 3.22 2.58 -18.83
C LYS A 34 2.44 1.51 -19.58
N GLU A 35 2.63 0.26 -19.21
CA GLU A 35 1.94 -0.86 -19.85
C GLU A 35 0.62 -1.15 -19.16
N LEU A 36 0.53 -0.81 -17.87
CA LEU A 36 -0.68 -1.03 -17.10
C LEU A 36 -1.81 -0.13 -17.59
N LYS A 37 -1.46 1.02 -18.12
CA LYS A 37 -2.44 1.97 -18.63
C LYS A 37 -2.90 1.58 -20.03
N ASP A 38 -1.94 1.18 -20.87
CA ASP A 38 -2.25 0.77 -22.23
C ASP A 38 -3.11 -0.49 -22.24
N ARG A 39 -2.99 -1.29 -21.19
CA ARG A 39 -3.76 -2.53 -21.08
C ARG A 39 -5.02 -2.32 -20.26
N HIS A 40 -4.87 -1.71 -19.09
CA HIS A 40 -5.99 -1.45 -18.20
C HIS A 40 -6.47 0.00 -18.34
N ARG A 41 -7.54 0.19 -19.10
CA ARG A 41 -8.09 1.52 -19.31
C ARG A 41 -8.61 2.11 -18.00
N ASP A 42 -8.96 1.24 -17.07
CA ASP A 42 -9.48 1.68 -15.78
C ASP A 42 -8.39 2.41 -14.99
N PHE A 43 -7.14 2.05 -15.24
CA PHE A 43 -6.01 2.67 -14.55
C PHE A 43 -6.09 4.19 -14.64
N PRO A 44 -5.76 4.87 -13.53
CA PRO A 44 -5.79 6.33 -13.45
C PRO A 44 -4.68 6.97 -14.28
N ASP A 45 -4.50 8.28 -14.12
CA ASP A 45 -3.48 9.01 -14.86
C ASP A 45 -2.19 9.10 -14.04
N VAL A 46 -1.81 7.99 -13.41
CA VAL A 46 -0.60 7.95 -12.60
C VAL A 46 0.27 6.75 -12.97
N ILE A 47 1.53 6.79 -12.57
CA ILE A 47 2.46 5.71 -12.86
C ILE A 47 3.56 5.65 -11.80
N SER A 48 3.24 6.06 -10.58
CA SER A 48 4.20 6.05 -9.49
C SER A 48 3.50 5.92 -8.14
N GLY A 49 3.77 4.83 -7.44
CA GLY A 49 3.15 4.60 -6.14
C GLY A 49 3.09 3.14 -5.77
N ALA A 50 1.99 2.73 -5.13
CA ALA A 50 1.82 1.35 -4.72
C ALA A 50 0.65 0.70 -5.46
N TYR A 51 0.94 -0.35 -6.22
CA TYR A 51 -0.09 -1.06 -6.98
C TYR A 51 -0.66 -2.21 -6.17
N ILE A 52 -1.98 -2.20 -5.99
CA ILE A 52 -2.66 -3.25 -5.23
C ILE A 52 -3.06 -4.40 -6.15
N ILE A 53 -2.54 -5.59 -5.85
CA ILE A 53 -2.85 -6.77 -6.64
C ILE A 53 -4.04 -7.53 -6.06
N GLU A 54 -4.26 -7.37 -4.75
CA GLU A 54 -5.36 -8.04 -4.07
C GLU A 54 -5.43 -7.63 -2.60
N VAL A 55 -6.63 -7.38 -2.12
CA VAL A 55 -6.83 -6.98 -0.73
C VAL A 55 -7.54 -8.07 0.06
N ILE A 56 -6.78 -8.76 0.92
CA ILE A 56 -7.34 -9.83 1.74
C ILE A 56 -8.60 -9.36 2.47
N PRO A 57 -9.64 -10.21 2.44
CA PRO A 57 -10.92 -9.91 3.09
C PRO A 57 -10.81 -9.93 4.61
N ASP A 58 -11.81 -9.37 5.28
CA ASP A 58 -11.83 -9.33 6.74
C ASP A 58 -10.67 -8.49 7.27
N THR A 59 -10.23 -7.52 6.48
CA THR A 59 -9.13 -6.65 6.88
C THR A 59 -9.57 -5.19 6.94
N PRO A 60 -8.85 -4.39 7.73
CA PRO A 60 -9.14 -2.96 7.89
C PRO A 60 -8.85 -2.16 6.63
N ALA A 61 -8.25 -2.81 5.64
CA ALA A 61 -7.91 -2.16 4.38
C ALA A 61 -9.01 -2.38 3.34
N GLU A 62 -9.60 -3.57 3.36
CA GLU A 62 -10.67 -3.91 2.42
C GLU A 62 -11.88 -3.02 2.63
N ALA A 63 -12.28 -2.86 3.88
CA ALA A 63 -13.43 -2.02 4.22
C ALA A 63 -13.09 -0.54 4.08
N GLY A 64 -11.85 -0.19 4.40
CA GLY A 64 -11.42 1.20 4.31
C GLY A 64 -11.68 1.79 2.95
N GLY A 65 -11.67 0.96 1.92
CA GLY A 65 -11.92 1.44 0.57
C GLY A 65 -10.89 0.93 -0.42
N LEU A 66 -9.76 0.43 0.09
CA LEU A 66 -8.70 -0.09 -0.75
C LEU A 66 -9.19 -1.28 -1.58
N LYS A 67 -9.23 -1.11 -2.89
CA LYS A 67 -9.68 -2.16 -3.79
C LYS A 67 -8.53 -2.62 -4.70
N GLU A 68 -8.75 -3.72 -5.41
CA GLU A 68 -7.74 -4.26 -6.32
C GLU A 68 -7.51 -3.32 -7.49
N ASN A 69 -6.31 -3.37 -8.06
CA ASN A 69 -5.96 -2.52 -9.19
C ASN A 69 -5.99 -1.05 -8.80
N ASP A 70 -5.52 -0.75 -7.59
CA ASP A 70 -5.50 0.62 -7.09
C ASP A 70 -4.08 1.18 -7.09
N VAL A 71 -3.96 2.49 -6.93
CA VAL A 71 -2.65 3.14 -6.91
C VAL A 71 -2.64 4.31 -5.93
N ILE A 72 -1.97 4.11 -4.80
CA ILE A 72 -1.88 5.15 -3.78
C ILE A 72 -0.86 6.22 -4.17
N ILE A 73 -1.27 7.48 -4.09
CA ILE A 73 -0.40 8.60 -4.42
C ILE A 73 0.06 9.34 -3.18
N SER A 74 -0.73 9.24 -2.11
CA SER A 74 -0.40 9.91 -0.85
C SER A 74 -1.06 9.20 0.32
N ILE A 75 -0.47 9.35 1.50
CA ILE A 75 -0.99 8.72 2.71
C ILE A 75 -0.71 9.57 3.94
N ASN A 76 -1.76 9.90 4.67
CA ASN A 76 -1.63 10.71 5.88
C ASN A 76 -1.08 12.10 5.55
N GLY A 77 -1.33 12.55 4.32
CA GLY A 77 -0.86 13.85 3.90
C GLY A 77 0.58 13.82 3.41
N GLN A 78 1.04 12.64 3.01
CA GLN A 78 2.40 12.47 2.53
C GLN A 78 2.42 11.68 1.23
N SER A 79 2.87 12.31 0.15
CA SER A 79 2.94 11.66 -1.16
C SER A 79 3.93 10.51 -1.13
N VAL A 80 3.51 9.35 -1.65
CA VAL A 80 4.36 8.18 -1.69
C VAL A 80 4.74 7.82 -3.13
N VAL A 81 5.86 7.12 -3.28
CA VAL A 81 6.34 6.72 -4.60
C VAL A 81 6.90 5.31 -4.57
N SER A 82 6.45 4.51 -3.61
CA SER A 82 6.91 3.13 -3.48
C SER A 82 6.01 2.36 -2.53
N ALA A 83 5.67 1.13 -2.92
CA ALA A 83 4.82 0.27 -2.11
C ALA A 83 5.42 0.06 -0.72
N ASN A 84 6.73 0.22 -0.62
CA ASN A 84 7.43 0.05 0.65
C ASN A 84 7.20 1.24 1.57
N ASP A 85 6.93 2.40 0.97
CA ASP A 85 6.70 3.61 1.73
C ASP A 85 5.30 3.62 2.34
N VAL A 86 4.31 3.20 1.55
CA VAL A 86 2.93 3.16 2.02
C VAL A 86 2.77 2.16 3.17
N SER A 87 3.67 1.19 3.22
CA SER A 87 3.63 0.17 4.26
C SER A 87 4.23 0.70 5.56
N ASP A 88 5.09 1.71 5.44
CA ASP A 88 5.74 2.30 6.61
C ASP A 88 4.72 3.06 7.46
N VAL A 89 3.94 3.92 6.80
CA VAL A 89 2.93 4.70 7.50
C VAL A 89 2.03 3.82 8.36
N ILE A 90 1.85 2.57 7.93
CA ILE A 90 1.02 1.63 8.65
C ILE A 90 1.50 1.46 10.09
N LYS A 91 2.81 1.28 10.26
CA LYS A 91 3.40 1.12 11.58
C LYS A 91 3.83 2.46 12.15
N ARG A 92 4.00 3.44 11.28
CA ARG A 92 4.42 4.78 11.70
C ARG A 92 3.26 5.52 12.39
N GLU A 93 2.14 5.64 11.68
CA GLU A 93 0.98 6.32 12.21
C GLU A 93 -0.16 5.33 12.49
N SER A 94 -0.98 5.64 13.48
CA SER A 94 -2.10 4.77 13.85
C SER A 94 -3.10 4.67 12.69
N THR A 95 -3.57 5.82 12.24
CA THR A 95 -4.53 5.86 11.14
C THR A 95 -3.82 5.92 9.79
N LEU A 96 -4.58 5.66 8.72
CA LEU A 96 -4.03 5.69 7.37
C LEU A 96 -4.95 6.45 6.43
N ASN A 97 -4.63 7.71 6.19
CA ASN A 97 -5.43 8.55 5.29
C ASN A 97 -4.88 8.51 3.88
N MET A 98 -5.11 7.39 3.19
CA MET A 98 -4.64 7.23 1.82
C MET A 98 -5.56 7.94 0.84
N VAL A 99 -5.04 8.23 -0.35
CA VAL A 99 -5.82 8.92 -1.38
C VAL A 99 -5.60 8.28 -2.76
N VAL A 100 -6.51 7.40 -3.15
CA VAL A 100 -6.40 6.72 -4.44
C VAL A 100 -7.27 7.41 -5.48
N ARG A 101 -6.88 7.29 -6.75
CA ARG A 101 -7.61 7.89 -7.85
C ARG A 101 -8.59 6.90 -8.46
N ARG A 102 -9.89 7.21 -8.38
CA ARG A 102 -10.91 6.34 -8.92
C ARG A 102 -11.76 7.08 -9.95
N GLY A 103 -11.80 6.56 -11.17
CA GLY A 103 -12.57 7.19 -12.22
C GLY A 103 -11.94 8.47 -12.73
N ASN A 104 -12.38 9.60 -12.19
CA ASN A 104 -11.85 10.89 -12.59
C ASN A 104 -11.75 11.84 -11.39
N GLU A 105 -11.39 11.29 -10.24
CA GLU A 105 -11.27 12.08 -9.03
C GLU A 105 -10.46 11.33 -7.97
N ASP A 106 -10.32 11.95 -6.80
CA ASP A 106 -9.56 11.34 -5.71
C ASP A 106 -10.49 10.97 -4.55
N ILE A 107 -10.20 9.86 -3.89
CA ILE A 107 -11.00 9.39 -2.77
C ILE A 107 -10.12 9.01 -1.57
N MET A 108 -10.55 9.41 -0.39
CA MET A 108 -9.80 9.11 0.83
C MET A 108 -10.12 7.70 1.33
N ILE A 109 -9.09 7.01 1.81
CA ILE A 109 -9.26 5.65 2.32
C ILE A 109 -8.70 5.51 3.73
N THR A 110 -9.57 5.60 4.72
CA THR A 110 -9.16 5.49 6.12
C THR A 110 -9.05 4.03 6.54
N VAL A 111 -7.85 3.62 6.93
CA VAL A 111 -7.61 2.25 7.37
C VAL A 111 -7.02 2.22 8.78
N ILE A 112 -7.43 1.22 9.56
CA ILE A 112 -6.95 1.07 10.92
C ILE A 112 -6.18 -0.24 11.10
N PRO A 113 -4.87 -0.19 10.84
CA PRO A 113 -4.00 -1.36 10.96
C PRO A 113 -3.80 -1.79 12.41
N GLU A 114 -3.75 -3.10 12.64
CA GLU A 114 -3.57 -3.63 13.98
C GLU A 114 -2.19 -4.27 14.13
N GLU A 115 -1.58 -4.07 15.30
CA GLU A 115 -0.25 -4.62 15.56
C GLU A 115 -0.33 -6.11 15.87
N ILE A 116 0.30 -6.92 15.03
CA ILE A 116 0.30 -8.36 15.22
C ILE A 116 1.71 -8.89 15.45
N ASP A 117 1.81 -9.99 16.20
CA ASP A 117 3.10 -10.60 16.50
C ASP A 117 3.91 -10.83 15.23
N PRO A 118 5.23 -10.98 15.38
CA PRO A 118 6.14 -11.21 14.25
C PRO A 118 5.95 -12.58 13.62
N GLY A 1 11.02 -1.48 -15.52
CA GLY A 1 11.78 -2.64 -15.94
C GLY A 1 11.55 -3.84 -15.04
N SER A 2 12.45 -4.04 -14.08
CA SER A 2 12.34 -5.17 -13.15
C SER A 2 13.10 -4.89 -11.87
N SER A 3 12.58 -5.38 -10.75
CA SER A 3 13.22 -5.18 -9.45
C SER A 3 12.95 -6.37 -8.53
N GLY A 4 11.67 -6.60 -8.24
CA GLY A 4 11.30 -7.70 -7.37
C GLY A 4 10.15 -7.34 -6.44
N SER A 5 9.32 -8.33 -6.13
CA SER A 5 8.17 -8.11 -5.25
C SER A 5 8.62 -8.06 -3.79
N SER A 6 7.65 -7.88 -2.89
CA SER A 6 7.93 -7.80 -1.47
C SER A 6 8.92 -6.68 -1.17
N GLY A 7 9.40 -6.64 0.07
CA GLY A 7 10.34 -5.61 0.47
C GLY A 7 10.38 -5.39 1.97
N ARG A 8 11.59 -5.35 2.53
CA ARG A 8 11.75 -5.16 3.96
C ARG A 8 13.23 -5.09 4.34
N GLN A 9 13.61 -4.04 5.06
CA GLN A 9 14.99 -3.86 5.48
C GLN A 9 15.19 -4.29 6.93
N ALA A 10 14.17 -4.07 7.75
CA ALA A 10 14.22 -4.44 9.17
C ALA A 10 15.38 -3.73 9.87
N LYS A 11 15.46 -3.92 11.18
CA LYS A 11 16.52 -3.30 11.97
C LYS A 11 16.99 -4.25 13.08
N GLY A 12 17.94 -3.79 13.88
CA GLY A 12 18.46 -4.59 14.96
C GLY A 12 18.55 -3.84 16.27
N LYS A 13 17.65 -2.87 16.46
CA LYS A 13 17.63 -2.07 17.68
C LYS A 13 16.20 -1.82 18.14
N ALA A 14 15.90 -2.21 19.38
CA ALA A 14 14.58 -2.03 19.94
C ALA A 14 13.52 -2.77 19.12
N ILE A 15 13.25 -4.01 19.51
CA ILE A 15 12.26 -4.82 18.81
C ILE A 15 10.85 -4.25 18.98
N THR A 16 10.09 -4.24 17.89
CA THR A 16 8.72 -3.72 17.91
C THR A 16 7.80 -4.54 17.01
N LYS A 17 6.53 -4.57 17.35
CA LYS A 17 5.54 -5.32 16.58
C LYS A 17 5.29 -4.65 15.23
N LYS A 18 4.52 -5.33 14.39
CA LYS A 18 4.20 -4.79 13.06
C LYS A 18 2.70 -4.85 12.81
N LYS A 19 2.20 -3.89 12.02
CA LYS A 19 0.78 -3.84 11.69
C LYS A 19 0.48 -4.67 10.45
N TYR A 20 -0.81 -4.95 10.22
CA TYR A 20 -1.22 -5.74 9.08
C TYR A 20 -2.62 -5.32 8.61
N ILE A 21 -2.88 -5.49 7.33
CA ILE A 21 -4.18 -5.13 6.76
C ILE A 21 -4.54 -6.06 5.60
N GLY A 22 -3.83 -7.19 5.50
CA GLY A 22 -4.10 -8.13 4.43
C GLY A 22 -4.16 -7.46 3.07
N ILE A 23 -3.00 -7.17 2.51
CA ILE A 23 -2.92 -6.53 1.20
C ILE A 23 -1.64 -6.92 0.47
N ARG A 24 -1.77 -7.16 -0.83
CA ARG A 24 -0.62 -7.54 -1.65
C ARG A 24 -0.33 -6.48 -2.70
N MET A 25 0.92 -6.02 -2.74
CA MET A 25 1.33 -5.00 -3.70
C MET A 25 2.70 -5.34 -4.29
N MET A 26 2.99 -4.78 -5.46
CA MET A 26 4.27 -5.03 -6.13
C MET A 26 4.95 -3.70 -6.48
N SER A 27 6.27 -3.74 -6.61
CA SER A 27 7.04 -2.55 -6.95
C SER A 27 6.65 -2.02 -8.32
N LEU A 28 5.95 -0.88 -8.33
CA LEU A 28 5.52 -0.26 -9.59
C LEU A 28 6.70 0.34 -10.33
N THR A 29 6.74 0.13 -11.64
CA THR A 29 7.81 0.65 -12.48
C THR A 29 7.26 1.47 -13.64
N SER A 30 8.07 2.40 -14.14
CA SER A 30 7.66 3.25 -15.25
C SER A 30 7.26 2.41 -16.46
N SER A 31 7.88 1.25 -16.59
CA SER A 31 7.60 0.35 -17.71
C SER A 31 6.28 -0.39 -17.49
N LYS A 32 6.18 -1.07 -16.36
CA LYS A 32 4.97 -1.82 -16.03
C LYS A 32 3.73 -0.92 -16.08
N ALA A 33 3.81 0.23 -15.41
CA ALA A 33 2.71 1.18 -15.39
C ALA A 33 2.29 1.56 -16.81
N LYS A 34 3.27 1.89 -17.64
CA LYS A 34 3.01 2.28 -19.03
C LYS A 34 2.13 1.24 -19.72
N GLU A 35 2.31 -0.02 -19.36
CA GLU A 35 1.53 -1.10 -19.95
C GLU A 35 0.21 -1.30 -19.21
N LEU A 36 0.20 -0.92 -17.94
CA LEU A 36 -1.00 -1.05 -17.12
C LEU A 36 -2.08 -0.08 -17.57
N LYS A 37 -1.66 1.09 -18.04
CA LYS A 37 -2.59 2.11 -18.52
C LYS A 37 -3.09 1.77 -19.92
N ASP A 38 -2.19 1.26 -20.75
CA ASP A 38 -2.54 0.89 -22.12
C ASP A 38 -3.37 -0.38 -22.14
N ARG A 39 -3.19 -1.23 -21.13
CA ARG A 39 -3.92 -2.49 -21.04
C ARG A 39 -5.18 -2.32 -20.20
N HIS A 40 -5.16 -1.35 -19.29
CA HIS A 40 -6.30 -1.09 -18.42
C HIS A 40 -6.67 0.39 -18.44
N ARG A 41 -7.64 0.75 -19.28
CA ARG A 41 -8.08 2.14 -19.39
C ARG A 41 -8.49 2.69 -18.03
N ASP A 42 -8.91 1.80 -17.13
CA ASP A 42 -9.32 2.19 -15.79
C ASP A 42 -8.18 2.83 -15.02
N PHE A 43 -6.96 2.36 -15.30
CA PHE A 43 -5.77 2.87 -14.63
C PHE A 43 -5.71 4.40 -14.74
N PRO A 44 -5.36 5.06 -13.62
CA PRO A 44 -5.25 6.51 -13.55
C PRO A 44 -4.07 7.05 -14.36
N ASP A 45 -3.79 8.34 -14.20
CA ASP A 45 -2.69 8.97 -14.90
C ASP A 45 -1.45 9.05 -14.02
N VAL A 46 -1.21 7.99 -13.26
CA VAL A 46 -0.06 7.92 -12.36
C VAL A 46 0.72 6.62 -12.56
N ILE A 47 2.04 6.72 -12.46
CA ILE A 47 2.90 5.55 -12.63
C ILE A 47 3.69 5.25 -11.36
N SER A 48 3.93 6.30 -10.57
CA SER A 48 4.68 6.15 -9.32
C SER A 48 3.73 5.95 -8.14
N GLY A 49 3.98 4.91 -7.36
CA GLY A 49 3.15 4.62 -6.21
C GLY A 49 3.04 3.13 -5.94
N ALA A 50 2.18 2.77 -4.99
CA ALA A 50 1.98 1.37 -4.63
C ALA A 50 0.81 0.77 -5.39
N TYR A 51 1.08 -0.30 -6.13
CA TYR A 51 0.04 -0.97 -6.91
C TYR A 51 -0.53 -2.15 -6.14
N ILE A 52 -1.85 -2.14 -5.97
CA ILE A 52 -2.54 -3.22 -5.26
C ILE A 52 -2.90 -4.36 -6.20
N ILE A 53 -2.36 -5.54 -5.92
CA ILE A 53 -2.63 -6.71 -6.74
C ILE A 53 -3.80 -7.52 -6.17
N GLU A 54 -4.01 -7.42 -4.86
CA GLU A 54 -5.07 -8.15 -4.20
C GLU A 54 -5.16 -7.77 -2.72
N VAL A 55 -6.38 -7.55 -2.24
CA VAL A 55 -6.60 -7.19 -0.84
C VAL A 55 -7.32 -8.30 -0.09
N ILE A 56 -6.58 -9.00 0.77
CA ILE A 56 -7.14 -10.08 1.55
C ILE A 56 -8.44 -9.65 2.24
N PRO A 57 -9.46 -10.51 2.17
CA PRO A 57 -10.77 -10.24 2.78
C PRO A 57 -10.70 -10.27 4.31
N ASP A 58 -11.75 -9.74 4.94
CA ASP A 58 -11.81 -9.70 6.41
C ASP A 58 -10.69 -8.85 6.98
N THR A 59 -10.23 -7.88 6.20
CA THR A 59 -9.17 -6.98 6.63
C THR A 59 -9.64 -5.54 6.68
N PRO A 60 -8.96 -4.73 7.50
CA PRO A 60 -9.30 -3.31 7.67
C PRO A 60 -8.99 -2.48 6.42
N ALA A 61 -8.33 -3.12 5.45
CA ALA A 61 -7.97 -2.45 4.20
C ALA A 61 -9.02 -2.70 3.12
N GLU A 62 -9.70 -3.84 3.22
CA GLU A 62 -10.72 -4.21 2.24
C GLU A 62 -12.00 -3.40 2.48
N ALA A 63 -12.32 -3.17 3.74
CA ALA A 63 -13.51 -2.41 4.11
C ALA A 63 -13.24 -0.91 4.11
N GLY A 64 -11.97 -0.55 4.31
CA GLY A 64 -11.59 0.86 4.33
C GLY A 64 -11.80 1.52 2.99
N GLY A 65 -11.51 0.80 1.91
CA GLY A 65 -11.67 1.35 0.58
C GLY A 65 -10.65 0.81 -0.40
N LEU A 66 -9.48 0.45 0.12
CA LEU A 66 -8.41 -0.10 -0.71
C LEU A 66 -8.88 -1.33 -1.47
N LYS A 67 -9.05 -1.19 -2.78
CA LYS A 67 -9.49 -2.29 -3.62
C LYS A 67 -8.39 -2.71 -4.59
N GLU A 68 -8.63 -3.79 -5.33
CA GLU A 68 -7.66 -4.29 -6.30
C GLU A 68 -7.50 -3.32 -7.45
N ASN A 69 -6.32 -3.34 -8.08
CA ASN A 69 -6.04 -2.46 -9.20
C ASN A 69 -6.08 -0.99 -8.77
N ASP A 70 -5.50 -0.71 -7.61
CA ASP A 70 -5.46 0.65 -7.09
C ASP A 70 -4.04 1.18 -7.03
N VAL A 71 -3.90 2.50 -6.96
CA VAL A 71 -2.59 3.13 -6.90
C VAL A 71 -2.59 4.30 -5.92
N ILE A 72 -1.84 4.15 -4.84
CA ILE A 72 -1.74 5.19 -3.82
C ILE A 72 -0.76 6.28 -4.24
N ILE A 73 -1.20 7.53 -4.12
CA ILE A 73 -0.35 8.67 -4.50
C ILE A 73 0.15 9.40 -3.26
N SER A 74 -0.59 9.26 -2.16
CA SER A 74 -0.22 9.93 -0.91
C SER A 74 -0.88 9.25 0.28
N ILE A 75 -0.29 9.40 1.46
CA ILE A 75 -0.82 8.80 2.67
C ILE A 75 -0.52 9.66 3.89
N ASN A 76 -1.58 10.01 4.63
CA ASN A 76 -1.43 10.83 5.82
C ASN A 76 -0.88 12.21 5.46
N GLY A 77 -1.13 12.64 4.23
CA GLY A 77 -0.65 13.94 3.79
C GLY A 77 0.78 13.90 3.30
N GLN A 78 1.24 12.71 2.92
CA GLN A 78 2.61 12.54 2.44
C GLN A 78 2.63 11.74 1.14
N SER A 79 3.16 12.34 0.09
CA SER A 79 3.24 11.68 -1.22
C SER A 79 4.24 10.54 -1.18
N VAL A 80 3.77 9.33 -1.49
CA VAL A 80 4.62 8.15 -1.51
C VAL A 80 5.09 7.82 -2.92
N VAL A 81 6.21 7.11 -3.02
CA VAL A 81 6.76 6.72 -4.31
C VAL A 81 7.29 5.28 -4.28
N SER A 82 6.74 4.48 -3.37
CA SER A 82 7.16 3.09 -3.25
C SER A 82 6.20 2.33 -2.33
N ALA A 83 5.90 1.09 -2.71
CA ALA A 83 5.01 0.25 -1.93
C ALA A 83 5.54 0.03 -0.52
N ASN A 84 6.86 0.15 -0.37
CA ASN A 84 7.50 -0.03 0.93
C ASN A 84 7.25 1.18 1.83
N ASP A 85 7.04 2.33 1.21
CA ASP A 85 6.78 3.55 1.96
C ASP A 85 5.38 3.58 2.53
N VAL A 86 4.41 3.17 1.71
CA VAL A 86 3.01 3.15 2.13
C VAL A 86 2.80 2.14 3.25
N SER A 87 3.68 1.15 3.32
CA SER A 87 3.58 0.12 4.35
C SER A 87 4.15 0.62 5.68
N ASP A 88 5.07 1.58 5.60
CA ASP A 88 5.69 2.15 6.79
C ASP A 88 4.67 2.93 7.62
N VAL A 89 3.83 3.69 6.93
CA VAL A 89 2.80 4.50 7.59
C VAL A 89 1.85 3.61 8.40
N ILE A 90 1.75 2.35 8.00
CA ILE A 90 0.88 1.40 8.70
C ILE A 90 1.36 1.15 10.12
N LYS A 91 2.66 1.00 10.28
CA LYS A 91 3.25 0.76 11.60
C LYS A 91 3.66 2.06 12.26
N ARG A 92 3.81 3.11 11.45
CA ARG A 92 4.19 4.42 11.96
C ARG A 92 3.01 5.11 12.63
N GLU A 93 1.94 5.31 11.86
CA GLU A 93 0.74 5.96 12.38
C GLU A 93 -0.36 4.94 12.64
N SER A 94 -1.21 5.23 13.64
CA SER A 94 -2.30 4.33 14.00
C SER A 94 -3.35 4.30 12.89
N THR A 95 -3.55 5.44 12.23
CA THR A 95 -4.53 5.54 11.16
C THR A 95 -3.86 5.45 9.79
N LEU A 96 -4.67 5.47 8.74
CA LEU A 96 -4.15 5.39 7.38
C LEU A 96 -5.01 6.22 6.42
N ASN A 97 -4.65 7.49 6.27
CA ASN A 97 -5.38 8.39 5.38
C ASN A 97 -4.82 8.34 3.97
N MET A 98 -5.09 7.25 3.27
CA MET A 98 -4.61 7.08 1.90
C MET A 98 -5.49 7.85 0.92
N VAL A 99 -4.95 8.12 -0.26
CA VAL A 99 -5.69 8.85 -1.29
C VAL A 99 -5.46 8.23 -2.66
N VAL A 100 -6.40 7.38 -3.08
CA VAL A 100 -6.31 6.72 -4.38
C VAL A 100 -7.22 7.38 -5.40
N ARG A 101 -6.85 7.29 -6.67
CA ARG A 101 -7.64 7.87 -7.75
C ARG A 101 -8.60 6.85 -8.34
N ARG A 102 -9.90 7.13 -8.23
CA ARG A 102 -10.91 6.22 -8.76
C ARG A 102 -11.93 6.99 -9.59
N GLY A 103 -11.78 6.96 -10.91
CA GLY A 103 -12.69 7.65 -11.79
C GLY A 103 -12.28 9.09 -12.03
N ASN A 104 -11.00 9.30 -12.32
CA ASN A 104 -10.48 10.64 -12.57
C ASN A 104 -10.75 11.56 -11.39
N GLU A 105 -10.86 10.97 -10.20
CA GLU A 105 -11.11 11.73 -8.99
C GLU A 105 -10.41 11.10 -7.79
N ASP A 106 -9.93 11.95 -6.88
CA ASP A 106 -9.24 11.47 -5.69
C ASP A 106 -10.24 10.99 -4.64
N ILE A 107 -9.90 9.90 -3.96
CA ILE A 107 -10.76 9.34 -2.93
C ILE A 107 -9.97 8.98 -1.68
N MET A 108 -10.44 9.43 -0.53
CA MET A 108 -9.78 9.15 0.74
C MET A 108 -10.11 7.74 1.23
N ILE A 109 -9.09 7.03 1.69
CA ILE A 109 -9.28 5.67 2.19
C ILE A 109 -8.73 5.53 3.61
N THR A 110 -9.63 5.60 4.59
CA THR A 110 -9.23 5.48 5.99
C THR A 110 -9.20 4.02 6.42
N VAL A 111 -8.04 3.57 6.90
CA VAL A 111 -7.87 2.20 7.34
C VAL A 111 -7.27 2.15 8.74
N ILE A 112 -7.73 1.19 9.55
CA ILE A 112 -7.24 1.03 10.91
C ILE A 112 -6.46 -0.27 11.06
N PRO A 113 -5.15 -0.22 10.78
CA PRO A 113 -4.27 -1.38 10.88
C PRO A 113 -4.04 -1.81 12.33
N GLU A 114 -4.18 -3.11 12.59
CA GLU A 114 -3.99 -3.64 13.93
C GLU A 114 -2.54 -4.06 14.14
N GLU A 115 -2.02 -3.79 15.34
CA GLU A 115 -0.65 -4.15 15.68
C GLU A 115 -0.53 -5.63 16.03
N ILE A 116 0.11 -6.39 15.15
CA ILE A 116 0.29 -7.82 15.37
C ILE A 116 1.75 -8.15 15.68
N ASP A 117 1.97 -9.22 16.44
CA ASP A 117 3.31 -9.64 16.79
C ASP A 117 4.19 -9.78 15.56
N PRO A 118 5.51 -9.76 15.77
CA PRO A 118 6.48 -9.88 14.68
C PRO A 118 6.50 -11.27 14.06
N GLY A 1 16.47 12.93 13.92
CA GLY A 1 16.50 13.24 15.34
C GLY A 1 17.87 13.69 15.81
N SER A 2 18.43 12.97 16.78
CA SER A 2 19.74 13.33 17.32
C SER A 2 20.77 12.26 16.97
N SER A 3 20.57 11.62 15.82
CA SER A 3 21.49 10.57 15.37
C SER A 3 22.34 11.06 14.20
N GLY A 4 23.10 10.15 13.60
CA GLY A 4 23.96 10.51 12.48
C GLY A 4 24.01 9.42 11.42
N SER A 5 22.96 9.34 10.61
CA SER A 5 22.89 8.33 9.55
C SER A 5 23.13 6.93 10.12
N SER A 6 22.16 6.43 10.86
CA SER A 6 22.27 5.11 11.47
C SER A 6 20.99 4.74 12.21
N GLY A 7 20.05 4.13 11.49
CA GLY A 7 18.79 3.74 12.10
C GLY A 7 18.19 2.50 11.44
N ARG A 8 19.03 1.52 11.14
CA ARG A 8 18.58 0.30 10.51
C ARG A 8 18.01 -0.67 11.54
N GLN A 9 17.30 -1.69 11.06
CA GLN A 9 16.70 -2.68 11.95
C GLN A 9 17.68 -3.81 12.24
N ALA A 10 17.90 -4.08 13.52
CA ALA A 10 18.81 -5.14 13.94
C ALA A 10 18.17 -6.04 14.99
N LYS A 11 18.79 -7.18 15.24
CA LYS A 11 18.28 -8.14 16.22
C LYS A 11 19.15 -8.14 17.47
N GLY A 12 18.82 -7.27 18.42
CA GLY A 12 19.57 -7.19 19.66
C GLY A 12 18.80 -7.74 20.85
N LYS A 13 18.13 -6.85 21.57
CA LYS A 13 17.35 -7.25 22.73
C LYS A 13 16.10 -6.38 22.89
N ALA A 14 15.56 -5.95 21.76
CA ALA A 14 14.36 -5.11 21.77
C ALA A 14 13.17 -5.86 21.18
N ILE A 15 11.98 -5.53 21.68
CA ILE A 15 10.75 -6.17 21.21
C ILE A 15 9.90 -5.19 20.41
N THR A 16 9.74 -5.47 19.12
CA THR A 16 8.94 -4.62 18.25
C THR A 16 7.88 -5.42 17.52
N LYS A 17 6.81 -4.75 17.10
CA LYS A 17 5.72 -5.40 16.39
C LYS A 17 5.44 -4.70 15.07
N LYS A 18 4.64 -5.34 14.22
CA LYS A 18 4.29 -4.77 12.93
C LYS A 18 2.78 -4.82 12.71
N LYS A 19 2.27 -3.88 11.91
CA LYS A 19 0.85 -3.80 11.62
C LYS A 19 0.50 -4.64 10.39
N TYR A 20 -0.78 -4.91 10.20
CA TYR A 20 -1.24 -5.70 9.07
C TYR A 20 -2.63 -5.27 8.63
N ILE A 21 -2.92 -5.46 7.35
CA ILE A 21 -4.22 -5.08 6.79
C ILE A 21 -4.63 -6.02 5.66
N GLY A 22 -3.96 -7.16 5.57
CA GLY A 22 -4.26 -8.11 4.53
C GLY A 22 -4.30 -7.48 3.15
N ILE A 23 -3.13 -7.23 2.59
CA ILE A 23 -3.04 -6.61 1.27
C ILE A 23 -1.78 -7.06 0.53
N ARG A 24 -1.90 -7.30 -0.76
CA ARG A 24 -0.78 -7.74 -1.58
C ARG A 24 -0.46 -6.72 -2.67
N MET A 25 0.75 -6.19 -2.65
CA MET A 25 1.18 -5.21 -3.63
C MET A 25 2.54 -5.57 -4.22
N MET A 26 2.84 -5.03 -5.39
CA MET A 26 4.12 -5.30 -6.05
C MET A 26 4.80 -4.00 -6.46
N SER A 27 6.13 -3.96 -6.33
CA SER A 27 6.90 -2.78 -6.68
C SER A 27 6.56 -2.31 -8.09
N LEU A 28 5.88 -1.17 -8.18
CA LEU A 28 5.49 -0.61 -9.47
C LEU A 28 6.70 0.00 -10.19
N THR A 29 6.83 -0.30 -11.48
CA THR A 29 7.94 0.22 -12.27
C THR A 29 7.43 1.17 -13.36
N SER A 30 8.35 1.96 -13.91
CA SER A 30 7.99 2.92 -14.95
C SER A 30 7.45 2.19 -16.18
N SER A 31 8.07 1.07 -16.53
CA SER A 31 7.65 0.29 -17.68
C SER A 31 6.35 -0.44 -17.39
N LYS A 32 6.18 -0.86 -16.14
CA LYS A 32 4.96 -1.57 -15.73
C LYS A 32 3.77 -0.62 -15.67
N ALA A 33 3.99 0.58 -15.14
CA ALA A 33 2.93 1.57 -15.04
C ALA A 33 2.49 2.06 -16.42
N LYS A 34 3.45 2.50 -17.22
CA LYS A 34 3.16 2.99 -18.56
C LYS A 34 2.37 1.96 -19.36
N GLU A 35 2.57 0.68 -19.03
CA GLU A 35 1.87 -0.39 -19.71
C GLU A 35 0.56 -0.74 -19.00
N LEU A 36 0.50 -0.45 -17.70
CA LEU A 36 -0.69 -0.72 -16.90
C LEU A 36 -1.86 0.13 -17.38
N LYS A 37 -1.55 1.29 -17.96
CA LYS A 37 -2.59 2.20 -18.45
C LYS A 37 -3.13 1.72 -19.79
N ASP A 38 -2.24 1.30 -20.67
CA ASP A 38 -2.63 0.81 -21.99
C ASP A 38 -3.33 -0.54 -21.89
N ARG A 39 -3.02 -1.28 -20.82
CA ARG A 39 -3.61 -2.60 -20.61
C ARG A 39 -4.87 -2.48 -19.73
N HIS A 40 -4.87 -1.51 -18.83
CA HIS A 40 -6.00 -1.30 -17.94
C HIS A 40 -6.52 0.13 -18.04
N ARG A 41 -7.66 0.28 -18.72
CA ARG A 41 -8.26 1.60 -18.90
C ARG A 41 -8.69 2.20 -17.56
N ASP A 42 -8.96 1.32 -16.60
CA ASP A 42 -9.38 1.77 -15.27
C ASP A 42 -8.26 2.51 -14.56
N PHE A 43 -7.02 2.17 -14.91
CA PHE A 43 -5.85 2.82 -14.31
C PHE A 43 -5.97 4.34 -14.38
N PRO A 44 -5.58 5.02 -13.30
CA PRO A 44 -5.62 6.47 -13.22
C PRO A 44 -4.59 7.14 -14.13
N ASP A 45 -4.43 8.44 -13.97
CA ASP A 45 -3.47 9.20 -14.77
C ASP A 45 -2.12 9.31 -14.04
N VAL A 46 -1.69 8.22 -13.45
CA VAL A 46 -0.42 8.19 -12.72
C VAL A 46 0.43 6.99 -13.14
N ILE A 47 1.68 6.98 -12.69
CA ILE A 47 2.59 5.89 -13.01
C ILE A 47 3.65 5.71 -11.94
N SER A 48 3.30 6.07 -10.71
CA SER A 48 4.23 5.97 -9.58
C SER A 48 3.47 5.84 -8.27
N GLY A 49 3.73 4.75 -7.55
CA GLY A 49 3.06 4.53 -6.28
C GLY A 49 3.01 3.06 -5.89
N ALA A 50 1.95 2.67 -5.20
CA ALA A 50 1.79 1.29 -4.78
C ALA A 50 0.63 0.63 -5.51
N TYR A 51 0.92 -0.44 -6.24
CA TYR A 51 -0.10 -1.16 -7.00
C TYR A 51 -0.67 -2.31 -6.17
N ILE A 52 -1.98 -2.29 -5.98
CA ILE A 52 -2.65 -3.34 -5.21
C ILE A 52 -3.07 -4.50 -6.10
N ILE A 53 -2.46 -5.66 -5.87
CA ILE A 53 -2.76 -6.84 -6.66
C ILE A 53 -3.99 -7.58 -6.10
N GLU A 54 -4.22 -7.42 -4.81
CA GLU A 54 -5.35 -8.06 -4.15
C GLU A 54 -5.44 -7.64 -2.68
N VAL A 55 -6.65 -7.49 -2.18
CA VAL A 55 -6.87 -7.10 -0.80
C VAL A 55 -7.60 -8.20 -0.02
N ILE A 56 -6.86 -8.90 0.83
CA ILE A 56 -7.44 -9.97 1.64
C ILE A 56 -8.71 -9.50 2.35
N PRO A 57 -9.75 -10.34 2.30
CA PRO A 57 -11.05 -10.04 2.93
C PRO A 57 -10.97 -10.07 4.45
N ASP A 58 -11.97 -9.51 5.11
CA ASP A 58 -12.01 -9.48 6.57
C ASP A 58 -10.85 -8.65 7.13
N THR A 59 -10.38 -7.69 6.34
CA THR A 59 -9.28 -6.83 6.75
C THR A 59 -9.71 -5.38 6.82
N PRO A 60 -8.99 -4.57 7.63
CA PRO A 60 -9.28 -3.15 7.80
C PRO A 60 -8.97 -2.34 6.55
N ALA A 61 -8.35 -2.99 5.56
CA ALA A 61 -8.00 -2.32 4.32
C ALA A 61 -9.09 -2.52 3.26
N GLU A 62 -9.69 -3.71 3.26
CA GLU A 62 -10.74 -4.03 2.31
C GLU A 62 -11.95 -3.12 2.50
N ALA A 63 -12.38 -2.98 3.76
CA ALA A 63 -13.53 -2.14 4.09
C ALA A 63 -13.18 -0.66 3.93
N GLY A 64 -11.95 -0.31 4.28
CA GLY A 64 -11.52 1.08 4.17
C GLY A 64 -11.79 1.66 2.80
N GLY A 65 -11.76 0.82 1.78
CA GLY A 65 -11.99 1.27 0.42
C GLY A 65 -10.95 0.76 -0.56
N LEU A 66 -9.81 0.34 -0.03
CA LEU A 66 -8.73 -0.18 -0.86
C LEU A 66 -9.21 -1.37 -1.69
N LYS A 67 -9.33 -1.16 -3.01
CA LYS A 67 -9.78 -2.21 -3.91
C LYS A 67 -8.66 -2.60 -4.87
N GLU A 68 -8.72 -3.83 -5.38
CA GLU A 68 -7.73 -4.32 -6.31
C GLU A 68 -7.52 -3.35 -7.47
N ASN A 69 -6.33 -3.38 -8.07
CA ASN A 69 -6.00 -2.50 -9.18
C ASN A 69 -6.05 -1.04 -8.75
N ASP A 70 -5.42 -0.74 -7.61
CA ASP A 70 -5.37 0.61 -7.09
C ASP A 70 -3.96 1.19 -7.18
N VAL A 71 -3.86 2.50 -7.03
CA VAL A 71 -2.57 3.18 -7.10
C VAL A 71 -2.49 4.33 -6.10
N ILE A 72 -1.84 4.08 -4.97
CA ILE A 72 -1.69 5.08 -3.93
C ILE A 72 -0.73 6.19 -4.36
N ILE A 73 -1.17 7.43 -4.25
CA ILE A 73 -0.35 8.57 -4.63
C ILE A 73 0.16 9.32 -3.40
N SER A 74 -0.58 9.20 -2.30
CA SER A 74 -0.21 9.87 -1.06
C SER A 74 -0.89 9.20 0.14
N ILE A 75 -0.29 9.37 1.31
CA ILE A 75 -0.84 8.78 2.53
C ILE A 75 -0.53 9.65 3.75
N ASN A 76 -1.58 10.01 4.49
CA ASN A 76 -1.42 10.84 5.67
C ASN A 76 -0.88 12.22 5.30
N GLY A 77 -1.14 12.64 4.06
CA GLY A 77 -0.67 13.93 3.61
C GLY A 77 0.76 13.90 3.12
N GLN A 78 1.22 12.71 2.75
CA GLN A 78 2.59 12.54 2.25
C GLN A 78 2.60 11.71 0.96
N SER A 79 3.12 12.31 -0.10
CA SER A 79 3.20 11.64 -1.39
C SER A 79 4.18 10.47 -1.34
N VAL A 80 3.74 9.31 -1.82
CA VAL A 80 4.58 8.11 -1.82
C VAL A 80 4.96 7.72 -3.25
N VAL A 81 6.06 7.00 -3.38
CA VAL A 81 6.53 6.56 -4.69
C VAL A 81 7.07 5.13 -4.62
N SER A 82 6.60 4.37 -3.65
CA SER A 82 7.04 2.99 -3.47
C SER A 82 6.10 2.23 -2.53
N ALA A 83 5.75 1.01 -2.92
CA ALA A 83 4.86 0.18 -2.12
C ALA A 83 5.43 -0.04 -0.72
N ASN A 84 6.74 0.08 -0.59
CA ASN A 84 7.41 -0.11 0.70
C ASN A 84 7.20 1.11 1.60
N ASP A 85 6.97 2.25 0.99
CA ASP A 85 6.75 3.49 1.73
C ASP A 85 5.33 3.52 2.33
N VAL A 86 4.35 3.14 1.52
CA VAL A 86 2.97 3.13 1.96
C VAL A 86 2.76 2.14 3.10
N SER A 87 3.63 1.14 3.18
CA SER A 87 3.54 0.12 4.21
C SER A 87 4.14 0.63 5.52
N ASP A 88 5.06 1.60 5.41
CA ASP A 88 5.71 2.17 6.58
C ASP A 88 4.70 2.95 7.43
N VAL A 89 3.84 3.71 6.76
CA VAL A 89 2.83 4.51 7.45
C VAL A 89 1.91 3.63 8.28
N ILE A 90 1.78 2.37 7.87
CA ILE A 90 0.92 1.42 8.59
C ILE A 90 1.40 1.20 10.01
N LYS A 91 2.71 1.04 10.16
CA LYS A 91 3.31 0.82 11.48
C LYS A 91 3.73 2.14 12.10
N ARG A 92 3.92 3.16 11.27
CA ARG A 92 4.32 4.47 11.74
C ARG A 92 3.16 5.19 12.43
N GLU A 93 2.06 5.38 11.70
CA GLU A 93 0.88 6.04 12.24
C GLU A 93 -0.22 5.03 12.54
N SER A 94 -1.04 5.33 13.55
CA SER A 94 -2.12 4.45 13.94
C SER A 94 -3.19 4.38 12.84
N THR A 95 -3.46 5.52 12.22
CA THR A 95 -4.46 5.59 11.16
C THR A 95 -3.79 5.53 9.78
N LEU A 96 -4.62 5.45 8.74
CA LEU A 96 -4.11 5.39 7.37
C LEU A 96 -4.97 6.22 6.43
N ASN A 97 -4.60 7.47 6.25
CA ASN A 97 -5.34 8.37 5.36
C ASN A 97 -4.78 8.34 3.94
N MET A 98 -5.02 7.24 3.24
CA MET A 98 -4.54 7.08 1.87
C MET A 98 -5.45 7.83 0.90
N VAL A 99 -4.91 8.12 -0.29
CA VAL A 99 -5.66 8.83 -1.32
C VAL A 99 -5.45 8.20 -2.69
N VAL A 100 -6.39 7.34 -3.08
CA VAL A 100 -6.32 6.67 -4.37
C VAL A 100 -7.26 7.32 -5.38
N ARG A 101 -6.91 7.22 -6.66
CA ARG A 101 -7.73 7.79 -7.72
C ARG A 101 -8.68 6.74 -8.30
N ARG A 102 -9.98 6.99 -8.16
CA ARG A 102 -11.00 6.07 -8.65
C ARG A 102 -11.71 6.66 -9.86
N GLY A 103 -11.41 6.13 -11.05
CA GLY A 103 -12.03 6.61 -12.26
C GLY A 103 -11.44 7.92 -12.72
N ASN A 104 -11.89 9.02 -12.12
CA ASN A 104 -11.40 10.35 -12.47
C ASN A 104 -11.54 11.32 -11.31
N GLU A 105 -11.34 10.81 -10.09
CA GLU A 105 -11.44 11.64 -8.89
C GLU A 105 -10.59 11.05 -7.76
N ASP A 106 -10.19 11.91 -6.84
CA ASP A 106 -9.38 11.50 -5.70
C ASP A 106 -10.25 11.15 -4.51
N ILE A 107 -10.11 9.91 -4.01
CA ILE A 107 -10.88 9.46 -2.87
C ILE A 107 -9.97 9.05 -1.72
N MET A 108 -10.39 9.38 -0.50
CA MET A 108 -9.61 9.03 0.69
C MET A 108 -9.99 7.65 1.22
N ILE A 109 -9.00 6.91 1.69
CA ILE A 109 -9.24 5.58 2.23
C ILE A 109 -8.71 5.45 3.65
N THR A 110 -9.60 5.59 4.63
CA THR A 110 -9.22 5.50 6.03
C THR A 110 -9.17 4.04 6.48
N VAL A 111 -7.97 3.58 6.85
CA VAL A 111 -7.79 2.21 7.31
C VAL A 111 -7.16 2.17 8.70
N ILE A 112 -7.65 1.26 9.53
CA ILE A 112 -7.13 1.12 10.89
C ILE A 112 -6.35 -0.17 11.06
N PRO A 113 -5.04 -0.12 10.74
CA PRO A 113 -4.17 -1.29 10.85
C PRO A 113 -3.90 -1.70 12.30
N GLU A 114 -4.07 -2.98 12.59
CA GLU A 114 -3.86 -3.50 13.93
C GLU A 114 -2.41 -3.94 14.12
N GLU A 115 -1.86 -3.65 15.30
CA GLU A 115 -0.48 -4.01 15.61
C GLU A 115 -0.38 -5.49 16.00
N ILE A 116 0.22 -6.29 15.12
CA ILE A 116 0.38 -7.71 15.37
C ILE A 116 1.83 -8.06 15.66
N ASP A 117 2.04 -9.11 16.44
CA ASP A 117 3.38 -9.55 16.81
C ASP A 117 4.24 -9.75 15.56
N PRO A 118 5.57 -9.64 15.73
CA PRO A 118 6.52 -9.81 14.63
C PRO A 118 6.59 -11.25 14.14
N GLY A 1 30.36 -30.95 4.10
CA GLY A 1 30.60 -32.07 4.98
C GLY A 1 29.44 -32.29 5.95
N SER A 2 28.69 -31.23 6.24
CA SER A 2 27.57 -31.32 7.15
C SER A 2 27.99 -31.93 8.48
N SER A 3 28.87 -31.24 9.20
CA SER A 3 29.36 -31.72 10.49
C SER A 3 28.75 -30.91 11.63
N GLY A 4 27.70 -31.45 12.22
CA GLY A 4 27.03 -30.78 13.33
C GLY A 4 25.77 -30.06 12.89
N SER A 5 24.67 -30.34 13.59
CA SER A 5 23.39 -29.73 13.27
C SER A 5 22.66 -29.29 14.54
N SER A 6 23.23 -28.31 15.23
CA SER A 6 22.64 -27.82 16.47
C SER A 6 21.44 -26.92 16.17
N GLY A 7 20.62 -26.68 17.19
CA GLY A 7 19.45 -25.85 17.02
C GLY A 7 18.41 -26.08 18.10
N ARG A 8 18.83 -26.01 19.36
CA ARG A 8 17.93 -26.22 20.48
C ARG A 8 18.47 -25.56 21.75
N GLN A 9 18.47 -24.23 21.75
CA GLN A 9 18.95 -23.47 22.89
C GLN A 9 18.01 -22.31 23.23
N ALA A 10 18.29 -21.63 24.33
CA ALA A 10 17.47 -20.51 24.77
C ALA A 10 17.92 -19.21 24.12
N LYS A 11 17.00 -18.26 23.95
CA LYS A 11 17.32 -16.98 23.35
C LYS A 11 16.27 -15.93 23.71
N GLY A 12 16.72 -14.71 23.99
CA GLY A 12 15.80 -13.65 24.35
C GLY A 12 15.63 -12.63 23.23
N LYS A 13 14.39 -12.19 23.03
CA LYS A 13 14.09 -11.22 21.99
C LYS A 13 12.63 -10.80 22.05
N ALA A 14 12.37 -9.60 22.58
CA ALA A 14 11.02 -9.08 22.68
C ALA A 14 10.78 -7.97 21.67
N ILE A 15 10.78 -8.32 20.39
CA ILE A 15 10.58 -7.35 19.33
C ILE A 15 9.11 -6.90 19.28
N THR A 16 8.91 -5.62 19.02
CA THR A 16 7.55 -5.06 18.95
C THR A 16 6.73 -5.75 17.87
N LYS A 17 5.41 -5.63 17.96
CA LYS A 17 4.52 -6.23 16.99
C LYS A 17 4.55 -5.47 15.67
N LYS A 18 4.01 -6.08 14.62
CA LYS A 18 3.96 -5.46 13.30
C LYS A 18 2.53 -5.30 12.81
N LYS A 19 2.20 -4.12 12.32
CA LYS A 19 0.87 -3.84 11.82
C LYS A 19 0.56 -4.68 10.58
N TYR A 20 -0.72 -4.87 10.30
CA TYR A 20 -1.15 -5.66 9.15
C TYR A 20 -2.54 -5.25 8.70
N ILE A 21 -2.82 -5.41 7.41
CA ILE A 21 -4.12 -5.06 6.85
C ILE A 21 -4.49 -5.99 5.70
N GLY A 22 -3.78 -7.12 5.61
CA GLY A 22 -4.05 -8.08 4.54
C GLY A 22 -4.14 -7.42 3.18
N ILE A 23 -2.99 -7.11 2.59
CA ILE A 23 -2.95 -6.48 1.28
C ILE A 23 -1.68 -6.87 0.53
N ARG A 24 -1.84 -7.20 -0.75
CA ARG A 24 -0.71 -7.60 -1.59
C ARG A 24 -0.42 -6.54 -2.64
N MET A 25 0.84 -6.13 -2.73
CA MET A 25 1.25 -5.12 -3.71
C MET A 25 2.61 -5.47 -4.31
N MET A 26 2.87 -4.95 -5.51
CA MET A 26 4.14 -5.20 -6.18
C MET A 26 4.82 -3.89 -6.58
N SER A 27 6.14 -3.87 -6.46
CA SER A 27 6.91 -2.68 -6.79
C SER A 27 6.56 -2.16 -8.18
N LEU A 28 5.86 -1.04 -8.24
CA LEU A 28 5.45 -0.45 -9.51
C LEU A 28 6.65 0.17 -10.22
N THR A 29 6.82 -0.17 -11.50
CA THR A 29 7.92 0.35 -12.29
C THR A 29 7.40 1.23 -13.44
N SER A 30 8.23 2.19 -13.84
CA SER A 30 7.85 3.10 -14.93
C SER A 30 7.51 2.32 -16.20
N SER A 31 8.09 1.13 -16.33
CA SER A 31 7.84 0.29 -17.50
C SER A 31 6.57 -0.53 -17.32
N LYS A 32 6.24 -0.84 -16.07
CA LYS A 32 5.05 -1.61 -15.76
C LYS A 32 3.80 -0.73 -15.80
N ALA A 33 3.90 0.45 -15.21
CA ALA A 33 2.79 1.38 -15.18
C ALA A 33 2.38 1.80 -16.59
N LYS A 34 3.36 2.21 -17.39
CA LYS A 34 3.11 2.63 -18.76
C LYS A 34 2.31 1.57 -19.52
N GLU A 35 2.52 0.31 -19.16
CA GLU A 35 1.82 -0.80 -19.80
C GLU A 35 0.51 -1.11 -19.08
N LEU A 36 0.46 -0.78 -17.80
CA LEU A 36 -0.73 -1.03 -16.99
C LEU A 36 -1.92 -0.22 -17.51
N LYS A 37 -1.62 0.96 -18.04
CA LYS A 37 -2.66 1.84 -18.58
C LYS A 37 -3.07 1.41 -19.98
N ASP A 38 -2.07 1.22 -20.84
CA ASP A 38 -2.33 0.80 -22.22
C ASP A 38 -3.14 -0.48 -22.25
N ARG A 39 -3.04 -1.28 -21.19
CA ARG A 39 -3.76 -2.54 -21.11
C ARG A 39 -5.04 -2.38 -20.30
N HIS A 40 -4.91 -1.79 -19.11
CA HIS A 40 -6.06 -1.59 -18.23
C HIS A 40 -6.57 -0.15 -18.34
N ARG A 41 -7.59 0.06 -19.16
CA ARG A 41 -8.17 1.37 -19.36
C ARG A 41 -8.67 1.95 -18.04
N ASP A 42 -9.00 1.07 -17.11
CA ASP A 42 -9.50 1.49 -15.80
C ASP A 42 -8.43 2.24 -15.03
N PHE A 43 -7.17 1.89 -15.28
CA PHE A 43 -6.05 2.53 -14.60
C PHE A 43 -6.13 4.06 -14.74
N PRO A 44 -5.82 4.76 -13.64
CA PRO A 44 -5.85 6.23 -13.60
C PRO A 44 -4.75 6.85 -14.44
N ASP A 45 -4.57 8.16 -14.31
CA ASP A 45 -3.55 8.88 -15.06
C ASP A 45 -2.26 9.00 -14.25
N VAL A 46 -1.89 7.92 -13.58
CA VAL A 46 -0.69 7.91 -12.76
C VAL A 46 0.20 6.71 -13.09
N ILE A 47 1.46 6.78 -12.67
CA ILE A 47 2.41 5.69 -12.92
C ILE A 47 3.49 5.65 -11.86
N SER A 48 3.15 6.08 -10.65
CA SER A 48 4.09 6.09 -9.54
C SER A 48 3.36 5.95 -8.21
N GLY A 49 3.59 4.82 -7.54
CA GLY A 49 2.95 4.59 -6.26
C GLY A 49 2.91 3.12 -5.90
N ALA A 50 1.90 2.72 -5.14
CA ALA A 50 1.74 1.33 -4.73
C ALA A 50 0.59 0.65 -5.48
N TYR A 51 0.92 -0.40 -6.23
CA TYR A 51 -0.07 -1.14 -6.99
C TYR A 51 -0.64 -2.30 -6.18
N ILE A 52 -1.96 -2.31 -6.01
CA ILE A 52 -2.62 -3.36 -5.26
C ILE A 52 -3.00 -4.52 -6.16
N ILE A 53 -2.48 -5.71 -5.86
CA ILE A 53 -2.77 -6.90 -6.66
C ILE A 53 -3.94 -7.67 -6.06
N GLU A 54 -4.11 -7.56 -4.75
CA GLU A 54 -5.20 -8.26 -4.07
C GLU A 54 -5.26 -7.85 -2.60
N VAL A 55 -6.47 -7.59 -2.12
CA VAL A 55 -6.66 -7.20 -0.72
C VAL A 55 -7.37 -8.29 0.07
N ILE A 56 -6.62 -8.99 0.92
CA ILE A 56 -7.17 -10.06 1.73
C ILE A 56 -8.45 -9.60 2.44
N PRO A 57 -9.48 -10.46 2.41
CA PRO A 57 -10.77 -10.17 3.05
C PRO A 57 -10.68 -10.18 4.57
N ASP A 58 -11.70 -9.64 5.22
CA ASP A 58 -11.74 -9.60 6.68
C ASP A 58 -10.61 -8.72 7.22
N THR A 59 -10.18 -7.76 6.42
CA THR A 59 -9.11 -6.85 6.82
C THR A 59 -9.59 -5.40 6.83
N PRO A 60 -8.90 -4.56 7.62
CA PRO A 60 -9.24 -3.14 7.75
C PRO A 60 -8.92 -2.36 6.47
N ALA A 61 -8.28 -3.02 5.52
CA ALA A 61 -7.91 -2.39 4.26
C ALA A 61 -8.97 -2.66 3.20
N GLU A 62 -9.65 -3.80 3.32
CA GLU A 62 -10.69 -4.18 2.37
C GLU A 62 -11.95 -3.36 2.58
N ALA A 63 -12.28 -3.08 3.84
CA ALA A 63 -13.46 -2.30 4.18
C ALA A 63 -13.16 -0.80 4.14
N GLY A 64 -11.89 -0.46 4.35
CA GLY A 64 -11.50 0.94 4.34
C GLY A 64 -11.73 1.60 3.00
N GLY A 65 -11.48 0.84 1.93
CA GLY A 65 -11.66 1.39 0.59
C GLY A 65 -10.64 0.85 -0.39
N LEU A 66 -9.48 0.46 0.12
CA LEU A 66 -8.41 -0.08 -0.72
C LEU A 66 -8.88 -1.32 -1.46
N LYS A 67 -9.10 -1.18 -2.76
CA LYS A 67 -9.55 -2.30 -3.60
C LYS A 67 -8.45 -2.72 -4.57
N GLU A 68 -8.68 -3.84 -5.26
CA GLU A 68 -7.71 -4.35 -6.22
C GLU A 68 -7.55 -3.37 -7.39
N ASN A 69 -6.37 -3.40 -8.00
CA ASN A 69 -6.08 -2.51 -9.13
C ASN A 69 -6.13 -1.05 -8.71
N ASP A 70 -5.53 -0.75 -7.56
CA ASP A 70 -5.49 0.61 -7.04
C ASP A 70 -4.08 1.17 -7.06
N VAL A 71 -3.96 2.49 -6.98
CA VAL A 71 -2.67 3.15 -6.98
C VAL A 71 -2.63 4.31 -5.99
N ILE A 72 -1.84 4.17 -4.94
CA ILE A 72 -1.71 5.21 -3.93
C ILE A 72 -0.75 6.30 -4.37
N ILE A 73 -1.20 7.55 -4.30
CA ILE A 73 -0.38 8.68 -4.70
C ILE A 73 0.13 9.44 -3.48
N SER A 74 -0.60 9.35 -2.37
CA SER A 74 -0.22 10.02 -1.14
C SER A 74 -0.92 9.38 0.07
N ILE A 75 -0.31 9.55 1.24
CA ILE A 75 -0.88 8.99 2.46
C ILE A 75 -0.55 9.87 3.66
N ASN A 76 -1.57 10.26 4.41
CA ASN A 76 -1.39 11.10 5.59
C ASN A 76 -0.82 12.46 5.20
N GLY A 77 -1.09 12.88 3.97
CA GLY A 77 -0.59 14.17 3.51
C GLY A 77 0.84 14.09 3.02
N GLN A 78 1.28 12.88 2.65
CA GLN A 78 2.63 12.67 2.18
C GLN A 78 2.64 11.84 0.89
N SER A 79 3.16 12.43 -0.19
CA SER A 79 3.21 11.75 -1.47
C SER A 79 4.19 10.58 -1.43
N VAL A 80 3.74 9.42 -1.88
CA VAL A 80 4.58 8.22 -1.90
C VAL A 80 4.92 7.80 -3.32
N VAL A 81 6.01 7.05 -3.47
CA VAL A 81 6.45 6.58 -4.78
C VAL A 81 6.94 5.14 -4.71
N SER A 82 6.45 4.41 -3.72
CA SER A 82 6.85 3.01 -3.54
C SER A 82 5.91 2.30 -2.58
N ALA A 83 5.58 1.05 -2.89
CA ALA A 83 4.69 0.26 -2.06
C ALA A 83 5.27 0.07 -0.66
N ASN A 84 6.59 0.18 -0.55
CA ASN A 84 7.27 0.02 0.73
C ASN A 84 7.07 1.25 1.61
N ASP A 85 6.82 2.40 0.97
CA ASP A 85 6.62 3.64 1.70
C ASP A 85 5.22 3.69 2.29
N VAL A 86 4.22 3.32 1.50
CA VAL A 86 2.83 3.32 1.95
C VAL A 86 2.64 2.35 3.11
N SER A 87 3.50 1.35 3.19
CA SER A 87 3.42 0.35 4.26
C SER A 87 4.05 0.88 5.54
N ASP A 88 4.94 1.86 5.40
CA ASP A 88 5.61 2.46 6.56
C ASP A 88 4.61 3.17 7.46
N VAL A 89 3.76 3.99 6.86
CA VAL A 89 2.75 4.73 7.61
C VAL A 89 1.91 3.80 8.47
N ILE A 90 1.79 2.55 8.03
CA ILE A 90 1.01 1.56 8.76
C ILE A 90 1.57 1.33 10.15
N LYS A 91 2.90 1.18 10.23
CA LYS A 91 3.57 0.97 11.51
C LYS A 91 3.98 2.29 12.15
N ARG A 92 4.00 3.36 11.34
CA ARG A 92 4.37 4.68 11.83
C ARG A 92 3.20 5.33 12.55
N GLU A 93 2.07 5.46 11.85
CA GLU A 93 0.88 6.07 12.42
C GLU A 93 -0.21 5.03 12.65
N SER A 94 -1.04 5.25 13.66
CA SER A 94 -2.12 4.34 14.00
C SER A 94 -3.19 4.34 12.91
N THR A 95 -3.37 5.49 12.27
CA THR A 95 -4.35 5.62 11.21
C THR A 95 -3.70 5.56 9.83
N LEU A 96 -4.52 5.55 8.78
CA LEU A 96 -4.02 5.49 7.42
C LEU A 96 -4.90 6.30 6.48
N ASN A 97 -4.51 7.55 6.26
CA ASN A 97 -5.26 8.45 5.39
C ASN A 97 -4.69 8.41 3.96
N MET A 98 -4.95 7.31 3.26
CA MET A 98 -4.47 7.16 1.89
C MET A 98 -5.37 7.90 0.91
N VAL A 99 -4.84 8.20 -0.27
CA VAL A 99 -5.60 8.90 -1.30
C VAL A 99 -5.41 8.25 -2.66
N VAL A 100 -6.37 7.41 -3.04
CA VAL A 100 -6.31 6.72 -4.33
C VAL A 100 -7.27 7.36 -5.33
N ARG A 101 -6.94 7.24 -6.61
CA ARG A 101 -7.78 7.80 -7.66
C ARG A 101 -8.73 6.75 -8.23
N ARG A 102 -10.02 6.98 -8.06
CA ARG A 102 -11.04 6.05 -8.54
C ARG A 102 -11.87 6.69 -9.66
N GLY A 103 -11.74 6.16 -10.87
CA GLY A 103 -12.48 6.69 -12.00
C GLY A 103 -11.87 7.95 -12.55
N ASN A 104 -12.20 9.09 -11.93
CA ASN A 104 -11.69 10.37 -12.37
C ASN A 104 -11.70 11.39 -11.23
N GLU A 105 -11.38 10.92 -10.02
CA GLU A 105 -11.35 11.78 -8.85
C GLU A 105 -10.60 11.12 -7.70
N ASP A 106 -10.10 11.95 -6.79
CA ASP A 106 -9.34 11.44 -5.64
C ASP A 106 -10.30 11.05 -4.51
N ILE A 107 -9.99 9.94 -3.85
CA ILE A 107 -10.81 9.47 -2.74
C ILE A 107 -9.95 9.04 -1.56
N MET A 108 -10.31 9.51 -0.37
CA MET A 108 -9.57 9.17 0.85
C MET A 108 -9.94 7.77 1.33
N ILE A 109 -8.94 7.03 1.79
CA ILE A 109 -9.16 5.68 2.30
C ILE A 109 -8.63 5.53 3.72
N THR A 110 -9.53 5.63 4.69
CA THR A 110 -9.15 5.50 6.09
C THR A 110 -9.08 4.05 6.52
N VAL A 111 -7.89 3.60 6.89
CA VAL A 111 -7.70 2.21 7.32
C VAL A 111 -7.09 2.15 8.72
N ILE A 112 -7.57 1.21 9.53
CA ILE A 112 -7.07 1.05 10.89
C ILE A 112 -6.31 -0.26 11.04
N PRO A 113 -4.99 -0.21 10.77
CA PRO A 113 -4.11 -1.38 10.87
C PRO A 113 -3.90 -1.81 12.32
N GLU A 114 -3.96 -3.13 12.54
CA GLU A 114 -3.77 -3.67 13.89
C GLU A 114 -2.38 -4.29 14.04
N GLU A 115 -1.76 -4.06 15.19
CA GLU A 115 -0.43 -4.59 15.46
C GLU A 115 -0.49 -6.07 15.81
N ILE A 116 -0.01 -6.91 14.91
CA ILE A 116 -0.01 -8.34 15.14
C ILE A 116 1.38 -8.85 15.46
N ASP A 117 1.45 -9.96 16.21
CA ASP A 117 2.73 -10.54 16.59
C ASP A 117 3.62 -10.75 15.37
N PRO A 118 4.94 -10.90 15.61
CA PRO A 118 5.91 -11.11 14.54
C PRO A 118 5.78 -12.48 13.90
N GLY A 1 24.10 6.93 -4.84
CA GLY A 1 23.57 6.22 -3.68
C GLY A 1 22.30 5.46 -4.01
N SER A 2 22.46 4.30 -4.62
CA SER A 2 21.31 3.47 -5.00
C SER A 2 20.92 2.53 -3.86
N SER A 3 20.32 3.08 -2.81
CA SER A 3 19.90 2.30 -1.65
C SER A 3 18.71 1.42 -2.00
N GLY A 4 18.97 0.12 -2.16
CA GLY A 4 17.91 -0.81 -2.49
C GLY A 4 18.43 -2.08 -3.12
N SER A 5 17.82 -3.21 -2.77
CA SER A 5 18.24 -4.51 -3.31
C SER A 5 17.06 -5.20 -4.01
N SER A 6 17.38 -5.99 -5.02
CA SER A 6 16.37 -6.72 -5.79
C SER A 6 16.15 -8.10 -5.20
N GLY A 7 15.16 -8.81 -5.75
CA GLY A 7 14.86 -10.15 -5.27
C GLY A 7 13.55 -10.21 -4.52
N ARG A 8 13.30 -11.32 -3.83
CA ARG A 8 12.08 -11.50 -3.05
C ARG A 8 12.28 -11.04 -1.61
N GLN A 9 11.92 -9.80 -1.33
CA GLN A 9 12.06 -9.25 0.01
C GLN A 9 11.29 -10.08 1.02
N ALA A 10 11.95 -10.45 2.12
CA ALA A 10 11.32 -11.25 3.15
C ALA A 10 12.19 -11.30 4.41
N LYS A 11 12.58 -10.12 4.90
CA LYS A 11 13.41 -10.03 6.09
C LYS A 11 12.56 -9.74 7.33
N GLY A 12 13.19 -9.75 8.49
CA GLY A 12 12.48 -9.49 9.73
C GLY A 12 13.39 -9.49 10.94
N LYS A 13 13.13 -10.38 11.88
CA LYS A 13 13.95 -10.48 13.09
C LYS A 13 14.04 -9.13 13.79
N ALA A 14 13.09 -8.86 14.68
CA ALA A 14 13.07 -7.60 15.42
C ALA A 14 12.26 -7.74 16.70
N ILE A 15 12.52 -6.85 17.66
CA ILE A 15 11.82 -6.87 18.94
C ILE A 15 10.48 -6.15 18.83
N THR A 16 10.44 -5.10 18.02
CA THR A 16 9.22 -4.32 17.83
C THR A 16 8.18 -5.12 17.05
N LYS A 17 6.94 -4.63 17.05
CA LYS A 17 5.86 -5.30 16.34
C LYS A 17 5.55 -4.59 15.02
N LYS A 18 4.76 -5.25 14.18
CA LYS A 18 4.38 -4.67 12.89
C LYS A 18 2.88 -4.75 12.68
N LYS A 19 2.36 -3.81 11.89
CA LYS A 19 0.92 -3.77 11.60
C LYS A 19 0.59 -4.61 10.38
N TYR A 20 -0.69 -4.89 10.20
CA TYR A 20 -1.15 -5.70 9.06
C TYR A 20 -2.55 -5.29 8.64
N ILE A 21 -2.84 -5.44 7.35
CA ILE A 21 -4.14 -5.09 6.80
C ILE A 21 -4.53 -6.02 5.66
N GLY A 22 -3.83 -7.15 5.56
CA GLY A 22 -4.13 -8.11 4.51
C GLY A 22 -4.22 -7.46 3.14
N ILE A 23 -3.06 -7.18 2.54
CA ILE A 23 -3.02 -6.55 1.23
C ILE A 23 -1.77 -6.98 0.47
N ARG A 24 -1.93 -7.25 -0.83
CA ARG A 24 -0.82 -7.66 -1.68
C ARG A 24 -0.51 -6.60 -2.73
N MET A 25 0.71 -6.13 -2.75
CA MET A 25 1.14 -5.11 -3.71
C MET A 25 2.52 -5.44 -4.28
N MET A 26 2.81 -4.89 -5.46
CA MET A 26 4.09 -5.13 -6.11
C MET A 26 4.75 -3.81 -6.50
N SER A 27 6.06 -3.72 -6.30
CA SER A 27 6.81 -2.51 -6.62
C SER A 27 6.53 -2.08 -8.06
N LEU A 28 5.80 -0.98 -8.21
CA LEU A 28 5.47 -0.45 -9.52
C LEU A 28 6.70 0.14 -10.19
N THR A 29 6.79 -0.02 -11.51
CA THR A 29 7.92 0.49 -12.27
C THR A 29 7.44 1.38 -13.42
N SER A 30 8.33 2.24 -13.90
CA SER A 30 8.00 3.15 -15.00
C SER A 30 7.51 2.37 -16.21
N SER A 31 7.95 1.13 -16.33
CA SER A 31 7.56 0.27 -17.46
C SER A 31 6.25 -0.43 -17.16
N LYS A 32 6.10 -0.94 -15.94
CA LYS A 32 4.89 -1.65 -15.54
C LYS A 32 3.69 -0.70 -15.58
N ALA A 33 3.88 0.52 -15.12
CA ALA A 33 2.81 1.51 -15.10
C ALA A 33 2.45 1.95 -16.52
N LYS A 34 3.47 2.28 -17.31
CA LYS A 34 3.26 2.71 -18.68
C LYS A 34 2.52 1.65 -19.49
N GLU A 35 2.73 0.38 -19.12
CA GLU A 35 2.08 -0.72 -19.81
C GLU A 35 0.74 -1.05 -19.15
N LEU A 36 0.61 -0.74 -17.88
CA LEU A 36 -0.61 -1.00 -17.13
C LEU A 36 -1.76 -0.13 -17.66
N LYS A 37 -1.43 1.05 -18.16
CA LYS A 37 -2.42 1.97 -18.69
C LYS A 37 -2.80 1.58 -20.12
N ASP A 38 -1.86 0.97 -20.84
CA ASP A 38 -2.11 0.55 -22.21
C ASP A 38 -2.96 -0.70 -22.26
N ARG A 39 -2.89 -1.50 -21.20
CA ARG A 39 -3.66 -2.74 -21.12
C ARG A 39 -4.92 -2.54 -20.28
N HIS A 40 -4.79 -1.80 -19.17
CA HIS A 40 -5.92 -1.54 -18.30
C HIS A 40 -6.40 -0.10 -18.44
N ARG A 41 -7.49 0.09 -19.18
CA ARG A 41 -8.05 1.41 -19.40
C ARG A 41 -8.59 1.99 -18.10
N ASP A 42 -9.00 1.11 -17.18
CA ASP A 42 -9.54 1.54 -15.89
C ASP A 42 -8.47 2.27 -15.08
N PHE A 43 -7.21 1.98 -15.36
CA PHE A 43 -6.11 2.60 -14.65
C PHE A 43 -6.18 4.13 -14.75
N PRO A 44 -5.90 4.80 -13.63
CA PRO A 44 -5.93 6.27 -13.55
C PRO A 44 -4.81 6.91 -14.36
N ASP A 45 -4.65 8.22 -14.19
CA ASP A 45 -3.60 8.96 -14.90
C ASP A 45 -2.34 9.07 -14.05
N VAL A 46 -1.96 7.97 -13.42
CA VAL A 46 -0.77 7.93 -12.58
C VAL A 46 0.12 6.75 -12.93
N ILE A 47 1.39 6.83 -12.54
CA ILE A 47 2.34 5.76 -12.81
C ILE A 47 3.46 5.74 -11.77
N SER A 48 3.12 6.17 -10.55
CA SER A 48 4.09 6.19 -9.46
C SER A 48 3.39 6.05 -8.11
N GLY A 49 3.54 4.87 -7.50
CA GLY A 49 2.91 4.62 -6.22
C GLY A 49 2.87 3.15 -5.87
N ALA A 50 1.83 2.75 -5.14
CA ALA A 50 1.67 1.36 -4.75
C ALA A 50 0.52 0.70 -5.50
N TYR A 51 0.84 -0.33 -6.28
CA TYR A 51 -0.16 -1.05 -7.06
C TYR A 51 -0.73 -2.23 -6.27
N ILE A 52 -2.03 -2.19 -5.99
CA ILE A 52 -2.69 -3.24 -5.25
C ILE A 52 -3.08 -4.39 -6.17
N ILE A 53 -2.53 -5.57 -5.93
CA ILE A 53 -2.83 -6.75 -6.74
C ILE A 53 -4.03 -7.50 -6.17
N GLU A 54 -4.25 -7.36 -4.86
CA GLU A 54 -5.37 -8.04 -4.21
C GLU A 54 -5.44 -7.64 -2.73
N VAL A 55 -6.66 -7.46 -2.24
CA VAL A 55 -6.88 -7.09 -0.85
C VAL A 55 -7.58 -8.20 -0.07
N ILE A 56 -6.81 -8.89 0.77
CA ILE A 56 -7.37 -9.98 1.58
C ILE A 56 -8.64 -9.54 2.30
N PRO A 57 -9.66 -10.40 2.25
CA PRO A 57 -10.95 -10.13 2.91
C PRO A 57 -10.85 -10.18 4.42
N ASP A 58 -11.86 -9.63 5.09
CA ASP A 58 -11.88 -9.61 6.55
C ASP A 58 -10.74 -8.78 7.10
N THR A 59 -10.31 -7.79 6.33
CA THR A 59 -9.21 -6.92 6.74
C THR A 59 -9.67 -5.47 6.84
N PRO A 60 -8.95 -4.67 7.65
CA PRO A 60 -9.27 -3.26 7.84
C PRO A 60 -8.99 -2.42 6.59
N ALA A 61 -8.37 -3.04 5.60
CA ALA A 61 -8.05 -2.36 4.35
C ALA A 61 -9.14 -2.57 3.30
N GLU A 62 -9.71 -3.77 3.29
CA GLU A 62 -10.76 -4.10 2.33
C GLU A 62 -11.99 -3.21 2.56
N ALA A 63 -12.40 -3.07 3.81
CA ALA A 63 -13.55 -2.25 4.16
C ALA A 63 -13.22 -0.77 4.04
N GLY A 64 -12.00 -0.40 4.40
CA GLY A 64 -11.59 0.98 4.32
C GLY A 64 -11.80 1.58 2.96
N GLY A 65 -11.66 0.76 1.91
CA GLY A 65 -11.85 1.24 0.56
C GLY A 65 -10.80 0.72 -0.40
N LEU A 66 -9.67 0.28 0.16
CA LEU A 66 -8.57 -0.25 -0.66
C LEU A 66 -9.03 -1.45 -1.47
N LYS A 67 -9.20 -1.25 -2.77
CA LYS A 67 -9.63 -2.31 -3.67
C LYS A 67 -8.49 -2.75 -4.58
N GLU A 68 -8.76 -3.72 -5.44
CA GLU A 68 -7.76 -4.23 -6.37
C GLU A 68 -7.55 -3.26 -7.53
N ASN A 69 -6.37 -3.33 -8.14
CA ASN A 69 -6.05 -2.46 -9.26
C ASN A 69 -6.02 -1.00 -8.83
N ASP A 70 -5.76 -0.77 -7.55
CA ASP A 70 -5.71 0.58 -7.01
C ASP A 70 -4.28 1.12 -7.02
N VAL A 71 -4.15 2.43 -6.93
CA VAL A 71 -2.85 3.08 -6.94
C VAL A 71 -2.80 4.24 -5.95
N ILE A 72 -2.03 4.08 -4.89
CA ILE A 72 -1.90 5.12 -3.86
C ILE A 72 -0.90 6.19 -4.30
N ILE A 73 -1.31 7.45 -4.19
CA ILE A 73 -0.44 8.56 -4.56
C ILE A 73 0.10 9.29 -3.33
N SER A 74 -0.64 9.18 -2.22
CA SER A 74 -0.23 9.82 -0.98
C SER A 74 -0.90 9.15 0.22
N ILE A 75 -0.30 9.31 1.39
CA ILE A 75 -0.84 8.72 2.61
C ILE A 75 -0.52 9.59 3.82
N ASN A 76 -1.56 9.95 4.57
CA ASN A 76 -1.39 10.78 5.77
C ASN A 76 -0.84 12.15 5.39
N GLY A 77 -1.09 12.59 4.16
CA GLY A 77 -0.62 13.87 3.71
C GLY A 77 0.81 13.81 3.20
N GLN A 78 1.26 12.62 2.83
CA GLN A 78 2.61 12.44 2.32
C GLN A 78 2.60 11.61 1.04
N SER A 79 3.09 12.22 -0.05
CA SER A 79 3.14 11.53 -1.34
C SER A 79 4.14 10.38 -1.32
N VAL A 80 3.70 9.22 -1.78
CA VAL A 80 4.57 8.04 -1.81
C VAL A 80 4.91 7.65 -3.25
N VAL A 81 6.00 6.91 -3.41
CA VAL A 81 6.44 6.46 -4.73
C VAL A 81 6.95 5.03 -4.69
N SER A 82 6.48 4.27 -3.70
CA SER A 82 6.90 2.88 -3.54
C SER A 82 5.98 2.15 -2.58
N ALA A 83 5.68 0.89 -2.89
CA ALA A 83 4.81 0.08 -2.05
C ALA A 83 5.41 -0.11 -0.66
N ASN A 84 6.73 0.02 -0.57
CA ASN A 84 7.42 -0.13 0.72
C ASN A 84 7.20 1.09 1.59
N ASP A 85 6.93 2.23 0.97
CA ASP A 85 6.70 3.47 1.70
C ASP A 85 5.31 3.48 2.33
N VAL A 86 4.32 3.09 1.54
CA VAL A 86 2.94 3.06 2.01
C VAL A 86 2.77 2.05 3.15
N SER A 87 3.64 1.05 3.18
CA SER A 87 3.60 0.03 4.22
C SER A 87 4.19 0.55 5.53
N ASP A 88 5.06 1.55 5.42
CA ASP A 88 5.69 2.14 6.59
C ASP A 88 4.69 2.92 7.42
N VAL A 89 3.88 3.74 6.76
CA VAL A 89 2.87 4.54 7.45
C VAL A 89 1.94 3.67 8.27
N ILE A 90 1.81 2.41 7.87
CA ILE A 90 0.96 1.46 8.58
C ILE A 90 1.46 1.23 10.01
N LYS A 91 2.76 1.06 10.15
CA LYS A 91 3.36 0.83 11.45
C LYS A 91 3.79 2.15 12.09
N ARG A 92 3.92 3.18 11.27
CA ARG A 92 4.33 4.50 11.76
C ARG A 92 3.16 5.20 12.45
N GLU A 93 2.07 5.39 11.71
CA GLU A 93 0.88 6.05 12.26
C GLU A 93 -0.21 5.04 12.56
N SER A 94 -1.02 5.35 13.57
CA SER A 94 -2.11 4.45 13.97
C SER A 94 -3.18 4.38 12.87
N THR A 95 -3.46 5.53 12.25
CA THR A 95 -4.46 5.59 11.20
C THR A 95 -3.81 5.54 9.83
N LEU A 96 -4.64 5.41 8.79
CA LEU A 96 -4.14 5.35 7.42
C LEU A 96 -5.02 6.18 6.49
N ASN A 97 -4.64 7.44 6.28
CA ASN A 97 -5.39 8.33 5.41
C ASN A 97 -4.83 8.31 4.00
N MET A 98 -5.08 7.22 3.28
CA MET A 98 -4.60 7.08 1.92
C MET A 98 -5.50 7.83 0.94
N VAL A 99 -4.96 8.13 -0.24
CA VAL A 99 -5.71 8.86 -1.26
C VAL A 99 -5.52 8.23 -2.64
N VAL A 100 -6.48 7.38 -3.02
CA VAL A 100 -6.42 6.72 -4.31
C VAL A 100 -7.33 7.41 -5.33
N ARG A 101 -6.97 7.29 -6.61
CA ARG A 101 -7.75 7.89 -7.67
C ARG A 101 -8.74 6.89 -8.26
N ARG A 102 -10.02 7.19 -8.13
CA ARG A 102 -11.07 6.31 -8.65
C ARG A 102 -11.99 7.06 -9.61
N GLY A 103 -12.12 6.54 -10.83
CA GLY A 103 -12.97 7.18 -11.81
C GLY A 103 -12.32 8.41 -12.43
N ASN A 104 -12.46 9.55 -11.74
CA ASN A 104 -11.90 10.80 -12.23
C ASN A 104 -11.71 11.80 -11.08
N GLU A 105 -11.38 11.27 -9.91
CA GLU A 105 -11.18 12.11 -8.73
C GLU A 105 -10.32 11.40 -7.69
N ASP A 106 -10.04 12.08 -6.58
CA ASP A 106 -9.24 11.53 -5.51
C ASP A 106 -10.10 11.15 -4.31
N ILE A 107 -10.12 9.87 -3.98
CA ILE A 107 -10.90 9.38 -2.85
C ILE A 107 -10.00 8.98 -1.69
N MET A 108 -10.44 9.32 -0.48
CA MET A 108 -9.68 9.00 0.73
C MET A 108 -10.05 7.61 1.25
N ILE A 109 -9.04 6.89 1.72
CA ILE A 109 -9.27 5.54 2.26
C ILE A 109 -8.74 5.42 3.69
N THR A 110 -9.64 5.55 4.65
CA THR A 110 -9.27 5.45 6.06
C THR A 110 -9.22 4.00 6.52
N VAL A 111 -8.04 3.56 6.94
CA VAL A 111 -7.86 2.19 7.41
C VAL A 111 -7.22 2.17 8.80
N ILE A 112 -7.65 1.22 9.62
CA ILE A 112 -7.12 1.08 10.97
C ILE A 112 -6.33 -0.21 11.12
N PRO A 113 -5.02 -0.15 10.81
CA PRO A 113 -4.13 -1.30 10.90
C PRO A 113 -3.85 -1.70 12.35
N GLU A 114 -4.00 -2.99 12.63
CA GLU A 114 -3.77 -3.51 13.97
C GLU A 114 -2.32 -3.93 14.16
N GLU A 115 -1.76 -3.64 15.32
CA GLU A 115 -0.37 -3.99 15.62
C GLU A 115 -0.25 -5.47 16.01
N ILE A 116 0.34 -6.26 15.13
CA ILE A 116 0.52 -7.68 15.38
C ILE A 116 1.98 -8.01 15.66
N ASP A 117 2.20 -9.05 16.46
CA ASP A 117 3.55 -9.47 16.81
C ASP A 117 4.40 -9.67 15.57
N PRO A 118 5.73 -9.55 15.73
CA PRO A 118 6.68 -9.70 14.63
C PRO A 118 6.77 -11.15 14.14
N GLY A 1 36.50 -20.90 7.22
CA GLY A 1 35.22 -21.08 6.57
C GLY A 1 34.15 -21.58 7.53
N SER A 2 34.54 -22.48 8.44
CA SER A 2 33.61 -23.05 9.40
C SER A 2 34.26 -23.15 10.78
N SER A 3 33.47 -22.87 11.82
CA SER A 3 33.98 -22.93 13.19
C SER A 3 32.84 -23.19 14.17
N GLY A 4 31.86 -23.98 13.73
CA GLY A 4 30.73 -24.31 14.58
C GLY A 4 30.71 -25.77 14.99
N SER A 5 30.64 -26.01 16.29
CA SER A 5 30.63 -27.37 16.80
C SER A 5 30.02 -27.41 18.21
N SER A 6 28.73 -27.74 18.29
CA SER A 6 28.04 -27.81 19.57
C SER A 6 28.03 -26.44 20.26
N GLY A 7 27.33 -26.36 21.39
CA GLY A 7 27.26 -25.12 22.13
C GLY A 7 25.87 -24.82 22.63
N ARG A 8 25.51 -23.54 22.66
CA ARG A 8 24.19 -23.12 23.13
C ARG A 8 23.61 -22.04 22.22
N GLN A 9 22.32 -22.14 21.93
CA GLN A 9 21.65 -21.16 21.07
C GLN A 9 21.59 -19.80 21.74
N ALA A 10 22.29 -18.84 21.17
CA ALA A 10 22.32 -17.48 21.71
C ALA A 10 21.74 -16.48 20.70
N LYS A 11 20.42 -16.49 20.55
CA LYS A 11 19.74 -15.58 19.64
C LYS A 11 19.01 -14.49 20.39
N GLY A 12 19.14 -13.26 19.91
CA GLY A 12 18.48 -12.13 20.56
C GLY A 12 17.38 -11.54 19.71
N LYS A 13 16.16 -11.54 20.24
CA LYS A 13 15.01 -11.00 19.52
C LYS A 13 14.09 -10.23 20.46
N ALA A 14 14.10 -8.91 20.34
CA ALA A 14 13.26 -8.06 21.17
C ALA A 14 12.72 -6.88 20.39
N ILE A 15 11.56 -7.07 19.75
CA ILE A 15 10.93 -6.01 18.97
C ILE A 15 9.42 -6.03 19.14
N THR A 16 8.82 -4.85 19.13
CA THR A 16 7.38 -4.72 19.28
C THR A 16 6.64 -5.49 18.19
N LYS A 17 5.32 -5.48 18.27
CA LYS A 17 4.50 -6.18 17.29
C LYS A 17 4.58 -5.51 15.93
N LYS A 18 3.90 -6.09 14.94
CA LYS A 18 3.89 -5.55 13.58
C LYS A 18 2.47 -5.38 13.07
N LYS A 19 2.19 -4.21 12.50
CA LYS A 19 0.86 -3.91 11.96
C LYS A 19 0.54 -4.82 10.78
N TYR A 20 -0.74 -4.90 10.42
CA TYR A 20 -1.17 -5.73 9.31
C TYR A 20 -2.56 -5.31 8.83
N ILE A 21 -2.80 -5.45 7.53
CA ILE A 21 -4.08 -5.08 6.94
C ILE A 21 -4.45 -6.02 5.80
N GLY A 22 -3.74 -7.14 5.72
CA GLY A 22 -4.01 -8.11 4.66
C GLY A 22 -4.09 -7.47 3.29
N ILE A 23 -2.94 -7.18 2.71
CA ILE A 23 -2.89 -6.57 1.38
C ILE A 23 -1.63 -6.98 0.63
N ARG A 24 -1.78 -7.24 -0.66
CA ARG A 24 -0.66 -7.65 -1.50
C ARG A 24 -0.39 -6.61 -2.59
N MET A 25 0.85 -6.14 -2.65
CA MET A 25 1.24 -5.14 -3.65
C MET A 25 2.60 -5.47 -4.24
N MET A 26 2.86 -4.96 -5.45
CA MET A 26 4.13 -5.20 -6.12
C MET A 26 4.78 -3.89 -6.55
N SER A 27 6.08 -3.78 -6.32
CA SER A 27 6.81 -2.57 -6.68
C SER A 27 6.55 -2.19 -8.13
N LEU A 28 5.81 -1.11 -8.33
CA LEU A 28 5.49 -0.63 -9.67
C LEU A 28 6.73 -0.08 -10.36
N THR A 29 6.85 -0.33 -11.66
CA THR A 29 7.99 0.15 -12.44
C THR A 29 7.54 1.16 -13.49
N SER A 30 8.44 2.07 -13.84
CA SER A 30 8.14 3.10 -14.83
C SER A 30 7.60 2.48 -16.12
N SER A 31 8.03 1.25 -16.40
CA SER A 31 7.60 0.53 -17.59
C SER A 31 6.27 -0.17 -17.35
N LYS A 32 6.16 -0.85 -16.21
CA LYS A 32 4.94 -1.56 -15.86
C LYS A 32 3.76 -0.61 -15.74
N ALA A 33 4.02 0.60 -15.24
CA ALA A 33 2.98 1.60 -15.08
C ALA A 33 2.46 2.07 -16.44
N LYS A 34 3.37 2.52 -17.29
CA LYS A 34 3.00 3.00 -18.62
C LYS A 34 2.19 1.94 -19.37
N GLU A 35 2.42 0.68 -19.04
CA GLU A 35 1.70 -0.42 -19.68
C GLU A 35 0.42 -0.75 -18.92
N LEU A 36 0.41 -0.44 -17.63
CA LEU A 36 -0.75 -0.70 -16.79
C LEU A 36 -1.96 0.12 -17.26
N LYS A 37 -1.68 1.28 -17.85
CA LYS A 37 -2.74 2.16 -18.33
C LYS A 37 -3.25 1.69 -19.69
N ASP A 38 -2.33 1.52 -20.63
CA ASP A 38 -2.68 1.07 -21.97
C ASP A 38 -3.42 -0.27 -21.93
N ARG A 39 -3.17 -1.04 -20.87
CA ARG A 39 -3.80 -2.34 -20.71
C ARG A 39 -5.06 -2.22 -19.86
N HIS A 40 -4.92 -1.60 -18.69
CA HIS A 40 -6.05 -1.42 -17.79
C HIS A 40 -6.61 -0.01 -17.88
N ARG A 41 -7.80 0.11 -18.48
CA ARG A 41 -8.44 1.42 -18.64
C ARG A 41 -8.80 2.01 -17.28
N ASP A 42 -8.99 1.14 -16.29
CA ASP A 42 -9.34 1.58 -14.94
C ASP A 42 -8.19 2.36 -14.31
N PHE A 43 -6.97 2.04 -14.72
CA PHE A 43 -5.78 2.71 -14.20
C PHE A 43 -5.92 4.23 -14.29
N PRO A 44 -5.49 4.93 -13.24
CA PRO A 44 -5.56 6.39 -13.18
C PRO A 44 -4.58 7.06 -14.15
N ASP A 45 -4.43 8.37 -14.02
CA ASP A 45 -3.52 9.13 -14.89
C ASP A 45 -2.16 9.28 -14.23
N VAL A 46 -1.69 8.21 -13.60
CA VAL A 46 -0.38 8.23 -12.93
C VAL A 46 0.47 7.05 -13.35
N ILE A 47 1.70 7.00 -12.86
CA ILE A 47 2.62 5.92 -13.19
C ILE A 47 3.64 5.71 -12.07
N SER A 48 3.26 6.09 -10.86
CA SER A 48 4.14 5.93 -9.70
C SER A 48 3.33 5.80 -8.41
N GLY A 49 3.58 4.73 -7.67
CA GLY A 49 2.86 4.51 -6.43
C GLY A 49 2.83 3.04 -6.04
N ALA A 50 1.84 2.67 -5.24
CA ALA A 50 1.69 1.29 -4.79
C ALA A 50 0.56 0.59 -5.55
N TYR A 51 0.91 -0.48 -6.26
CA TYR A 51 -0.07 -1.24 -7.03
C TYR A 51 -0.62 -2.40 -6.20
N ILE A 52 -1.94 -2.37 -5.97
CA ILE A 52 -2.60 -3.41 -5.20
C ILE A 52 -2.99 -4.59 -6.09
N ILE A 53 -2.43 -5.76 -5.80
CA ILE A 53 -2.74 -6.97 -6.57
C ILE A 53 -3.91 -7.73 -5.96
N GLU A 54 -4.10 -7.57 -4.65
CA GLU A 54 -5.18 -8.25 -3.95
C GLU A 54 -5.22 -7.83 -2.48
N VAL A 55 -6.43 -7.58 -1.99
CA VAL A 55 -6.61 -7.17 -0.60
C VAL A 55 -7.36 -8.23 0.20
N ILE A 56 -6.64 -8.93 1.06
CA ILE A 56 -7.24 -9.98 1.88
C ILE A 56 -8.50 -9.48 2.58
N PRO A 57 -9.56 -10.29 2.54
CA PRO A 57 -10.84 -9.95 3.18
C PRO A 57 -10.75 -9.96 4.69
N ASP A 58 -11.77 -9.38 5.34
CA ASP A 58 -11.81 -9.33 6.80
C ASP A 58 -10.66 -8.48 7.34
N THR A 59 -10.21 -7.53 6.54
CA THR A 59 -9.12 -6.65 6.95
C THR A 59 -9.55 -5.19 6.94
N PRO A 60 -8.84 -4.36 7.71
CA PRO A 60 -9.13 -2.92 7.82
C PRO A 60 -8.79 -2.16 6.54
N ALA A 61 -8.15 -2.86 5.60
CA ALA A 61 -7.77 -2.26 4.33
C ALA A 61 -8.83 -2.51 3.26
N GLU A 62 -9.53 -3.63 3.38
CA GLU A 62 -10.58 -3.99 2.43
C GLU A 62 -11.81 -3.12 2.62
N ALA A 63 -12.20 -2.90 3.87
CA ALA A 63 -13.36 -2.09 4.19
C ALA A 63 -13.02 -0.60 4.11
N GLY A 64 -11.75 -0.27 4.33
CA GLY A 64 -11.33 1.11 4.29
C GLY A 64 -11.55 1.75 2.92
N GLY A 65 -11.33 0.97 1.87
CA GLY A 65 -11.51 1.47 0.53
C GLY A 65 -10.51 0.89 -0.46
N LEU A 66 -9.37 0.48 0.06
CA LEU A 66 -8.31 -0.09 -0.77
C LEU A 66 -8.81 -1.34 -1.50
N LYS A 67 -8.98 -1.24 -2.81
CA LYS A 67 -9.45 -2.35 -3.61
C LYS A 67 -8.39 -2.79 -4.62
N GLU A 68 -8.56 -3.98 -5.20
CA GLU A 68 -7.62 -4.50 -6.16
C GLU A 68 -7.44 -3.54 -7.34
N ASN A 69 -6.26 -3.55 -7.93
CA ASN A 69 -5.97 -2.68 -9.07
C ASN A 69 -6.05 -1.21 -8.66
N ASP A 70 -5.28 -0.84 -7.65
CA ASP A 70 -5.26 0.54 -7.16
C ASP A 70 -3.88 1.16 -7.33
N VAL A 71 -3.80 2.48 -7.19
CA VAL A 71 -2.55 3.20 -7.32
C VAL A 71 -2.47 4.36 -6.36
N ILE A 72 -1.88 4.12 -5.19
CA ILE A 72 -1.74 5.16 -4.17
C ILE A 72 -0.79 6.26 -4.63
N ILE A 73 -1.20 7.51 -4.47
CA ILE A 73 -0.39 8.65 -4.87
C ILE A 73 0.15 9.38 -3.64
N SER A 74 -0.55 9.25 -2.53
CA SER A 74 -0.15 9.91 -1.29
C SER A 74 -0.81 9.26 -0.08
N ILE A 75 -0.22 9.46 1.08
CA ILE A 75 -0.76 8.89 2.32
C ILE A 75 -0.46 9.79 3.52
N ASN A 76 -1.51 10.16 4.24
CA ASN A 76 -1.37 11.03 5.41
C ASN A 76 -0.82 12.39 5.01
N GLY A 77 -1.08 12.79 3.77
CA GLY A 77 -0.60 14.07 3.29
C GLY A 77 0.83 14.02 2.79
N GLN A 78 1.29 12.82 2.46
CA GLN A 78 2.65 12.64 1.98
C GLN A 78 2.67 11.77 0.73
N SER A 79 3.16 12.33 -0.38
CA SER A 79 3.22 11.61 -1.64
C SER A 79 4.21 10.45 -1.55
N VAL A 80 3.78 9.27 -2.01
CA VAL A 80 4.63 8.09 -1.98
C VAL A 80 5.01 7.65 -3.39
N VAL A 81 6.10 6.91 -3.49
CA VAL A 81 6.58 6.42 -4.79
C VAL A 81 7.12 5.00 -4.67
N SER A 82 6.64 4.27 -3.67
CA SER A 82 7.07 2.90 -3.46
C SER A 82 6.10 2.16 -2.54
N ALA A 83 5.78 0.92 -2.89
CA ALA A 83 4.87 0.11 -2.09
C ALA A 83 5.41 -0.10 -0.67
N ASN A 84 6.73 0.05 -0.52
CA ASN A 84 7.37 -0.12 0.77
C ASN A 84 7.17 1.12 1.65
N ASP A 85 6.97 2.26 1.00
CA ASP A 85 6.76 3.51 1.71
C ASP A 85 5.35 3.60 2.28
N VAL A 86 4.38 3.12 1.50
CA VAL A 86 2.99 3.14 1.92
C VAL A 86 2.75 2.19 3.09
N SER A 87 3.61 1.18 3.20
CA SER A 87 3.49 0.19 4.25
C SER A 87 4.10 0.71 5.55
N ASP A 88 5.03 1.65 5.42
CA ASP A 88 5.69 2.23 6.59
C ASP A 88 4.69 2.99 7.46
N VAL A 89 3.86 3.81 6.83
CA VAL A 89 2.86 4.59 7.54
C VAL A 89 1.97 3.69 8.40
N ILE A 90 1.77 2.46 7.94
CA ILE A 90 0.95 1.50 8.66
C ILE A 90 1.40 1.37 10.12
N LYS A 91 2.71 1.18 10.31
CA LYS A 91 3.26 1.04 11.64
C LYS A 91 3.70 2.39 12.20
N ARG A 92 3.98 3.33 11.29
CA ARG A 92 4.41 4.67 11.69
C ARG A 92 3.28 5.42 12.38
N GLU A 93 2.16 5.57 11.67
CA GLU A 93 1.01 6.27 12.21
C GLU A 93 -0.15 5.30 12.46
N SER A 94 -0.97 5.62 13.47
CA SER A 94 -2.10 4.77 13.82
C SER A 94 -3.08 4.68 12.64
N THR A 95 -3.53 5.83 12.15
CA THR A 95 -4.46 5.88 11.05
C THR A 95 -3.73 5.93 9.71
N LEU A 96 -4.46 5.69 8.63
CA LEU A 96 -3.88 5.71 7.29
C LEU A 96 -4.79 6.44 6.31
N ASN A 97 -4.53 7.73 6.12
CA ASN A 97 -5.34 8.54 5.21
C ASN A 97 -4.76 8.50 3.79
N MET A 98 -4.98 7.39 3.10
CA MET A 98 -4.49 7.22 1.73
C MET A 98 -5.40 7.94 0.74
N VAL A 99 -4.86 8.23 -0.44
CA VAL A 99 -5.62 8.92 -1.48
C VAL A 99 -5.44 8.23 -2.83
N VAL A 100 -6.40 7.38 -3.18
CA VAL A 100 -6.35 6.65 -4.45
C VAL A 100 -7.30 7.27 -5.47
N ARG A 101 -6.97 7.13 -6.74
CA ARG A 101 -7.79 7.68 -7.82
C ARG A 101 -8.76 6.61 -8.34
N ARG A 102 -10.05 6.87 -8.19
CA ARG A 102 -11.08 5.95 -8.64
C ARG A 102 -11.91 6.56 -9.77
N GLY A 103 -11.78 5.99 -10.97
CA GLY A 103 -12.52 6.50 -12.11
C GLY A 103 -11.90 7.75 -12.69
N ASN A 104 -12.20 8.89 -12.08
CA ASN A 104 -11.68 10.17 -12.55
C ASN A 104 -11.66 11.20 -11.42
N GLU A 105 -11.43 10.71 -10.19
CA GLU A 105 -11.38 11.59 -9.02
C GLU A 105 -10.59 10.95 -7.90
N ASP A 106 -10.20 11.76 -6.92
CA ASP A 106 -9.43 11.28 -5.79
C ASP A 106 -10.34 10.94 -4.61
N ILE A 107 -10.12 9.77 -4.01
CA ILE A 107 -10.93 9.32 -2.89
C ILE A 107 -10.05 8.96 -1.69
N MET A 108 -10.45 9.42 -0.50
CA MET A 108 -9.70 9.14 0.71
C MET A 108 -9.99 7.73 1.21
N ILE A 109 -8.94 7.04 1.66
CA ILE A 109 -9.09 5.68 2.17
C ILE A 109 -8.52 5.56 3.58
N THR A 110 -9.40 5.63 4.58
CA THR A 110 -8.97 5.53 5.97
C THR A 110 -8.89 4.08 6.41
N VAL A 111 -7.70 3.65 6.83
CA VAL A 111 -7.49 2.28 7.29
C VAL A 111 -6.95 2.26 8.71
N ILE A 112 -7.39 1.27 9.49
CA ILE A 112 -6.96 1.13 10.87
C ILE A 112 -6.23 -0.19 11.08
N PRO A 113 -4.91 -0.19 10.85
CA PRO A 113 -4.07 -1.38 11.01
C PRO A 113 -3.91 -1.78 12.47
N GLU A 114 -3.91 -3.08 12.72
CA GLU A 114 -3.76 -3.60 14.08
C GLU A 114 -2.39 -4.24 14.28
N GLU A 115 -1.80 -4.02 15.44
CA GLU A 115 -0.50 -4.58 15.75
C GLU A 115 -0.60 -6.06 16.11
N ILE A 116 -0.11 -6.92 15.22
CA ILE A 116 -0.16 -8.35 15.43
C ILE A 116 1.23 -8.89 15.79
N ASP A 117 1.26 -9.98 16.55
CA ASP A 117 2.51 -10.59 16.96
C ASP A 117 3.40 -10.87 15.75
N PRO A 118 4.70 -11.06 15.99
CA PRO A 118 5.68 -11.32 14.93
C PRO A 118 5.51 -12.71 14.33
N GLY A 1 5.14 -17.54 -9.62
CA GLY A 1 5.81 -16.53 -8.83
C GLY A 1 5.55 -15.13 -9.35
N SER A 2 4.32 -14.88 -9.78
CA SER A 2 3.94 -13.57 -10.31
C SER A 2 4.87 -13.17 -11.46
N SER A 3 5.42 -14.17 -12.15
CA SER A 3 6.32 -13.92 -13.26
C SER A 3 7.44 -12.96 -12.86
N GLY A 4 7.82 -13.03 -11.58
CA GLY A 4 8.89 -12.17 -11.08
C GLY A 4 8.52 -11.49 -9.78
N SER A 5 9.11 -11.95 -8.69
CA SER A 5 8.84 -11.38 -7.38
C SER A 5 10.13 -11.02 -6.65
N SER A 6 10.19 -9.79 -6.15
CA SER A 6 11.37 -9.30 -5.44
C SER A 6 11.26 -9.59 -3.95
N GLY A 7 10.36 -8.87 -3.27
CA GLY A 7 10.19 -9.06 -1.85
C GLY A 7 10.09 -7.74 -1.09
N ARG A 8 10.17 -7.81 0.23
CA ARG A 8 10.08 -6.61 1.06
C ARG A 8 11.08 -6.68 2.21
N GLN A 9 12.27 -6.12 1.99
CA GLN A 9 13.30 -6.12 3.01
C GLN A 9 13.66 -7.53 3.44
N ALA A 10 14.51 -7.66 4.45
CA ALA A 10 14.93 -8.96 4.96
C ALA A 10 13.96 -9.47 6.02
N LYS A 11 13.94 -10.79 6.21
CA LYS A 11 13.07 -11.40 7.20
C LYS A 11 13.56 -11.12 8.61
N GLY A 12 12.81 -10.31 9.35
CA GLY A 12 13.19 -9.97 10.71
C GLY A 12 14.30 -8.94 10.77
N LYS A 13 13.92 -7.70 11.10
CA LYS A 13 14.89 -6.61 11.18
C LYS A 13 14.66 -5.79 12.45
N ALA A 14 13.42 -5.42 12.71
CA ALA A 14 13.07 -4.64 13.89
C ALA A 14 12.44 -5.53 14.96
N ILE A 15 12.84 -5.30 16.21
CA ILE A 15 12.30 -6.08 17.33
C ILE A 15 10.86 -5.67 17.63
N THR A 16 10.50 -4.45 17.27
CA THR A 16 9.15 -3.95 17.50
C THR A 16 8.13 -4.70 16.66
N LYS A 17 6.88 -4.70 17.11
CA LYS A 17 5.81 -5.38 16.39
C LYS A 17 5.52 -4.68 15.07
N LYS A 18 4.72 -5.33 14.22
CA LYS A 18 4.36 -4.77 12.93
C LYS A 18 2.85 -4.84 12.71
N LYS A 19 2.33 -3.90 11.93
CA LYS A 19 0.90 -3.85 11.64
C LYS A 19 0.57 -4.69 10.41
N TYR A 20 -0.72 -4.97 10.23
CA TYR A 20 -1.17 -5.76 9.09
C TYR A 20 -2.57 -5.34 8.66
N ILE A 21 -2.86 -5.49 7.36
CA ILE A 21 -4.16 -5.13 6.82
C ILE A 21 -4.55 -6.05 5.67
N GLY A 22 -3.86 -7.18 5.57
CA GLY A 22 -4.15 -8.14 4.52
C GLY A 22 -4.24 -7.49 3.15
N ILE A 23 -3.08 -7.21 2.56
CA ILE A 23 -3.03 -6.59 1.24
C ILE A 23 -1.78 -7.00 0.49
N ARG A 24 -1.95 -7.30 -0.81
CA ARG A 24 -0.84 -7.72 -1.65
C ARG A 24 -0.53 -6.66 -2.70
N MET A 25 0.73 -6.21 -2.74
CA MET A 25 1.15 -5.21 -3.71
C MET A 25 2.50 -5.56 -4.31
N MET A 26 2.79 -5.00 -5.48
CA MET A 26 4.06 -5.26 -6.16
C MET A 26 4.75 -3.95 -6.53
N SER A 27 6.07 -3.92 -6.39
CA SER A 27 6.85 -2.73 -6.72
C SER A 27 6.52 -2.24 -8.13
N LEU A 28 5.83 -1.12 -8.21
CA LEU A 28 5.46 -0.54 -9.50
C LEU A 28 6.67 0.04 -10.21
N THR A 29 6.83 -0.31 -11.48
CA THR A 29 7.96 0.19 -12.28
C THR A 29 7.48 1.10 -13.40
N SER A 30 8.33 2.04 -13.79
CA SER A 30 7.99 2.98 -14.86
C SER A 30 7.57 2.23 -16.11
N SER A 31 8.10 1.03 -16.29
CA SER A 31 7.79 0.21 -17.46
C SER A 31 6.50 -0.58 -17.24
N LYS A 32 6.23 -0.92 -15.98
CA LYS A 32 5.04 -1.68 -15.63
C LYS A 32 3.80 -0.79 -15.68
N ALA A 33 3.92 0.42 -15.13
CA ALA A 33 2.82 1.36 -15.11
C ALA A 33 2.43 1.79 -16.51
N LYS A 34 3.43 2.22 -17.29
CA LYS A 34 3.20 2.66 -18.65
C LYS A 34 2.42 1.61 -19.45
N GLU A 35 2.62 0.35 -19.09
CA GLU A 35 1.94 -0.75 -19.76
C GLU A 35 0.62 -1.08 -19.07
N LEU A 36 0.54 -0.78 -17.78
CA LEU A 36 -0.66 -1.04 -17.00
C LEU A 36 -1.83 -0.20 -17.50
N LYS A 37 -1.52 1.00 -17.98
CA LYS A 37 -2.54 1.91 -18.50
C LYS A 37 -2.96 1.51 -19.91
N ASP A 38 -1.98 1.39 -20.80
CA ASP A 38 -2.24 1.01 -22.18
C ASP A 38 -3.01 -0.30 -22.25
N ARG A 39 -2.85 -1.13 -21.22
CA ARG A 39 -3.53 -2.42 -21.16
C ARG A 39 -4.83 -2.32 -20.38
N HIS A 40 -4.80 -1.59 -19.28
CA HIS A 40 -5.98 -1.41 -18.44
C HIS A 40 -6.48 0.03 -18.51
N ARG A 41 -7.46 0.26 -19.38
CA ARG A 41 -8.03 1.60 -19.54
C ARG A 41 -8.57 2.12 -18.21
N ASP A 42 -8.93 1.22 -17.31
CA ASP A 42 -9.45 1.59 -16.00
C ASP A 42 -8.39 2.33 -15.19
N PHE A 43 -7.13 1.97 -15.40
CA PHE A 43 -6.02 2.60 -14.69
C PHE A 43 -6.09 4.11 -14.79
N PRO A 44 -5.80 4.79 -13.67
CA PRO A 44 -5.82 6.25 -13.60
C PRO A 44 -4.70 6.88 -14.40
N ASP A 45 -4.52 8.19 -14.25
CA ASP A 45 -3.46 8.92 -14.95
C ASP A 45 -2.21 9.02 -14.09
N VAL A 46 -1.84 7.92 -13.46
CA VAL A 46 -0.65 7.87 -12.60
C VAL A 46 0.22 6.67 -12.94
N ILE A 47 1.48 6.73 -12.53
CA ILE A 47 2.42 5.66 -12.78
C ILE A 47 3.51 5.61 -11.71
N SER A 48 3.16 6.04 -10.50
CA SER A 48 4.11 6.05 -9.39
C SER A 48 3.39 5.91 -8.07
N GLY A 49 3.65 4.80 -7.37
CA GLY A 49 3.02 4.56 -6.09
C GLY A 49 2.96 3.08 -5.73
N ALA A 50 1.88 2.67 -5.10
CA ALA A 50 1.71 1.27 -4.70
C ALA A 50 0.55 0.63 -5.46
N TYR A 51 0.86 -0.41 -6.24
CA TYR A 51 -0.15 -1.10 -7.01
C TYR A 51 -0.72 -2.29 -6.22
N ILE A 52 -2.02 -2.24 -5.95
CA ILE A 52 -2.68 -3.31 -5.21
C ILE A 52 -3.09 -4.45 -6.13
N ILE A 53 -2.53 -5.63 -5.89
CA ILE A 53 -2.85 -6.80 -6.69
C ILE A 53 -4.06 -7.55 -6.14
N GLU A 54 -4.27 -7.41 -4.84
CA GLU A 54 -5.39 -8.07 -4.18
C GLU A 54 -5.47 -7.68 -2.71
N VAL A 55 -6.70 -7.48 -2.22
CA VAL A 55 -6.91 -7.10 -0.83
C VAL A 55 -7.61 -8.21 -0.06
N ILE A 56 -6.86 -8.91 0.79
CA ILE A 56 -7.42 -10.00 1.58
C ILE A 56 -8.69 -9.55 2.31
N PRO A 57 -9.72 -10.39 2.26
CA PRO A 57 -11.01 -10.11 2.91
C PRO A 57 -10.90 -10.17 4.44
N ASP A 58 -11.92 -9.61 5.10
CA ASP A 58 -11.94 -9.60 6.56
C ASP A 58 -10.78 -8.77 7.11
N THR A 59 -10.34 -7.79 6.33
CA THR A 59 -9.24 -6.92 6.75
C THR A 59 -9.69 -5.46 6.85
N PRO A 60 -8.96 -4.67 7.66
CA PRO A 60 -9.27 -3.25 7.85
C PRO A 60 -8.98 -2.42 6.61
N ALA A 61 -8.37 -3.05 5.61
CA ALA A 61 -8.04 -2.36 4.36
C ALA A 61 -9.13 -2.56 3.32
N GLU A 62 -9.72 -3.76 3.31
CA GLU A 62 -10.77 -4.09 2.35
C GLU A 62 -11.99 -3.19 2.57
N ALA A 63 -12.40 -3.06 3.83
CA ALA A 63 -13.55 -2.22 4.18
C ALA A 63 -13.22 -0.75 4.07
N GLY A 64 -11.98 -0.40 4.41
CA GLY A 64 -11.55 0.99 4.34
C GLY A 64 -11.76 1.60 2.97
N GLY A 65 -11.60 0.78 1.94
CA GLY A 65 -11.77 1.26 0.58
C GLY A 65 -10.72 0.72 -0.37
N LEU A 66 -9.60 0.28 0.19
CA LEU A 66 -8.50 -0.25 -0.62
C LEU A 66 -8.97 -1.46 -1.42
N LYS A 67 -9.15 -1.27 -2.72
CA LYS A 67 -9.58 -2.34 -3.61
C LYS A 67 -8.45 -2.77 -4.54
N GLU A 68 -8.73 -3.74 -5.39
CA GLU A 68 -7.74 -4.25 -6.34
C GLU A 68 -7.53 -3.27 -7.48
N ASN A 69 -6.35 -3.32 -8.09
CA ASN A 69 -6.03 -2.43 -9.20
C ASN A 69 -6.01 -0.98 -8.75
N ASP A 70 -5.65 -0.76 -7.49
CA ASP A 70 -5.59 0.59 -6.94
C ASP A 70 -4.17 1.12 -6.95
N VAL A 71 -4.04 2.44 -6.91
CA VAL A 71 -2.72 3.08 -6.92
C VAL A 71 -2.68 4.25 -5.94
N ILE A 72 -1.90 4.10 -4.87
CA ILE A 72 -1.77 5.15 -3.86
C ILE A 72 -0.79 6.22 -4.31
N ILE A 73 -1.20 7.48 -4.19
CA ILE A 73 -0.36 8.60 -4.58
C ILE A 73 0.16 9.35 -3.35
N SER A 74 -0.60 9.26 -2.25
CA SER A 74 -0.21 9.95 -1.02
C SER A 74 -0.92 9.31 0.18
N ILE A 75 -0.30 9.43 1.35
CA ILE A 75 -0.87 8.88 2.57
C ILE A 75 -0.58 9.78 3.77
N ASN A 76 -1.62 10.13 4.50
CA ASN A 76 -1.48 10.98 5.67
C ASN A 76 -0.95 12.36 5.29
N GLY A 77 -1.20 12.76 4.04
CA GLY A 77 -0.75 14.05 3.56
C GLY A 77 0.68 14.02 3.09
N GLN A 78 1.15 12.84 2.69
CA GLN A 78 2.52 12.68 2.22
C GLN A 78 2.56 11.90 0.91
N SER A 79 3.16 12.49 -0.11
CA SER A 79 3.27 11.85 -1.42
C SER A 79 4.25 10.68 -1.38
N VAL A 80 3.79 9.52 -1.83
CA VAL A 80 4.63 8.32 -1.85
C VAL A 80 4.99 7.93 -3.27
N VAL A 81 6.08 7.17 -3.41
CA VAL A 81 6.53 6.72 -4.72
C VAL A 81 7.06 5.30 -4.66
N SER A 82 6.58 4.53 -3.67
CA SER A 82 7.01 3.15 -3.51
C SER A 82 6.04 2.39 -2.60
N ALA A 83 5.70 1.16 -3.00
CA ALA A 83 4.79 0.34 -2.23
C ALA A 83 5.33 0.07 -0.83
N ASN A 84 6.64 0.22 -0.67
CA ASN A 84 7.30 -0.01 0.61
C ASN A 84 7.10 1.20 1.54
N ASP A 85 6.89 2.36 0.93
CA ASP A 85 6.69 3.59 1.70
C ASP A 85 5.27 3.65 2.26
N VAL A 86 4.30 3.28 1.44
CA VAL A 86 2.90 3.29 1.84
C VAL A 86 2.66 2.34 3.00
N SER A 87 3.49 1.30 3.09
CA SER A 87 3.35 0.31 4.15
C SER A 87 4.00 0.79 5.44
N ASP A 88 4.97 1.70 5.31
CA ASP A 88 5.67 2.25 6.46
C ASP A 88 4.71 3.02 7.36
N VAL A 89 3.76 3.71 6.74
CA VAL A 89 2.78 4.49 7.49
C VAL A 89 1.87 3.60 8.32
N ILE A 90 1.75 2.34 7.90
CA ILE A 90 0.92 1.38 8.61
C ILE A 90 1.42 1.15 10.03
N LYS A 91 2.74 1.00 10.16
CA LYS A 91 3.36 0.77 11.47
C LYS A 91 3.77 2.09 12.10
N ARG A 92 3.95 3.11 11.27
CA ARG A 92 4.35 4.42 11.75
C ARG A 92 3.19 5.12 12.46
N GLU A 93 2.09 5.30 11.74
CA GLU A 93 0.92 5.96 12.30
C GLU A 93 -0.18 4.95 12.58
N SER A 94 -0.99 5.23 13.60
CA SER A 94 -2.08 4.33 13.98
C SER A 94 -3.16 4.30 12.90
N THR A 95 -3.40 5.45 12.27
CA THR A 95 -4.40 5.56 11.22
C THR A 95 -3.75 5.49 9.84
N LEU A 96 -4.59 5.38 8.81
CA LEU A 96 -4.10 5.32 7.43
C LEU A 96 -4.97 6.16 6.51
N ASN A 97 -4.56 7.40 6.28
CA ASN A 97 -5.30 8.31 5.43
C ASN A 97 -4.74 8.29 4.00
N MET A 98 -5.00 7.20 3.29
CA MET A 98 -4.52 7.05 1.92
C MET A 98 -5.42 7.81 0.94
N VAL A 99 -4.89 8.10 -0.24
CA VAL A 99 -5.64 8.83 -1.25
C VAL A 99 -5.45 8.21 -2.63
N VAL A 100 -6.40 7.37 -3.02
CA VAL A 100 -6.34 6.70 -4.31
C VAL A 100 -7.27 7.36 -5.33
N ARG A 101 -6.92 7.26 -6.61
CA ARG A 101 -7.73 7.85 -7.67
C ARG A 101 -8.68 6.83 -8.25
N ARG A 102 -9.98 7.10 -8.10
CA ARG A 102 -11.00 6.20 -8.63
C ARG A 102 -11.90 6.91 -9.63
N GLY A 103 -11.98 6.36 -10.84
CA GLY A 103 -12.81 6.97 -11.88
C GLY A 103 -12.17 8.21 -12.47
N ASN A 104 -12.41 9.35 -11.84
CA ASN A 104 -11.86 10.62 -12.31
C ASN A 104 -11.74 11.63 -11.17
N GLU A 105 -11.36 11.14 -10.00
CA GLU A 105 -11.20 11.99 -8.83
C GLU A 105 -10.37 11.30 -7.75
N ASP A 106 -10.15 11.99 -6.64
CA ASP A 106 -9.37 11.44 -5.53
C ASP A 106 -10.27 11.03 -4.38
N ILE A 107 -10.09 9.81 -3.89
CA ILE A 107 -10.89 9.30 -2.79
C ILE A 107 -10.00 8.89 -1.61
N MET A 108 -10.36 9.34 -0.41
CA MET A 108 -9.61 9.01 0.79
C MET A 108 -9.98 7.63 1.31
N ILE A 109 -8.98 6.88 1.75
CA ILE A 109 -9.20 5.54 2.28
C ILE A 109 -8.69 5.41 3.71
N THR A 110 -9.60 5.54 4.67
CA THR A 110 -9.25 5.44 6.08
C THR A 110 -9.20 3.98 6.53
N VAL A 111 -8.01 3.54 6.96
CA VAL A 111 -7.83 2.17 7.42
C VAL A 111 -7.20 2.15 8.81
N ILE A 112 -7.64 1.20 9.63
CA ILE A 112 -7.11 1.06 10.98
C ILE A 112 -6.33 -0.24 11.14
N PRO A 113 -5.02 -0.19 10.82
CA PRO A 113 -4.13 -1.34 10.92
C PRO A 113 -3.86 -1.75 12.36
N GLU A 114 -4.02 -3.03 12.65
CA GLU A 114 -3.80 -3.55 13.99
C GLU A 114 -2.34 -3.99 14.17
N GLU A 115 -1.79 -3.69 15.34
CA GLU A 115 -0.41 -4.06 15.65
C GLU A 115 -0.30 -5.53 16.03
N ILE A 116 0.30 -6.33 15.15
CA ILE A 116 0.46 -7.75 15.40
C ILE A 116 1.91 -8.09 15.70
N ASP A 117 2.13 -9.14 16.49
CA ASP A 117 3.47 -9.57 16.86
C ASP A 117 4.33 -9.77 15.61
N PRO A 118 5.65 -9.66 15.78
CA PRO A 118 6.61 -9.83 14.68
C PRO A 118 6.69 -11.28 14.19
N GLY A 1 -0.96 -2.18 43.39
CA GLY A 1 -1.40 -1.46 42.21
C GLY A 1 -0.29 -0.69 41.54
N SER A 2 0.19 -1.20 40.42
CA SER A 2 1.27 -0.54 39.68
C SER A 2 0.80 -0.06 38.32
N SER A 3 0.94 1.23 38.07
CA SER A 3 0.52 1.83 36.81
C SER A 3 1.73 2.31 36.00
N GLY A 4 2.38 3.34 36.50
CA GLY A 4 3.55 3.88 35.82
C GLY A 4 3.17 4.79 34.66
N SER A 5 3.73 6.00 34.65
CA SER A 5 3.44 6.96 33.59
C SER A 5 4.62 7.08 32.64
N SER A 6 4.32 7.26 31.35
CA SER A 6 5.35 7.38 30.34
C SER A 6 5.90 8.81 30.29
N GLY A 7 7.21 8.93 30.05
CA GLY A 7 7.83 10.23 30.00
C GLY A 7 7.76 10.84 28.61
N ARG A 8 8.80 11.60 28.25
CA ARG A 8 8.85 12.24 26.94
C ARG A 8 10.29 12.42 26.47
N GLN A 9 10.94 11.30 26.15
CA GLN A 9 12.33 11.33 25.70
C GLN A 9 12.74 9.96 25.16
N ALA A 10 11.88 9.37 24.32
CA ALA A 10 12.16 8.07 23.73
C ALA A 10 13.05 8.21 22.51
N LYS A 11 14.34 7.92 22.67
CA LYS A 11 15.30 8.01 21.58
C LYS A 11 15.75 6.63 21.13
N GLY A 12 15.90 5.71 22.09
CA GLY A 12 16.32 4.37 21.77
C GLY A 12 15.23 3.56 21.10
N LYS A 13 15.62 2.69 20.18
CA LYS A 13 14.66 1.86 19.46
C LYS A 13 15.09 0.39 19.48
N ALA A 14 14.23 -0.48 18.96
CA ALA A 14 14.54 -1.91 18.92
C ALA A 14 13.44 -2.67 18.18
N ILE A 15 13.61 -3.98 18.06
CA ILE A 15 12.64 -4.83 17.38
C ILE A 15 11.24 -4.60 17.94
N THR A 16 10.38 -3.98 17.12
CA THR A 16 9.02 -3.70 17.53
C THR A 16 8.02 -4.47 16.67
N LYS A 17 6.80 -4.63 17.17
CA LYS A 17 5.75 -5.34 16.44
C LYS A 17 5.47 -4.67 15.10
N LYS A 18 4.68 -5.34 14.27
CA LYS A 18 4.32 -4.81 12.96
C LYS A 18 2.81 -4.86 12.74
N LYS A 19 2.30 -3.91 11.96
CA LYS A 19 0.87 -3.86 11.66
C LYS A 19 0.54 -4.70 10.44
N TYR A 20 -0.75 -4.98 10.25
CA TYR A 20 -1.20 -5.77 9.12
C TYR A 20 -2.61 -5.34 8.67
N ILE A 21 -2.88 -5.49 7.38
CA ILE A 21 -4.18 -5.14 6.84
C ILE A 21 -4.57 -6.06 5.69
N GLY A 22 -3.89 -7.19 5.59
CA GLY A 22 -4.18 -8.14 4.53
C GLY A 22 -4.25 -7.49 3.17
N ILE A 23 -3.10 -7.22 2.57
CA ILE A 23 -3.04 -6.59 1.26
C ILE A 23 -1.78 -7.03 0.50
N ARG A 24 -1.93 -7.26 -0.80
CA ARG A 24 -0.82 -7.68 -1.64
C ARG A 24 -0.51 -6.62 -2.69
N MET A 25 0.75 -6.20 -2.75
CA MET A 25 1.18 -5.20 -3.72
C MET A 25 2.53 -5.56 -4.32
N MET A 26 2.84 -4.99 -5.48
CA MET A 26 4.09 -5.25 -6.16
C MET A 26 4.78 -3.95 -6.56
N SER A 27 6.11 -3.93 -6.45
CA SER A 27 6.88 -2.75 -6.79
C SER A 27 6.53 -2.25 -8.19
N LEU A 28 5.85 -1.11 -8.26
CA LEU A 28 5.45 -0.53 -9.53
C LEU A 28 6.63 0.13 -10.23
N THR A 29 6.82 -0.19 -11.51
CA THR A 29 7.92 0.36 -12.29
C THR A 29 7.40 1.24 -13.42
N SER A 30 8.29 2.05 -13.99
CA SER A 30 7.91 2.94 -15.08
C SER A 30 7.48 2.15 -16.30
N SER A 31 8.06 0.96 -16.47
CA SER A 31 7.73 0.11 -17.61
C SER A 31 6.44 -0.67 -17.35
N LYS A 32 6.16 -0.95 -16.07
CA LYS A 32 4.96 -1.68 -15.70
C LYS A 32 3.75 -0.75 -15.66
N ALA A 33 3.96 0.46 -15.16
CA ALA A 33 2.89 1.44 -15.06
C ALA A 33 2.47 1.93 -16.44
N LYS A 34 3.44 2.32 -17.26
CA LYS A 34 3.17 2.81 -18.60
C LYS A 34 2.40 1.77 -19.42
N GLU A 35 2.60 0.49 -19.07
CA GLU A 35 1.93 -0.60 -19.77
C GLU A 35 0.62 -0.96 -19.07
N LEU A 36 0.56 -0.69 -17.77
CA LEU A 36 -0.64 -0.99 -16.99
C LEU A 36 -1.84 -0.18 -17.49
N LYS A 37 -1.57 1.03 -17.96
CA LYS A 37 -2.62 1.91 -18.46
C LYS A 37 -3.06 1.47 -19.86
N ASP A 38 -2.10 1.41 -20.79
CA ASP A 38 -2.39 1.00 -22.15
C ASP A 38 -3.09 -0.36 -22.18
N ARG A 39 -2.83 -1.18 -21.16
CA ARG A 39 -3.42 -2.50 -21.07
C ARG A 39 -4.72 -2.46 -20.26
N HIS A 40 -4.79 -1.53 -19.32
CA HIS A 40 -5.98 -1.38 -18.49
C HIS A 40 -6.51 0.04 -18.51
N ARG A 41 -7.49 0.29 -19.37
CA ARG A 41 -8.07 1.63 -19.50
C ARG A 41 -8.58 2.13 -18.16
N ASP A 42 -8.93 1.19 -17.28
CA ASP A 42 -9.42 1.54 -15.95
C ASP A 42 -8.37 2.28 -15.13
N PHE A 43 -7.10 1.92 -15.37
CA PHE A 43 -5.99 2.55 -14.66
C PHE A 43 -6.07 4.07 -14.76
N PRO A 44 -5.77 4.75 -13.64
CA PRO A 44 -5.81 6.21 -13.58
C PRO A 44 -4.68 6.85 -14.38
N ASP A 45 -4.51 8.16 -14.22
CA ASP A 45 -3.46 8.89 -14.93
C ASP A 45 -2.20 9.00 -14.08
N VAL A 46 -1.83 7.89 -13.44
CA VAL A 46 -0.64 7.86 -12.60
C VAL A 46 0.25 6.67 -12.94
N ILE A 47 1.51 6.75 -12.53
CA ILE A 47 2.45 5.67 -12.79
C ILE A 47 3.56 5.63 -11.73
N SER A 48 3.21 6.06 -10.52
CA SER A 48 4.16 6.07 -9.41
C SER A 48 3.45 5.92 -8.07
N GLY A 49 3.70 4.81 -7.40
CA GLY A 49 3.08 4.56 -6.11
C GLY A 49 3.03 3.09 -5.76
N ALA A 50 1.95 2.67 -5.10
CA ALA A 50 1.79 1.28 -4.71
C ALA A 50 0.62 0.63 -5.46
N TYR A 51 0.92 -0.40 -6.24
CA TYR A 51 -0.10 -1.11 -7.00
C TYR A 51 -0.67 -2.27 -6.21
N ILE A 52 -1.97 -2.23 -5.97
CA ILE A 52 -2.65 -3.29 -5.23
C ILE A 52 -3.05 -4.44 -6.15
N ILE A 53 -2.50 -5.62 -5.88
CA ILE A 53 -2.81 -6.80 -6.68
C ILE A 53 -4.02 -7.55 -6.12
N GLU A 54 -4.24 -7.40 -4.82
CA GLU A 54 -5.36 -8.06 -4.16
C GLU A 54 -5.45 -7.65 -2.69
N VAL A 55 -6.68 -7.49 -2.20
CA VAL A 55 -6.90 -7.11 -0.82
C VAL A 55 -7.62 -8.21 -0.05
N ILE A 56 -6.88 -8.91 0.81
CA ILE A 56 -7.45 -9.99 1.61
C ILE A 56 -8.71 -9.54 2.32
N PRO A 57 -9.75 -10.38 2.28
CA PRO A 57 -11.04 -10.10 2.92
C PRO A 57 -10.94 -10.15 4.44
N ASP A 58 -11.95 -9.58 5.10
CA ASP A 58 -11.98 -9.55 6.56
C ASP A 58 -10.82 -8.73 7.12
N THR A 59 -10.36 -7.76 6.34
CA THR A 59 -9.26 -6.90 6.75
C THR A 59 -9.70 -5.44 6.85
N PRO A 60 -8.98 -4.65 7.65
CA PRO A 60 -9.28 -3.23 7.85
C PRO A 60 -8.98 -2.40 6.61
N ALA A 61 -8.38 -3.03 5.61
CA ALA A 61 -8.04 -2.35 4.37
C ALA A 61 -9.13 -2.54 3.32
N GLU A 62 -9.71 -3.74 3.30
CA GLU A 62 -10.77 -4.05 2.34
C GLU A 62 -11.98 -3.15 2.56
N ALA A 63 -12.38 -3.00 3.82
CA ALA A 63 -13.53 -2.16 4.15
C ALA A 63 -13.19 -0.68 4.02
N GLY A 64 -11.96 -0.33 4.38
CA GLY A 64 -11.53 1.05 4.29
C GLY A 64 -11.75 1.64 2.91
N GLY A 65 -11.64 0.80 1.88
CA GLY A 65 -11.83 1.27 0.52
C GLY A 65 -10.76 0.73 -0.43
N LEU A 66 -9.65 0.29 0.14
CA LEU A 66 -8.55 -0.25 -0.67
C LEU A 66 -9.01 -1.45 -1.48
N LYS A 67 -9.19 -1.24 -2.79
CA LYS A 67 -9.63 -2.31 -3.67
C LYS A 67 -8.50 -2.72 -4.62
N GLU A 68 -8.74 -3.78 -5.38
CA GLU A 68 -7.74 -4.28 -6.33
C GLU A 68 -7.57 -3.30 -7.50
N ASN A 69 -6.40 -3.34 -8.13
CA ASN A 69 -6.10 -2.46 -9.25
C ASN A 69 -6.10 -1.00 -8.81
N ASP A 70 -5.62 -0.76 -7.59
CA ASP A 70 -5.57 0.60 -7.05
C ASP A 70 -4.14 1.13 -7.06
N VAL A 71 -4.00 2.45 -6.94
CA VAL A 71 -2.68 3.08 -6.93
C VAL A 71 -2.64 4.26 -5.95
N ILE A 72 -1.90 4.08 -4.87
CA ILE A 72 -1.78 5.12 -3.85
C ILE A 72 -0.79 6.20 -4.30
N ILE A 73 -1.21 7.46 -4.18
CA ILE A 73 -0.34 8.57 -4.56
C ILE A 73 0.16 9.32 -3.33
N SER A 74 -0.58 9.24 -2.25
CA SER A 74 -0.21 9.90 -1.00
C SER A 74 -0.92 9.27 0.20
N ILE A 75 -0.31 9.39 1.37
CA ILE A 75 -0.88 8.83 2.58
C ILE A 75 -0.58 9.72 3.79
N ASN A 76 -1.63 10.07 4.53
CA ASN A 76 -1.48 10.91 5.70
C ASN A 76 -0.95 12.29 5.33
N GLY A 77 -1.21 12.70 4.09
CA GLY A 77 -0.76 14.00 3.63
C GLY A 77 0.68 13.97 3.15
N GLN A 78 1.14 12.80 2.74
CA GLN A 78 2.52 12.63 2.27
C GLN A 78 2.55 11.86 0.96
N SER A 79 3.17 12.46 -0.06
CA SER A 79 3.27 11.82 -1.37
C SER A 79 4.24 10.65 -1.34
N VAL A 80 3.79 9.49 -1.80
CA VAL A 80 4.62 8.29 -1.82
C VAL A 80 4.98 7.90 -3.25
N VAL A 81 6.06 7.15 -3.39
CA VAL A 81 6.52 6.70 -4.71
C VAL A 81 7.03 5.27 -4.65
N SER A 82 6.56 4.51 -3.67
CA SER A 82 6.98 3.12 -3.50
C SER A 82 6.03 2.37 -2.58
N ALA A 83 5.70 1.14 -2.95
CA ALA A 83 4.80 0.32 -2.15
C ALA A 83 5.37 0.07 -0.75
N ASN A 84 6.68 0.22 -0.63
CA ASN A 84 7.34 0.00 0.65
C ASN A 84 7.15 1.21 1.57
N ASP A 85 6.92 2.37 0.97
CA ASP A 85 6.71 3.59 1.73
C ASP A 85 5.29 3.65 2.30
N VAL A 86 4.32 3.28 1.48
CA VAL A 86 2.92 3.29 1.89
C VAL A 86 2.68 2.33 3.05
N SER A 87 3.49 1.28 3.11
CA SER A 87 3.37 0.27 4.16
C SER A 87 4.01 0.77 5.45
N ASP A 88 4.98 1.67 5.32
CA ASP A 88 5.68 2.23 6.48
C ASP A 88 4.71 3.00 7.36
N VAL A 89 3.76 3.69 6.75
CA VAL A 89 2.78 4.47 7.48
C VAL A 89 1.87 3.58 8.31
N ILE A 90 1.74 2.33 7.90
CA ILE A 90 0.91 1.37 8.61
C ILE A 90 1.41 1.15 10.03
N LYS A 91 2.72 0.99 10.18
CA LYS A 91 3.33 0.77 11.48
C LYS A 91 3.76 2.09 12.11
N ARG A 92 3.96 3.10 11.26
CA ARG A 92 4.36 4.42 11.74
C ARG A 92 3.21 5.12 12.46
N GLU A 93 2.10 5.31 11.74
CA GLU A 93 0.94 5.97 12.29
C GLU A 93 -0.17 4.95 12.58
N SER A 94 -0.98 5.24 13.60
CA SER A 94 -2.08 4.35 13.98
C SER A 94 -3.15 4.33 12.90
N THR A 95 -3.39 5.47 12.27
CA THR A 95 -4.39 5.58 11.23
C THR A 95 -3.75 5.50 9.84
N LEU A 96 -4.59 5.42 8.82
CA LEU A 96 -4.11 5.35 7.45
C LEU A 96 -4.98 6.18 6.51
N ASN A 97 -4.57 7.43 6.28
CA ASN A 97 -5.31 8.32 5.41
C ASN A 97 -4.75 8.30 3.99
N MET A 98 -5.01 7.20 3.28
CA MET A 98 -4.54 7.04 1.91
C MET A 98 -5.44 7.81 0.94
N VAL A 99 -4.90 8.10 -0.25
CA VAL A 99 -5.65 8.83 -1.27
C VAL A 99 -5.46 8.20 -2.64
N VAL A 100 -6.41 7.35 -3.04
CA VAL A 100 -6.35 6.68 -4.33
C VAL A 100 -7.27 7.36 -5.34
N ARG A 101 -6.91 7.26 -6.62
CA ARG A 101 -7.71 7.85 -7.69
C ARG A 101 -8.68 6.84 -8.28
N ARG A 102 -9.97 7.11 -8.14
CA ARG A 102 -11.00 6.22 -8.66
C ARG A 102 -11.90 6.95 -9.66
N GLY A 103 -12.09 6.33 -10.83
CA GLY A 103 -12.93 6.94 -11.85
C GLY A 103 -12.28 8.16 -12.48
N ASN A 104 -12.49 9.32 -11.87
CA ASN A 104 -11.92 10.56 -12.38
C ASN A 104 -11.76 11.58 -11.26
N GLU A 105 -11.36 11.10 -10.08
CA GLU A 105 -11.16 11.97 -8.93
C GLU A 105 -10.34 11.27 -7.86
N ASP A 106 -10.15 11.95 -6.73
CA ASP A 106 -9.38 11.38 -5.62
C ASP A 106 -10.29 10.99 -4.47
N ILE A 107 -10.06 9.80 -3.92
CA ILE A 107 -10.87 9.31 -2.82
C ILE A 107 -9.99 8.90 -1.64
N MET A 108 -10.37 9.33 -0.44
CA MET A 108 -9.62 9.02 0.77
C MET A 108 -9.99 7.63 1.29
N ILE A 109 -8.99 6.89 1.76
CA ILE A 109 -9.22 5.56 2.29
C ILE A 109 -8.70 5.44 3.72
N THR A 110 -9.61 5.56 4.68
CA THR A 110 -9.25 5.46 6.09
C THR A 110 -9.20 4.01 6.55
N VAL A 111 -8.02 3.56 6.96
CA VAL A 111 -7.83 2.19 7.42
C VAL A 111 -7.21 2.17 8.81
N ILE A 112 -7.63 1.22 9.63
CA ILE A 112 -7.12 1.08 10.98
C ILE A 112 -6.33 -0.22 11.15
N PRO A 113 -5.03 -0.17 10.82
CA PRO A 113 -4.14 -1.33 10.92
C PRO A 113 -3.87 -1.74 12.37
N GLU A 114 -4.04 -3.02 12.66
CA GLU A 114 -3.82 -3.54 14.00
C GLU A 114 -2.36 -3.98 14.19
N GLU A 115 -1.81 -3.68 15.36
CA GLU A 115 -0.43 -4.05 15.66
C GLU A 115 -0.32 -5.52 16.06
N ILE A 116 0.26 -6.33 15.18
CA ILE A 116 0.42 -7.75 15.44
C ILE A 116 1.88 -8.10 15.73
N ASP A 117 2.08 -9.14 16.53
CA ASP A 117 3.43 -9.57 16.90
C ASP A 117 4.28 -9.78 15.65
N PRO A 118 5.61 -9.68 15.82
CA PRO A 118 6.57 -9.85 14.72
C PRO A 118 6.64 -11.30 14.23
N GLY A 1 21.42 1.09 -11.89
CA GLY A 1 22.43 1.99 -11.37
C GLY A 1 23.42 1.28 -10.47
N SER A 2 24.14 2.06 -9.66
CA SER A 2 25.13 1.49 -8.74
C SER A 2 24.82 1.90 -7.30
N SER A 3 24.03 1.07 -6.62
CA SER A 3 23.65 1.33 -5.24
C SER A 3 24.34 0.35 -4.30
N GLY A 4 24.10 0.51 -3.00
CA GLY A 4 24.71 -0.36 -2.01
C GLY A 4 23.94 -0.39 -0.71
N SER A 5 22.97 -1.29 -0.60
CA SER A 5 22.16 -1.41 0.60
C SER A 5 22.63 -2.58 1.47
N SER A 6 23.78 -2.39 2.10
CA SER A 6 24.36 -3.43 2.96
C SER A 6 25.02 -2.82 4.19
N GLY A 7 24.84 -3.46 5.34
CA GLY A 7 25.43 -2.96 6.57
C GLY A 7 24.41 -2.28 7.47
N ARG A 8 24.16 -2.86 8.63
CA ARG A 8 23.20 -2.31 9.58
C ARG A 8 23.85 -2.12 10.95
N GLN A 9 23.28 -1.22 11.75
CA GLN A 9 23.80 -0.94 13.09
C GLN A 9 22.77 -0.20 13.92
N ALA A 10 21.52 -0.68 13.89
CA ALA A 10 20.44 -0.05 14.64
C ALA A 10 19.92 -0.99 15.72
N LYS A 11 20.32 -0.75 16.97
CA LYS A 11 19.89 -1.57 18.08
C LYS A 11 19.35 -0.70 19.22
N GLY A 12 18.60 -1.32 20.13
CA GLY A 12 18.04 -0.59 21.25
C GLY A 12 16.57 -0.87 21.43
N LYS A 13 15.73 0.15 21.23
CA LYS A 13 14.29 0.01 21.39
C LYS A 13 13.67 -0.58 20.12
N ALA A 14 13.42 -1.88 20.15
CA ALA A 14 12.82 -2.56 19.00
C ALA A 14 11.32 -2.28 18.92
N ILE A 15 10.81 -2.21 17.70
CA ILE A 15 9.40 -1.94 17.48
C ILE A 15 8.54 -3.04 18.10
N THR A 16 7.38 -2.64 18.63
CA THR A 16 6.46 -3.59 19.25
C THR A 16 5.56 -4.25 18.20
N LYS A 17 5.84 -5.53 17.91
CA LYS A 17 5.06 -6.27 16.93
C LYS A 17 5.03 -5.54 15.59
N LYS A 18 4.29 -6.10 14.64
CA LYS A 18 4.17 -5.50 13.31
C LYS A 18 2.70 -5.38 12.90
N LYS A 19 2.36 -4.26 12.28
CA LYS A 19 1.00 -4.01 11.84
C LYS A 19 0.66 -4.87 10.61
N TYR A 20 -0.62 -4.97 10.29
CA TYR A 20 -1.06 -5.76 9.14
C TYR A 20 -2.45 -5.32 8.70
N ILE A 21 -2.72 -5.45 7.40
CA ILE A 21 -4.01 -5.07 6.85
C ILE A 21 -4.40 -6.00 5.70
N GLY A 22 -3.71 -7.12 5.59
CA GLY A 22 -4.00 -8.07 4.53
C GLY A 22 -4.09 -7.41 3.16
N ILE A 23 -2.94 -7.13 2.57
CA ILE A 23 -2.90 -6.48 1.26
C ILE A 23 -1.64 -6.90 0.49
N ARG A 24 -1.81 -7.16 -0.81
CA ARG A 24 -0.69 -7.57 -1.65
C ARG A 24 -0.41 -6.51 -2.71
N MET A 25 0.83 -6.05 -2.78
CA MET A 25 1.23 -5.05 -3.75
C MET A 25 2.58 -5.39 -4.36
N MET A 26 2.84 -4.88 -5.57
CA MET A 26 4.10 -5.12 -6.25
C MET A 26 4.78 -3.82 -6.62
N SER A 27 6.11 -3.79 -6.51
CA SER A 27 6.88 -2.60 -6.83
C SER A 27 6.52 -2.07 -8.21
N LEU A 28 5.83 -0.94 -8.25
CA LEU A 28 5.42 -0.33 -9.51
C LEU A 28 6.63 0.26 -10.24
N THR A 29 6.80 -0.12 -11.51
CA THR A 29 7.91 0.38 -12.31
C THR A 29 7.41 1.23 -13.46
N SER A 30 8.26 2.15 -13.92
CA SER A 30 7.90 3.03 -15.02
C SER A 30 7.44 2.24 -16.24
N SER A 31 8.00 1.04 -16.40
CA SER A 31 7.66 0.18 -17.52
C SER A 31 6.37 -0.58 -17.24
N LYS A 32 6.15 -0.92 -15.98
CA LYS A 32 4.95 -1.65 -15.57
C LYS A 32 3.72 -0.74 -15.61
N ALA A 33 3.91 0.50 -15.20
CA ALA A 33 2.82 1.47 -15.19
C ALA A 33 2.39 1.84 -16.60
N LYS A 34 3.37 2.22 -17.43
CA LYS A 34 3.09 2.60 -18.82
C LYS A 34 2.35 1.49 -19.55
N GLU A 35 2.55 0.25 -19.09
CA GLU A 35 1.90 -0.90 -19.70
C GLU A 35 0.59 -1.23 -18.99
N LEU A 36 0.52 -0.88 -17.71
CA LEU A 36 -0.68 -1.13 -16.91
C LEU A 36 -1.86 -0.32 -17.42
N LYS A 37 -1.58 0.90 -17.88
CA LYS A 37 -2.62 1.79 -18.40
C LYS A 37 -3.09 1.32 -19.77
N ASP A 38 -2.16 1.25 -20.72
CA ASP A 38 -2.48 0.83 -22.08
C ASP A 38 -3.20 -0.53 -22.06
N ARG A 39 -2.92 -1.33 -21.04
CA ARG A 39 -3.53 -2.64 -20.92
C ARG A 39 -4.81 -2.57 -20.10
N HIS A 40 -4.89 -1.58 -19.21
CA HIS A 40 -6.06 -1.40 -18.37
C HIS A 40 -6.58 0.04 -18.44
N ARG A 41 -7.57 0.26 -19.29
CA ARG A 41 -8.16 1.59 -19.46
C ARG A 41 -8.66 2.14 -18.13
N ASP A 42 -8.98 1.23 -17.21
CA ASP A 42 -9.48 1.62 -15.90
C ASP A 42 -8.41 2.38 -15.11
N PHE A 43 -7.15 2.02 -15.36
CA PHE A 43 -6.03 2.65 -14.67
C PHE A 43 -6.11 4.17 -14.80
N PRO A 44 -5.79 4.88 -13.70
CA PRO A 44 -5.82 6.33 -13.65
C PRO A 44 -4.71 6.96 -14.49
N ASP A 45 -4.53 8.26 -14.34
CA ASP A 45 -3.50 8.99 -15.07
C ASP A 45 -2.23 9.11 -14.25
N VAL A 46 -1.85 8.02 -13.58
CA VAL A 46 -0.65 8.00 -12.75
C VAL A 46 0.24 6.81 -13.08
N ILE A 47 1.49 6.87 -12.66
CA ILE A 47 2.43 5.79 -12.92
C ILE A 47 3.51 5.74 -11.85
N SER A 48 3.17 6.19 -10.65
CA SER A 48 4.12 6.20 -9.53
C SER A 48 3.40 6.05 -8.20
N GLY A 49 3.60 4.92 -7.54
CA GLY A 49 2.96 4.68 -6.26
C GLY A 49 2.94 3.20 -5.90
N ALA A 50 1.88 2.79 -5.20
CA ALA A 50 1.74 1.40 -4.80
C ALA A 50 0.59 0.72 -5.53
N TYR A 51 0.91 -0.32 -6.29
CA TYR A 51 -0.09 -1.05 -7.05
C TYR A 51 -0.66 -2.21 -6.24
N ILE A 52 -1.97 -2.23 -6.05
CA ILE A 52 -2.63 -3.28 -5.30
C ILE A 52 -3.04 -4.43 -6.21
N ILE A 53 -2.51 -5.62 -5.92
CA ILE A 53 -2.81 -6.80 -6.71
C ILE A 53 -3.97 -7.59 -6.10
N GLU A 54 -4.13 -7.45 -4.79
CA GLU A 54 -5.21 -8.15 -4.09
C GLU A 54 -5.24 -7.75 -2.62
N VAL A 55 -6.45 -7.50 -2.10
CA VAL A 55 -6.62 -7.11 -0.71
C VAL A 55 -7.36 -8.18 0.08
N ILE A 56 -6.62 -8.89 0.93
CA ILE A 56 -7.20 -9.96 1.75
C ILE A 56 -8.46 -9.47 2.46
N PRO A 57 -9.51 -10.30 2.43
CA PRO A 57 -10.79 -9.98 3.07
C PRO A 57 -10.69 -10.00 4.60
N ASP A 58 -11.70 -9.44 5.25
CA ASP A 58 -11.74 -9.39 6.71
C ASP A 58 -10.58 -8.55 7.25
N THR A 59 -10.13 -7.59 6.46
CA THR A 59 -9.03 -6.71 6.85
C THR A 59 -9.47 -5.25 6.87
N PRO A 60 -8.76 -4.43 7.66
CA PRO A 60 -9.05 -3.00 7.77
C PRO A 60 -8.72 -2.23 6.51
N ALA A 61 -8.10 -2.91 5.55
CA ALA A 61 -7.72 -2.29 4.28
C ALA A 61 -8.80 -2.53 3.22
N GLU A 62 -9.50 -3.66 3.35
CA GLU A 62 -10.55 -4.00 2.40
C GLU A 62 -11.79 -3.14 2.61
N ALA A 63 -12.17 -2.97 3.87
CA ALA A 63 -13.34 -2.16 4.21
C ALA A 63 -13.03 -0.68 4.12
N GLY A 64 -11.78 -0.33 4.37
CA GLY A 64 -11.36 1.06 4.31
C GLY A 64 -11.63 1.69 2.96
N GLY A 65 -11.39 0.94 1.90
CA GLY A 65 -11.62 1.44 0.56
C GLY A 65 -10.62 0.89 -0.44
N LEU A 66 -9.44 0.51 0.05
CA LEU A 66 -8.39 -0.03 -0.82
C LEU A 66 -8.87 -1.27 -1.55
N LYS A 67 -9.10 -1.14 -2.85
CA LYS A 67 -9.56 -2.25 -3.67
C LYS A 67 -8.48 -2.69 -4.65
N GLU A 68 -8.68 -3.85 -5.27
CA GLU A 68 -7.72 -4.38 -6.23
C GLU A 68 -7.55 -3.42 -7.40
N ASN A 69 -6.35 -3.42 -7.98
CA ASN A 69 -6.05 -2.55 -9.11
C ASN A 69 -6.13 -1.08 -8.70
N ASP A 70 -5.45 -0.73 -7.61
CA ASP A 70 -5.45 0.63 -7.11
C ASP A 70 -4.04 1.21 -7.11
N VAL A 71 -3.94 2.52 -7.02
CA VAL A 71 -2.65 3.20 -7.02
C VAL A 71 -2.64 4.36 -6.03
N ILE A 72 -1.86 4.22 -4.96
CA ILE A 72 -1.75 5.25 -3.94
C ILE A 72 -0.78 6.35 -4.37
N ILE A 73 -1.25 7.60 -4.32
CA ILE A 73 -0.42 8.73 -4.70
C ILE A 73 0.07 9.48 -3.46
N SER A 74 -0.66 9.36 -2.36
CA SER A 74 -0.30 10.03 -1.13
C SER A 74 -0.96 9.36 0.07
N ILE A 75 -0.36 9.52 1.25
CA ILE A 75 -0.90 8.93 2.47
C ILE A 75 -0.59 9.80 3.68
N ASN A 76 -1.64 10.14 4.43
CA ASN A 76 -1.49 10.97 5.62
C ASN A 76 -0.94 12.35 5.26
N GLY A 77 -1.22 12.78 4.03
CA GLY A 77 -0.75 14.07 3.58
C GLY A 77 0.69 14.03 3.08
N GLN A 78 1.14 12.84 2.72
CA GLN A 78 2.51 12.67 2.23
C GLN A 78 2.52 11.84 0.95
N SER A 79 3.00 12.43 -0.14
CA SER A 79 3.07 11.74 -1.42
C SER A 79 4.06 10.59 -1.36
N VAL A 80 3.63 9.41 -1.83
CA VAL A 80 4.48 8.23 -1.83
C VAL A 80 4.84 7.82 -3.25
N VAL A 81 5.95 7.09 -3.39
CA VAL A 81 6.40 6.63 -4.70
C VAL A 81 6.94 5.21 -4.63
N SER A 82 6.47 4.45 -3.63
CA SER A 82 6.91 3.08 -3.44
C SER A 82 5.94 2.32 -2.53
N ALA A 83 5.64 1.08 -2.89
CA ALA A 83 4.74 0.26 -2.10
C ALA A 83 5.29 0.02 -0.69
N ASN A 84 6.60 0.18 -0.55
CA ASN A 84 7.25 0.00 0.74
C ASN A 84 7.07 1.22 1.64
N ASP A 85 6.85 2.37 1.01
CA ASP A 85 6.64 3.61 1.75
C ASP A 85 5.23 3.68 2.32
N VAL A 86 4.25 3.22 1.54
CA VAL A 86 2.86 3.23 1.96
C VAL A 86 2.64 2.27 3.13
N SER A 87 3.51 1.27 3.24
CA SER A 87 3.40 0.28 4.31
C SER A 87 4.02 0.82 5.60
N ASP A 88 4.96 1.75 5.46
CA ASP A 88 5.63 2.34 6.62
C ASP A 88 4.63 3.07 7.51
N VAL A 89 3.76 3.86 6.89
CA VAL A 89 2.75 4.61 7.62
C VAL A 89 1.89 3.69 8.48
N ILE A 90 1.73 2.45 8.04
CA ILE A 90 0.94 1.48 8.77
C ILE A 90 1.45 1.31 10.20
N LYS A 91 2.76 1.15 10.33
CA LYS A 91 3.38 0.97 11.65
C LYS A 91 3.79 2.32 12.22
N ARG A 92 3.94 3.32 11.35
CA ARG A 92 4.33 4.65 11.78
C ARG A 92 3.18 5.37 12.48
N GLU A 93 2.07 5.53 11.77
CA GLU A 93 0.90 6.18 12.33
C GLU A 93 -0.23 5.18 12.58
N SER A 94 -1.04 5.46 13.59
CA SER A 94 -2.15 4.58 13.94
C SER A 94 -3.16 4.51 12.80
N THR A 95 -3.47 5.66 12.20
CA THR A 95 -4.42 5.73 11.10
C THR A 95 -3.70 5.80 9.76
N LEU A 96 -4.46 5.62 8.68
CA LEU A 96 -3.89 5.67 7.34
C LEU A 96 -4.80 6.43 6.39
N ASN A 97 -4.49 7.69 6.17
CA ASN A 97 -5.29 8.54 5.28
C ASN A 97 -4.74 8.50 3.85
N MET A 98 -4.98 7.39 3.16
CA MET A 98 -4.52 7.23 1.79
C MET A 98 -5.44 7.96 0.81
N VAL A 99 -4.91 8.25 -0.38
CA VAL A 99 -5.68 8.94 -1.40
C VAL A 99 -5.49 8.31 -2.77
N VAL A 100 -6.42 7.43 -3.15
CA VAL A 100 -6.33 6.75 -4.44
C VAL A 100 -7.28 7.39 -5.46
N ARG A 101 -6.92 7.28 -6.73
CA ARG A 101 -7.73 7.86 -7.80
C ARG A 101 -8.69 6.81 -8.37
N ARG A 102 -9.98 7.07 -8.22
CA ARG A 102 -11.00 6.16 -8.72
C ARG A 102 -11.87 6.83 -9.78
N GLY A 103 -11.84 6.31 -11.00
CA GLY A 103 -12.64 6.87 -12.07
C GLY A 103 -12.01 8.12 -12.66
N ASN A 104 -12.21 9.26 -12.01
CA ASN A 104 -11.67 10.52 -12.48
C ASN A 104 -11.59 11.53 -11.34
N GLU A 105 -11.36 11.04 -10.12
CA GLU A 105 -11.27 11.90 -8.96
C GLU A 105 -10.47 11.23 -7.84
N ASP A 106 -10.17 11.97 -6.79
CA ASP A 106 -9.42 11.45 -5.66
C ASP A 106 -10.35 11.05 -4.52
N ILE A 107 -10.05 9.94 -3.88
CA ILE A 107 -10.87 9.45 -2.76
C ILE A 107 -10.00 9.06 -1.57
N MET A 108 -10.41 9.49 -0.39
CA MET A 108 -9.68 9.18 0.84
C MET A 108 -10.00 7.78 1.32
N ILE A 109 -8.97 7.07 1.80
CA ILE A 109 -9.14 5.72 2.30
C ILE A 109 -8.57 5.57 3.71
N THR A 110 -9.45 5.65 4.70
CA THR A 110 -9.03 5.53 6.09
C THR A 110 -8.93 4.06 6.51
N VAL A 111 -7.73 3.63 6.87
CA VAL A 111 -7.51 2.26 7.30
C VAL A 111 -6.97 2.20 8.72
N ILE A 112 -7.40 1.19 9.48
CA ILE A 112 -6.97 1.03 10.86
C ILE A 112 -6.24 -0.30 11.05
N PRO A 113 -4.91 -0.28 10.83
CA PRO A 113 -4.07 -1.47 10.97
C PRO A 113 -3.93 -1.91 12.42
N GLU A 114 -3.85 -3.22 12.64
CA GLU A 114 -3.72 -3.77 13.98
C GLU A 114 -2.32 -4.36 14.19
N GLU A 115 -1.79 -4.20 15.39
CA GLU A 115 -0.46 -4.71 15.71
C GLU A 115 -0.51 -6.22 15.96
N ILE A 116 0.06 -6.98 15.02
CA ILE A 116 0.07 -8.43 15.15
C ILE A 116 1.49 -8.94 15.43
N ASP A 117 1.57 -10.05 16.17
CA ASP A 117 2.87 -10.64 16.51
C ASP A 117 3.70 -10.87 15.25
N PRO A 118 5.02 -11.02 15.44
CA PRO A 118 5.96 -11.25 14.33
C PRO A 118 5.79 -12.64 13.73
N GLY A 1 31.45 10.04 5.13
CA GLY A 1 30.68 10.60 6.24
C GLY A 1 30.26 9.54 7.24
N SER A 2 29.44 9.94 8.20
CA SER A 2 28.96 9.02 9.22
C SER A 2 27.72 8.25 8.74
N SER A 3 27.88 6.95 8.58
CA SER A 3 26.79 6.10 8.12
C SER A 3 26.66 4.86 9.00
N GLY A 4 26.66 5.06 10.31
CA GLY A 4 26.54 3.95 11.24
C GLY A 4 25.67 4.28 12.44
N SER A 5 24.36 4.18 12.27
CA SER A 5 23.42 4.48 13.33
C SER A 5 22.01 4.03 12.97
N SER A 6 21.08 4.18 13.90
CA SER A 6 19.70 3.78 13.69
C SER A 6 18.80 5.01 13.56
N GLY A 7 18.42 5.33 12.32
CA GLY A 7 17.56 6.47 12.08
C GLY A 7 16.60 6.25 10.93
N ARG A 8 17.05 6.52 9.71
CA ARG A 8 16.23 6.35 8.53
C ARG A 8 16.51 5.01 7.85
N GLN A 9 15.47 4.41 7.26
CA GLN A 9 15.61 3.13 6.59
C GLN A 9 16.12 2.06 7.55
N ALA A 10 16.22 0.83 7.06
CA ALA A 10 16.69 -0.28 7.88
C ALA A 10 15.79 -0.48 9.10
N LYS A 11 16.08 -1.53 9.86
CA LYS A 11 15.31 -1.83 11.06
C LYS A 11 13.83 -2.03 10.71
N GLY A 12 13.54 -3.09 9.96
CA GLY A 12 12.17 -3.38 9.57
C GLY A 12 11.46 -4.27 10.58
N LYS A 13 11.92 -5.51 10.70
CA LYS A 13 11.32 -6.47 11.62
C LYS A 13 11.63 -6.09 13.07
N ALA A 14 12.89 -6.23 13.45
CA ALA A 14 13.33 -5.91 14.80
C ALA A 14 12.49 -6.64 15.83
N ILE A 15 12.70 -6.31 17.10
CA ILE A 15 11.97 -6.95 18.19
C ILE A 15 10.55 -6.40 18.30
N THR A 16 10.37 -5.16 17.86
CA THR A 16 9.07 -4.51 17.91
C THR A 16 8.03 -5.30 17.11
N LYS A 17 6.80 -4.79 17.09
CA LYS A 17 5.72 -5.45 16.36
C LYS A 17 5.44 -4.73 15.05
N LYS A 18 4.66 -5.37 14.19
CA LYS A 18 4.29 -4.80 12.89
C LYS A 18 2.79 -4.86 12.67
N LYS A 19 2.28 -3.91 11.89
CA LYS A 19 0.85 -3.85 11.59
C LYS A 19 0.53 -4.69 10.34
N TYR A 20 -0.76 -4.96 10.15
CA TYR A 20 -1.20 -5.75 9.01
C TYR A 20 -2.60 -5.33 8.57
N ILE A 21 -2.89 -5.50 7.28
CA ILE A 21 -4.19 -5.14 6.73
C ILE A 21 -4.57 -6.04 5.57
N GLY A 22 -3.87 -7.18 5.46
CA GLY A 22 -4.15 -8.12 4.40
C GLY A 22 -4.24 -7.45 3.04
N ILE A 23 -3.07 -7.15 2.46
CA ILE A 23 -3.02 -6.50 1.16
C ILE A 23 -1.75 -6.89 0.41
N ARG A 24 -1.90 -7.19 -0.88
CA ARG A 24 -0.77 -7.58 -1.70
C ARG A 24 -0.44 -6.49 -2.73
N MET A 25 0.83 -6.13 -2.82
CA MET A 25 1.27 -5.10 -3.75
C MET A 25 2.63 -5.46 -4.35
N MET A 26 2.91 -4.93 -5.54
CA MET A 26 4.17 -5.18 -6.21
C MET A 26 4.86 -3.88 -6.61
N SER A 27 6.18 -3.84 -6.49
CA SER A 27 6.95 -2.65 -6.84
C SER A 27 6.60 -2.17 -8.24
N LEU A 28 5.91 -1.04 -8.31
CA LEU A 28 5.51 -0.47 -9.59
C LEU A 28 6.71 0.13 -10.31
N THR A 29 6.85 -0.23 -11.59
CA THR A 29 7.96 0.27 -12.39
C THR A 29 7.45 1.17 -13.52
N SER A 30 8.27 2.14 -13.91
CA SER A 30 7.90 3.06 -14.99
C SER A 30 7.48 2.30 -16.24
N SER A 31 8.05 1.11 -16.41
CA SER A 31 7.74 0.29 -17.58
C SER A 31 6.47 -0.53 -17.35
N LYS A 32 6.21 -0.87 -16.09
CA LYS A 32 5.03 -1.63 -15.73
C LYS A 32 3.77 -0.76 -15.76
N ALA A 33 3.87 0.42 -15.15
CA ALA A 33 2.75 1.34 -15.11
C ALA A 33 2.33 1.77 -16.51
N LYS A 34 3.31 2.20 -17.31
CA LYS A 34 3.06 2.63 -18.67
C LYS A 34 2.26 1.58 -19.44
N GLU A 35 2.50 0.32 -19.11
CA GLU A 35 1.81 -0.79 -19.77
C GLU A 35 0.49 -1.10 -19.06
N LEU A 36 0.43 -0.79 -17.77
CA LEU A 36 -0.76 -1.04 -16.97
C LEU A 36 -1.93 -0.21 -17.48
N LYS A 37 -1.64 0.99 -17.96
CA LYS A 37 -2.67 1.89 -18.47
C LYS A 37 -3.09 1.48 -19.89
N ASP A 38 -2.13 0.98 -20.67
CA ASP A 38 -2.40 0.55 -22.03
C ASP A 38 -3.19 -0.76 -22.04
N ARG A 39 -3.03 -1.54 -20.98
CA ARG A 39 -3.72 -2.83 -20.87
C ARG A 39 -4.98 -2.70 -20.02
N HIS A 40 -4.98 -1.71 -19.12
CA HIS A 40 -6.12 -1.48 -18.25
C HIS A 40 -6.60 -0.04 -18.35
N ARG A 41 -7.62 0.19 -19.17
CA ARG A 41 -8.17 1.52 -19.37
C ARG A 41 -8.67 2.10 -18.04
N ASP A 42 -9.02 1.23 -17.12
CA ASP A 42 -9.52 1.63 -15.81
C ASP A 42 -8.44 2.37 -15.04
N PHE A 43 -7.18 2.00 -15.28
CA PHE A 43 -6.05 2.62 -14.59
C PHE A 43 -6.12 4.15 -14.71
N PRO A 44 -5.80 4.84 -13.61
CA PRO A 44 -5.81 6.30 -13.57
C PRO A 44 -4.68 6.91 -14.41
N ASP A 45 -4.49 8.22 -14.26
CA ASP A 45 -3.45 8.92 -15.00
C ASP A 45 -2.17 9.03 -14.17
N VAL A 46 -1.82 7.95 -13.51
CA VAL A 46 -0.61 7.91 -12.67
C VAL A 46 0.26 6.71 -13.01
N ILE A 47 1.52 6.77 -12.61
CA ILE A 47 2.45 5.68 -12.86
C ILE A 47 3.56 5.64 -11.80
N SER A 48 3.22 6.08 -10.60
CA SER A 48 4.18 6.10 -9.51
C SER A 48 3.47 5.96 -8.16
N GLY A 49 3.74 4.87 -7.45
CA GLY A 49 3.13 4.64 -6.16
C GLY A 49 3.08 3.17 -5.79
N ALA A 50 1.99 2.75 -5.17
CA ALA A 50 1.83 1.36 -4.75
C ALA A 50 0.67 0.70 -5.49
N TYR A 51 0.97 -0.34 -6.25
CA TYR A 51 -0.04 -1.06 -7.02
C TYR A 51 -0.60 -2.22 -6.21
N ILE A 52 -1.93 -2.24 -6.06
CA ILE A 52 -2.60 -3.30 -5.31
C ILE A 52 -2.97 -4.46 -6.22
N ILE A 53 -2.43 -5.64 -5.93
CA ILE A 53 -2.71 -6.83 -6.72
C ILE A 53 -3.92 -7.59 -6.16
N GLU A 54 -4.11 -7.50 -4.85
CA GLU A 54 -5.23 -8.18 -4.20
C GLU A 54 -5.30 -7.81 -2.71
N VAL A 55 -6.51 -7.51 -2.25
CA VAL A 55 -6.71 -7.13 -0.85
C VAL A 55 -7.43 -8.25 -0.09
N ILE A 56 -6.69 -8.96 0.75
CA ILE A 56 -7.26 -10.04 1.54
C ILE A 56 -8.54 -9.60 2.25
N PRO A 57 -9.57 -10.45 2.19
CA PRO A 57 -10.86 -10.16 2.82
C PRO A 57 -10.78 -10.21 4.35
N ASP A 58 -11.81 -9.67 5.00
CA ASP A 58 -11.86 -9.65 6.46
C ASP A 58 -10.73 -8.80 7.02
N THR A 59 -10.27 -7.83 6.23
CA THR A 59 -9.18 -6.94 6.66
C THR A 59 -9.66 -5.50 6.73
N PRO A 60 -8.95 -4.69 7.54
CA PRO A 60 -9.28 -3.27 7.71
C PRO A 60 -8.98 -2.45 6.46
N ALA A 61 -8.35 -3.08 5.48
CA ALA A 61 -8.01 -2.41 4.24
C ALA A 61 -9.06 -2.65 3.17
N GLU A 62 -9.73 -3.79 3.26
CA GLU A 62 -10.78 -4.14 2.30
C GLU A 62 -12.05 -3.33 2.55
N ALA A 63 -12.35 -3.10 3.82
CA ALA A 63 -13.53 -2.33 4.19
C ALA A 63 -13.26 -0.83 4.14
N GLY A 64 -12.00 -0.46 4.33
CA GLY A 64 -11.62 0.94 4.30
C GLY A 64 -11.87 1.59 2.95
N GLY A 65 -11.59 0.85 1.88
CA GLY A 65 -11.78 1.37 0.54
C GLY A 65 -10.78 0.83 -0.45
N LEU A 66 -9.61 0.45 0.05
CA LEU A 66 -8.55 -0.08 -0.80
C LEU A 66 -9.04 -1.29 -1.61
N LYS A 67 -9.21 -1.10 -2.91
CA LYS A 67 -9.67 -2.17 -3.78
C LYS A 67 -8.58 -2.57 -4.76
N GLU A 68 -8.76 -3.74 -5.38
CA GLU A 68 -7.79 -4.25 -6.34
C GLU A 68 -7.60 -3.27 -7.50
N ASN A 69 -6.42 -3.29 -8.10
CA ASN A 69 -6.12 -2.41 -9.21
C ASN A 69 -6.15 -0.94 -8.78
N ASP A 70 -5.50 -0.65 -7.66
CA ASP A 70 -5.45 0.71 -7.14
C ASP A 70 -4.03 1.26 -7.13
N VAL A 71 -3.90 2.57 -6.97
CA VAL A 71 -2.59 3.20 -6.94
C VAL A 71 -2.56 4.36 -5.95
N ILE A 72 -1.86 4.17 -4.83
CA ILE A 72 -1.75 5.19 -3.81
C ILE A 72 -0.76 6.28 -4.21
N ILE A 73 -1.20 7.53 -4.15
CA ILE A 73 -0.35 8.66 -4.50
C ILE A 73 0.13 9.41 -3.26
N SER A 74 -0.64 9.30 -2.18
CA SER A 74 -0.29 9.97 -0.93
C SER A 74 -0.96 9.27 0.26
N ILE A 75 -0.36 9.42 1.43
CA ILE A 75 -0.89 8.82 2.64
C ILE A 75 -0.60 9.67 3.87
N ASN A 76 -1.64 10.01 4.62
CA ASN A 76 -1.49 10.83 5.81
C ASN A 76 -0.96 12.22 5.47
N GLY A 77 -1.22 12.65 4.24
CA GLY A 77 -0.75 13.95 3.80
C GLY A 77 0.68 13.93 3.30
N GLN A 78 1.14 12.74 2.92
CA GLN A 78 2.50 12.59 2.42
C GLN A 78 2.52 11.77 1.13
N SER A 79 2.99 12.39 0.05
CA SER A 79 3.06 11.73 -1.24
C SER A 79 4.05 10.56 -1.22
N VAL A 80 3.62 9.41 -1.71
CA VAL A 80 4.47 8.23 -1.74
C VAL A 80 4.83 7.84 -3.17
N VAL A 81 5.94 7.13 -3.32
CA VAL A 81 6.40 6.71 -4.65
C VAL A 81 6.96 5.29 -4.60
N SER A 82 6.51 4.51 -3.60
CA SER A 82 6.97 3.14 -3.44
C SER A 82 6.04 2.37 -2.52
N ALA A 83 5.70 1.15 -2.91
CA ALA A 83 4.81 0.29 -2.12
C ALA A 83 5.40 0.05 -0.74
N ASN A 84 6.71 0.18 -0.61
CA ASN A 84 7.38 -0.02 0.67
C ASN A 84 7.17 1.17 1.59
N ASP A 85 6.92 2.34 1.00
CA ASP A 85 6.70 3.56 1.77
C ASP A 85 5.29 3.56 2.37
N VAL A 86 4.30 3.20 1.55
CA VAL A 86 2.92 3.17 2.00
C VAL A 86 2.73 2.16 3.13
N SER A 87 3.62 1.16 3.19
CA SER A 87 3.54 0.14 4.22
C SER A 87 4.14 0.63 5.53
N ASP A 88 5.03 1.61 5.43
CA ASP A 88 5.68 2.17 6.60
C ASP A 88 4.69 2.95 7.45
N VAL A 89 3.82 3.72 6.79
CA VAL A 89 2.82 4.51 7.49
C VAL A 89 1.89 3.63 8.31
N ILE A 90 1.76 2.37 7.89
CA ILE A 90 0.91 1.42 8.60
C ILE A 90 1.39 1.19 10.02
N LYS A 91 2.70 1.01 10.17
CA LYS A 91 3.30 0.77 11.48
C LYS A 91 3.72 2.09 12.12
N ARG A 92 3.90 3.12 11.30
CA ARG A 92 4.31 4.43 11.79
C ARG A 92 3.16 5.13 12.48
N GLU A 93 2.05 5.33 11.75
CA GLU A 93 0.89 6.00 12.30
C GLU A 93 -0.23 4.99 12.57
N SER A 94 -1.04 5.28 13.58
CA SER A 94 -2.15 4.40 13.95
C SER A 94 -3.21 4.36 12.85
N THR A 95 -3.50 5.52 12.28
CA THR A 95 -4.50 5.62 11.22
C THR A 95 -3.84 5.57 9.85
N LEU A 96 -4.65 5.45 8.80
CA LEU A 96 -4.16 5.39 7.43
C LEU A 96 -5.01 6.22 6.49
N ASN A 97 -4.62 7.47 6.29
CA ASN A 97 -5.35 8.37 5.41
C ASN A 97 -4.79 8.33 3.99
N MET A 98 -5.07 7.24 3.29
CA MET A 98 -4.59 7.09 1.92
C MET A 98 -5.46 7.85 0.93
N VAL A 99 -4.93 8.15 -0.24
CA VAL A 99 -5.67 8.88 -1.27
C VAL A 99 -5.45 8.25 -2.65
N VAL A 100 -6.40 7.41 -3.06
CA VAL A 100 -6.32 6.75 -4.35
C VAL A 100 -7.23 7.43 -5.38
N ARG A 101 -6.87 7.33 -6.65
CA ARG A 101 -7.66 7.94 -7.71
C ARG A 101 -8.62 6.92 -8.32
N ARG A 102 -9.92 7.18 -8.19
CA ARG A 102 -10.93 6.29 -8.72
C ARG A 102 -11.83 7.02 -9.72
N GLY A 103 -11.96 6.44 -10.91
CA GLY A 103 -12.79 7.04 -11.94
C GLY A 103 -12.14 8.28 -12.55
N ASN A 104 -12.31 9.42 -11.88
CA ASN A 104 -11.75 10.68 -12.36
C ASN A 104 -11.60 11.68 -11.22
N GLU A 105 -11.28 11.18 -10.03
CA GLU A 105 -11.11 12.04 -8.86
C GLU A 105 -10.32 11.32 -7.77
N ASP A 106 -9.98 12.05 -6.71
CA ASP A 106 -9.23 11.49 -5.60
C ASP A 106 -10.16 11.12 -4.45
N ILE A 107 -9.99 9.90 -3.94
CA ILE A 107 -10.82 9.43 -2.84
C ILE A 107 -9.96 9.02 -1.64
N MET A 108 -10.38 9.43 -0.45
CA MET A 108 -9.65 9.10 0.77
C MET A 108 -10.02 7.72 1.28
N ILE A 109 -9.03 6.97 1.75
CA ILE A 109 -9.25 5.63 2.27
C ILE A 109 -8.74 5.50 3.70
N THR A 110 -9.64 5.61 4.66
CA THR A 110 -9.28 5.51 6.07
C THR A 110 -9.23 4.04 6.51
N VAL A 111 -8.05 3.60 6.91
CA VAL A 111 -7.87 2.22 7.36
C VAL A 111 -7.24 2.18 8.76
N ILE A 112 -7.68 1.22 9.56
CA ILE A 112 -7.16 1.06 10.92
C ILE A 112 -6.39 -0.24 11.07
N PRO A 113 -5.08 -0.20 10.76
CA PRO A 113 -4.20 -1.36 10.86
C PRO A 113 -3.95 -1.78 12.30
N GLU A 114 -4.09 -3.07 12.57
CA GLU A 114 -3.88 -3.59 13.92
C GLU A 114 -2.43 -4.03 14.11
N GLU A 115 -1.90 -3.77 15.30
CA GLU A 115 -0.52 -4.13 15.61
C GLU A 115 -0.40 -5.62 15.96
N ILE A 116 0.24 -6.38 15.09
CA ILE A 116 0.40 -7.82 15.31
C ILE A 116 1.86 -8.15 15.59
N ASP A 117 2.08 -9.23 16.35
CA ASP A 117 3.43 -9.66 16.70
C ASP A 117 4.28 -9.84 15.44
N PRO A 118 5.60 -9.74 15.62
CA PRO A 118 6.55 -9.89 14.51
C PRO A 118 6.63 -11.33 14.01
N GLY A 1 28.51 -1.19 41.99
CA GLY A 1 27.36 -0.79 41.21
C GLY A 1 27.74 -0.41 39.79
N SER A 2 26.94 -0.87 38.81
CA SER A 2 27.21 -0.57 37.41
C SER A 2 26.71 0.83 37.06
N SER A 3 27.32 1.42 36.03
CA SER A 3 26.95 2.76 35.59
C SER A 3 27.41 3.00 34.17
N GLY A 4 27.03 2.10 33.26
CA GLY A 4 27.42 2.25 31.87
C GLY A 4 27.27 0.96 31.09
N SER A 5 27.65 0.98 29.82
CA SER A 5 27.56 -0.20 28.97
C SER A 5 26.11 -0.65 28.84
N SER A 6 25.88 -1.65 27.98
CA SER A 6 24.55 -2.18 27.76
C SER A 6 24.60 -3.63 27.28
N GLY A 7 25.07 -3.82 26.06
CA GLY A 7 25.18 -5.16 25.50
C GLY A 7 24.13 -5.42 24.43
N ARG A 8 24.10 -6.65 23.92
CA ARG A 8 23.14 -7.04 22.90
C ARG A 8 21.80 -7.41 23.51
N GLN A 9 21.81 -8.43 24.37
CA GLN A 9 20.60 -8.88 25.03
C GLN A 9 19.54 -9.25 24.01
N ALA A 10 19.62 -10.48 23.49
CA ALA A 10 18.66 -10.97 22.51
C ALA A 10 17.70 -11.97 23.13
N LYS A 11 17.14 -11.62 24.28
CA LYS A 11 16.21 -12.49 24.97
C LYS A 11 15.29 -11.69 25.89
N GLY A 12 15.89 -11.01 26.88
CA GLY A 12 15.11 -10.21 27.81
C GLY A 12 14.38 -9.07 27.12
N LYS A 13 15.08 -8.38 26.22
CA LYS A 13 14.48 -7.26 25.49
C LYS A 13 13.30 -7.73 24.64
N ALA A 14 12.24 -6.94 24.61
CA ALA A 14 11.05 -7.26 23.84
C ALA A 14 11.19 -6.79 22.39
N ILE A 15 10.89 -7.67 21.45
CA ILE A 15 10.97 -7.34 20.03
C ILE A 15 9.79 -6.50 19.59
N THR A 16 10.04 -5.53 18.72
CA THR A 16 8.99 -4.66 18.21
C THR A 16 7.93 -5.46 17.46
N LYS A 17 6.83 -4.80 17.13
CA LYS A 17 5.73 -5.45 16.41
C LYS A 17 5.44 -4.72 15.10
N LYS A 18 4.64 -5.36 14.24
CA LYS A 18 4.29 -4.79 12.96
C LYS A 18 2.78 -4.85 12.73
N LYS A 19 2.26 -3.91 11.94
CA LYS A 19 0.84 -3.85 11.64
C LYS A 19 0.51 -4.69 10.41
N TYR A 20 -0.78 -4.96 10.22
CA TYR A 20 -1.23 -5.76 9.08
C TYR A 20 -2.62 -5.34 8.63
N ILE A 21 -2.90 -5.51 7.35
CA ILE A 21 -4.20 -5.15 6.79
C ILE A 21 -4.58 -6.07 5.64
N GLY A 22 -3.91 -7.21 5.55
CA GLY A 22 -4.19 -8.15 4.49
C GLY A 22 -4.26 -7.51 3.12
N ILE A 23 -3.09 -7.21 2.55
CA ILE A 23 -3.02 -6.59 1.24
C ILE A 23 -1.74 -7.00 0.50
N ARG A 24 -1.88 -7.24 -0.80
CA ARG A 24 -0.74 -7.65 -1.62
C ARG A 24 -0.44 -6.60 -2.69
N MET A 25 0.79 -6.12 -2.72
CA MET A 25 1.20 -5.11 -3.69
C MET A 25 2.56 -5.46 -4.29
N MET A 26 2.85 -4.91 -5.47
CA MET A 26 4.11 -5.15 -6.13
C MET A 26 4.80 -3.84 -6.50
N SER A 27 6.12 -3.83 -6.43
CA SER A 27 6.89 -2.64 -6.76
C SER A 27 6.55 -2.12 -8.15
N LEU A 28 5.84 -0.99 -8.20
CA LEU A 28 5.45 -0.39 -9.48
C LEU A 28 6.64 0.22 -10.19
N THR A 29 6.79 -0.11 -11.46
CA THR A 29 7.90 0.41 -12.26
C THR A 29 7.40 1.28 -13.40
N SER A 30 8.29 2.06 -14.00
CA SER A 30 7.94 2.94 -15.09
C SER A 30 7.44 2.14 -16.30
N SER A 31 8.02 0.97 -16.50
CA SER A 31 7.65 0.10 -17.62
C SER A 31 6.35 -0.64 -17.30
N LYS A 32 6.13 -0.93 -16.02
CA LYS A 32 4.94 -1.64 -15.60
C LYS A 32 3.72 -0.72 -15.62
N ALA A 33 3.91 0.50 -15.14
CA ALA A 33 2.83 1.48 -15.10
C ALA A 33 2.43 1.90 -16.52
N LYS A 34 3.41 2.31 -17.30
CA LYS A 34 3.16 2.74 -18.68
C LYS A 34 2.40 1.67 -19.45
N GLU A 35 2.59 0.41 -19.07
CA GLU A 35 1.93 -0.70 -19.73
C GLU A 35 0.60 -1.03 -19.04
N LEU A 36 0.52 -0.71 -17.76
CA LEU A 36 -0.69 -0.97 -16.99
C LEU A 36 -1.87 -0.16 -17.53
N LYS A 37 -1.58 1.03 -18.04
CA LYS A 37 -2.61 1.90 -18.59
C LYS A 37 -2.96 1.49 -20.02
N ASP A 38 -1.93 1.17 -20.80
CA ASP A 38 -2.13 0.76 -22.19
C ASP A 38 -2.97 -0.51 -22.26
N ARG A 39 -2.93 -1.30 -21.20
CA ARG A 39 -3.68 -2.55 -21.14
C ARG A 39 -4.97 -2.37 -20.34
N HIS A 40 -4.84 -1.83 -19.14
CA HIS A 40 -5.99 -1.61 -18.27
C HIS A 40 -6.50 -0.17 -18.40
N ARG A 41 -7.53 0.02 -19.20
CA ARG A 41 -8.11 1.34 -19.42
C ARG A 41 -8.65 1.92 -18.11
N ASP A 42 -8.99 1.04 -17.18
CA ASP A 42 -9.52 1.46 -15.88
C ASP A 42 -8.46 2.21 -15.09
N PHE A 43 -7.20 1.87 -15.32
CA PHE A 43 -6.09 2.51 -14.62
C PHE A 43 -6.19 4.03 -14.74
N PRO A 44 -5.88 4.72 -13.63
CA PRO A 44 -5.93 6.19 -13.57
C PRO A 44 -4.82 6.83 -14.40
N ASP A 45 -4.66 8.14 -14.23
CA ASP A 45 -3.63 8.88 -14.97
C ASP A 45 -2.36 9.00 -14.13
N VAL A 46 -1.97 7.91 -13.48
CA VAL A 46 -0.78 7.90 -12.65
C VAL A 46 0.12 6.72 -12.98
N ILE A 47 1.38 6.80 -12.57
CA ILE A 47 2.34 5.74 -12.83
C ILE A 47 3.44 5.71 -11.77
N SER A 48 3.09 6.14 -10.56
CA SER A 48 4.04 6.17 -9.47
C SER A 48 3.34 6.00 -8.13
N GLY A 49 3.59 4.87 -7.46
CA GLY A 49 2.96 4.60 -6.19
C GLY A 49 2.92 3.12 -5.86
N ALA A 50 1.91 2.71 -5.10
CA ALA A 50 1.76 1.31 -4.72
C ALA A 50 0.60 0.66 -5.47
N TYR A 51 0.90 -0.38 -6.23
CA TYR A 51 -0.11 -1.09 -7.00
C TYR A 51 -0.68 -2.26 -6.21
N ILE A 52 -1.99 -2.26 -6.02
CA ILE A 52 -2.66 -3.32 -5.27
C ILE A 52 -3.03 -4.48 -6.19
N ILE A 53 -2.50 -5.66 -5.89
CA ILE A 53 -2.77 -6.85 -6.69
C ILE A 53 -3.95 -7.64 -6.11
N GLU A 54 -4.15 -7.51 -4.80
CA GLU A 54 -5.24 -8.21 -4.13
C GLU A 54 -5.30 -7.82 -2.65
N VAL A 55 -6.51 -7.58 -2.17
CA VAL A 55 -6.72 -7.20 -0.77
C VAL A 55 -7.45 -8.29 -0.01
N ILE A 56 -6.71 -9.00 0.85
CA ILE A 56 -7.30 -10.07 1.64
C ILE A 56 -8.57 -9.61 2.33
N PRO A 57 -9.62 -10.45 2.28
CA PRO A 57 -10.91 -10.16 2.90
C PRO A 57 -10.84 -10.18 4.43
N ASP A 58 -11.87 -9.63 5.06
CA ASP A 58 -11.92 -9.60 6.52
C ASP A 58 -10.79 -8.75 7.09
N THR A 59 -10.32 -7.80 6.30
CA THR A 59 -9.23 -6.92 6.72
C THR A 59 -9.68 -5.46 6.78
N PRO A 60 -8.98 -4.66 7.58
CA PRO A 60 -9.29 -3.24 7.74
C PRO A 60 -8.97 -2.43 6.49
N ALA A 61 -8.34 -3.08 5.51
CA ALA A 61 -7.99 -2.41 4.27
C ALA A 61 -9.05 -2.66 3.20
N GLU A 62 -9.74 -3.79 3.29
CA GLU A 62 -10.78 -4.14 2.34
C GLU A 62 -12.04 -3.31 2.57
N ALA A 63 -12.34 -3.06 3.85
CA ALA A 63 -13.52 -2.28 4.22
C ALA A 63 -13.22 -0.79 4.17
N GLY A 64 -11.95 -0.43 4.35
CA GLY A 64 -11.56 0.96 4.33
C GLY A 64 -11.76 1.60 2.97
N GLY A 65 -11.54 0.82 1.91
CA GLY A 65 -11.70 1.33 0.56
C GLY A 65 -10.67 0.77 -0.40
N LEU A 66 -9.49 0.45 0.12
CA LEU A 66 -8.41 -0.10 -0.70
C LEU A 66 -8.89 -1.34 -1.45
N LYS A 67 -9.11 -1.19 -2.75
CA LYS A 67 -9.56 -2.30 -3.58
C LYS A 67 -8.48 -2.70 -4.58
N GLU A 68 -8.71 -3.81 -5.28
CA GLU A 68 -7.75 -4.31 -6.26
C GLU A 68 -7.60 -3.32 -7.42
N ASN A 69 -6.44 -3.33 -8.05
CA ASN A 69 -6.16 -2.44 -9.17
C ASN A 69 -6.20 -0.98 -8.74
N ASP A 70 -5.57 -0.69 -7.60
CA ASP A 70 -5.54 0.66 -7.06
C ASP A 70 -4.11 1.20 -7.05
N VAL A 71 -3.98 2.52 -6.95
CA VAL A 71 -2.67 3.16 -6.93
C VAL A 71 -2.65 4.33 -5.96
N ILE A 72 -1.90 4.17 -4.87
CA ILE A 72 -1.80 5.22 -3.86
C ILE A 72 -0.81 6.30 -4.29
N ILE A 73 -1.24 7.55 -4.20
CA ILE A 73 -0.40 8.67 -4.58
C ILE A 73 0.11 9.42 -3.35
N SER A 74 -0.64 9.32 -2.26
CA SER A 74 -0.27 9.98 -1.02
C SER A 74 -0.94 9.31 0.18
N ILE A 75 -0.33 9.47 1.35
CA ILE A 75 -0.86 8.88 2.58
C ILE A 75 -0.54 9.75 3.80
N ASN A 76 -1.58 10.11 4.54
CA ASN A 76 -1.41 10.93 5.73
C ASN A 76 -0.85 12.30 5.36
N GLY A 77 -1.14 12.75 4.13
CA GLY A 77 -0.67 14.05 3.69
C GLY A 77 0.77 14.00 3.20
N GLN A 78 1.22 12.81 2.82
CA GLN A 78 2.59 12.63 2.33
C GLN A 78 2.60 11.81 1.04
N SER A 79 3.06 12.43 -0.04
CA SER A 79 3.13 11.76 -1.34
C SER A 79 4.11 10.59 -1.29
N VAL A 80 3.67 9.44 -1.79
CA VAL A 80 4.51 8.24 -1.81
C VAL A 80 4.87 7.85 -3.24
N VAL A 81 5.98 7.13 -3.39
CA VAL A 81 6.42 6.68 -4.71
C VAL A 81 6.97 5.26 -4.65
N SER A 82 6.52 4.50 -3.66
CA SER A 82 6.98 3.13 -3.48
C SER A 82 6.04 2.36 -2.55
N ALA A 83 5.68 1.14 -2.95
CA ALA A 83 4.79 0.31 -2.15
C ALA A 83 5.37 0.06 -0.76
N ASN A 84 6.69 0.19 -0.65
CA ASN A 84 7.36 -0.02 0.63
C ASN A 84 7.16 1.18 1.56
N ASP A 85 6.91 2.34 0.96
CA ASP A 85 6.70 3.57 1.73
C ASP A 85 5.30 3.60 2.32
N VAL A 86 4.31 3.23 1.52
CA VAL A 86 2.93 3.21 1.96
C VAL A 86 2.72 2.23 3.10
N SER A 87 3.59 1.22 3.16
CA SER A 87 3.50 0.20 4.20
C SER A 87 4.13 0.69 5.50
N ASP A 88 5.04 1.64 5.38
CA ASP A 88 5.72 2.20 6.56
C ASP A 88 4.74 2.99 7.41
N VAL A 89 3.79 3.66 6.76
CA VAL A 89 2.79 4.45 7.47
C VAL A 89 1.87 3.56 8.30
N ILE A 90 1.76 2.30 7.89
CA ILE A 90 0.91 1.34 8.61
C ILE A 90 1.41 1.11 10.03
N LYS A 91 2.72 0.94 10.16
CA LYS A 91 3.33 0.72 11.47
C LYS A 91 3.76 2.03 12.11
N ARG A 92 3.95 3.05 11.27
CA ARG A 92 4.35 4.37 11.76
C ARG A 92 3.19 5.07 12.47
N GLU A 93 2.09 5.26 11.75
CA GLU A 93 0.92 5.92 12.30
C GLU A 93 -0.19 4.91 12.57
N SER A 94 -1.01 5.20 13.58
CA SER A 94 -2.11 4.31 13.96
C SER A 94 -3.18 4.29 12.87
N THR A 95 -3.38 5.44 12.22
CA THR A 95 -4.37 5.57 11.17
C THR A 95 -3.73 5.47 9.80
N LEU A 96 -4.55 5.45 8.76
CA LEU A 96 -4.07 5.36 7.39
C LEU A 96 -4.92 6.20 6.45
N ASN A 97 -4.52 7.46 6.26
CA ASN A 97 -5.24 8.38 5.39
C ASN A 97 -4.69 8.32 3.96
N MET A 98 -4.99 7.23 3.26
CA MET A 98 -4.53 7.05 1.89
C MET A 98 -5.41 7.84 0.92
N VAL A 99 -4.87 8.11 -0.28
CA VAL A 99 -5.61 8.85 -1.29
C VAL A 99 -5.42 8.22 -2.67
N VAL A 100 -6.39 7.40 -3.07
CA VAL A 100 -6.34 6.74 -4.37
C VAL A 100 -7.27 7.40 -5.36
N ARG A 101 -6.93 7.30 -6.64
CA ARG A 101 -7.74 7.89 -7.70
C ARG A 101 -8.72 6.88 -8.28
N ARG A 102 -10.00 7.15 -8.12
CA ARG A 102 -11.04 6.25 -8.62
C ARG A 102 -12.10 7.02 -9.41
N GLY A 103 -11.98 6.98 -10.74
CA GLY A 103 -12.93 7.68 -11.59
C GLY A 103 -12.53 9.13 -11.83
N ASN A 104 -11.26 9.34 -12.12
CA ASN A 104 -10.76 10.69 -12.37
C ASN A 104 -10.98 11.59 -11.16
N GLU A 105 -11.05 10.98 -9.99
CA GLU A 105 -11.27 11.72 -8.75
C GLU A 105 -10.54 11.07 -7.59
N ASP A 106 -10.05 11.89 -6.67
CA ASP A 106 -9.33 11.40 -5.50
C ASP A 106 -10.29 10.95 -4.41
N ILE A 107 -10.04 9.77 -3.84
CA ILE A 107 -10.89 9.23 -2.79
C ILE A 107 -10.07 8.84 -1.57
N MET A 108 -10.39 9.47 -0.43
CA MET A 108 -9.67 9.19 0.81
C MET A 108 -10.03 7.79 1.34
N ILE A 109 -9.01 7.03 1.72
CA ILE A 109 -9.21 5.69 2.24
C ILE A 109 -8.68 5.56 3.66
N THR A 110 -9.57 5.67 4.64
CA THR A 110 -9.18 5.57 6.04
C THR A 110 -9.17 4.12 6.50
N VAL A 111 -7.99 3.63 6.89
CA VAL A 111 -7.84 2.27 7.35
C VAL A 111 -7.21 2.22 8.75
N ILE A 112 -7.68 1.28 9.56
CA ILE A 112 -7.16 1.12 10.91
C ILE A 112 -6.40 -0.18 11.08
N PRO A 113 -5.09 -0.15 10.77
CA PRO A 113 -4.22 -1.32 10.87
C PRO A 113 -3.97 -1.74 12.32
N GLU A 114 -4.13 -3.03 12.59
CA GLU A 114 -3.92 -3.55 13.94
C GLU A 114 -2.47 -3.99 14.14
N GLU A 115 -1.94 -3.74 15.33
CA GLU A 115 -0.56 -4.11 15.64
C GLU A 115 -0.47 -5.59 16.01
N ILE A 116 0.21 -6.35 15.17
CA ILE A 116 0.38 -7.78 15.40
C ILE A 116 1.85 -8.13 15.69
N ASP A 117 2.05 -9.18 16.46
CA ASP A 117 3.40 -9.61 16.81
C ASP A 117 4.25 -9.80 15.56
N PRO A 118 5.58 -9.70 15.73
CA PRO A 118 6.53 -9.86 14.62
C PRO A 118 6.60 -11.30 14.12
N GLY A 1 13.44 -5.67 -4.15
CA GLY A 1 14.19 -5.51 -2.91
C GLY A 1 15.57 -6.13 -2.99
N SER A 2 15.84 -7.07 -2.08
CA SER A 2 17.14 -7.73 -2.05
C SER A 2 17.11 -8.91 -1.07
N SER A 3 17.59 -10.07 -1.54
CA SER A 3 17.61 -11.27 -0.72
C SER A 3 19.01 -11.88 -0.70
N GLY A 4 19.57 -12.04 0.50
CA GLY A 4 20.90 -12.61 0.63
C GLY A 4 21.05 -13.42 1.90
N SER A 5 22.29 -13.57 2.36
CA SER A 5 22.58 -14.32 3.57
C SER A 5 22.14 -13.56 4.81
N SER A 6 21.02 -13.98 5.40
CA SER A 6 20.49 -13.34 6.59
C SER A 6 21.43 -13.50 7.76
N GLY A 7 21.95 -12.37 8.26
CA GLY A 7 22.86 -12.41 9.39
C GLY A 7 23.40 -11.04 9.75
N ARG A 8 22.49 -10.12 10.04
CA ARG A 8 22.87 -8.76 10.40
C ARG A 8 21.95 -8.20 11.49
N GLN A 9 22.54 -7.86 12.63
CA GLN A 9 21.78 -7.31 13.74
C GLN A 9 22.47 -6.10 14.34
N ALA A 10 22.20 -4.93 13.78
CA ALA A 10 22.81 -3.70 14.26
C ALA A 10 22.12 -2.47 13.67
N LYS A 11 20.94 -2.15 14.20
CA LYS A 11 20.18 -1.00 13.72
C LYS A 11 19.36 -0.38 14.85
N GLY A 12 19.43 0.93 14.98
CA GLY A 12 18.70 1.62 16.02
C GLY A 12 17.23 1.78 15.68
N LYS A 13 16.56 2.69 16.37
CA LYS A 13 15.13 2.94 16.15
C LYS A 13 14.34 1.64 16.19
N ALA A 14 14.19 1.08 17.38
CA ALA A 14 13.45 -0.16 17.56
C ALA A 14 12.03 -0.03 17.03
N ILE A 15 11.46 -1.15 16.58
CA ILE A 15 10.11 -1.16 16.04
C ILE A 15 9.18 -2.00 16.91
N THR A 16 8.12 -1.37 17.41
CA THR A 16 7.16 -2.07 18.26
C THR A 16 6.19 -2.90 17.43
N LYS A 17 6.54 -4.16 17.21
CA LYS A 17 5.70 -5.06 16.43
C LYS A 17 5.45 -4.50 15.04
N LYS A 18 4.64 -5.22 14.25
CA LYS A 18 4.31 -4.79 12.90
C LYS A 18 2.80 -4.83 12.67
N LYS A 19 2.29 -3.88 11.91
CA LYS A 19 0.87 -3.81 11.61
C LYS A 19 0.53 -4.66 10.37
N TYR A 20 -0.75 -4.93 10.18
CA TYR A 20 -1.20 -5.73 9.05
C TYR A 20 -2.60 -5.31 8.61
N ILE A 21 -2.89 -5.48 7.33
CA ILE A 21 -4.19 -5.12 6.78
C ILE A 21 -4.57 -6.03 5.62
N GLY A 22 -3.88 -7.16 5.52
CA GLY A 22 -4.16 -8.11 4.45
C GLY A 22 -4.24 -7.44 3.10
N ILE A 23 -3.08 -7.15 2.51
CA ILE A 23 -3.02 -6.50 1.21
C ILE A 23 -1.76 -6.90 0.46
N ARG A 24 -1.89 -7.15 -0.85
CA ARG A 24 -0.75 -7.53 -1.67
C ARG A 24 -0.45 -6.46 -2.71
N MET A 25 0.81 -6.04 -2.78
CA MET A 25 1.23 -5.02 -3.73
C MET A 25 2.62 -5.33 -4.28
N MET A 26 2.90 -4.83 -5.47
CA MET A 26 4.19 -5.04 -6.11
C MET A 26 4.83 -3.72 -6.53
N SER A 27 6.13 -3.61 -6.33
CA SER A 27 6.86 -2.40 -6.68
C SER A 27 6.58 -1.99 -8.13
N LEU A 28 5.82 -0.92 -8.29
CA LEU A 28 5.48 -0.42 -9.63
C LEU A 28 6.71 0.14 -10.33
N THR A 29 6.83 -0.16 -11.62
CA THR A 29 7.95 0.32 -12.41
C THR A 29 7.48 1.22 -13.55
N SER A 30 8.34 2.14 -13.95
CA SER A 30 8.02 3.08 -15.03
C SER A 30 7.62 2.32 -16.30
N SER A 31 8.12 1.10 -16.44
CA SER A 31 7.82 0.28 -17.59
C SER A 31 6.55 -0.54 -17.37
N LYS A 32 6.26 -0.84 -16.11
CA LYS A 32 5.07 -1.61 -15.76
C LYS A 32 3.82 -0.74 -15.79
N ALA A 33 3.91 0.43 -15.16
CA ALA A 33 2.79 1.37 -15.13
C ALA A 33 2.36 1.78 -16.52
N LYS A 34 3.34 2.17 -17.34
CA LYS A 34 3.07 2.59 -18.71
C LYS A 34 2.25 1.53 -19.45
N GLU A 35 2.50 0.27 -19.14
CA GLU A 35 1.78 -0.83 -19.77
C GLU A 35 0.48 -1.13 -19.03
N LEU A 36 0.44 -0.80 -17.75
CA LEU A 36 -0.75 -1.03 -16.93
C LEU A 36 -1.92 -0.21 -17.45
N LYS A 37 -1.64 0.98 -17.96
CA LYS A 37 -2.67 1.86 -18.48
C LYS A 37 -3.11 1.40 -19.87
N ASP A 38 -2.16 1.28 -20.79
CA ASP A 38 -2.44 0.85 -22.15
C ASP A 38 -3.17 -0.48 -22.16
N ARG A 39 -2.95 -1.27 -21.11
CA ARG A 39 -3.59 -2.59 -21.00
C ARG A 39 -4.88 -2.49 -20.20
N HIS A 40 -4.89 -1.63 -19.18
CA HIS A 40 -6.08 -1.46 -18.35
C HIS A 40 -6.58 -0.02 -18.43
N ARG A 41 -7.56 0.20 -19.29
CA ARG A 41 -8.14 1.54 -19.46
C ARG A 41 -8.64 2.09 -18.13
N ASP A 42 -8.98 1.18 -17.21
CA ASP A 42 -9.48 1.58 -15.90
C ASP A 42 -8.41 2.32 -15.11
N PHE A 43 -7.15 1.95 -15.34
CA PHE A 43 -6.03 2.58 -14.65
C PHE A 43 -6.10 4.09 -14.77
N PRO A 44 -5.79 4.79 -13.66
CA PRO A 44 -5.81 6.26 -13.62
C PRO A 44 -4.69 6.87 -14.44
N ASP A 45 -4.51 8.18 -14.30
CA ASP A 45 -3.46 8.90 -15.03
C ASP A 45 -2.19 9.01 -14.18
N VAL A 46 -1.84 7.92 -13.52
CA VAL A 46 -0.64 7.90 -12.68
C VAL A 46 0.24 6.71 -13.01
N ILE A 47 1.50 6.78 -12.60
CA ILE A 47 2.46 5.70 -12.85
C ILE A 47 3.55 5.68 -11.79
N SER A 48 3.21 6.12 -10.58
CA SER A 48 4.17 6.15 -9.48
C SER A 48 3.46 6.00 -8.14
N GLY A 49 3.65 4.86 -7.50
CA GLY A 49 3.01 4.61 -6.22
C GLY A 49 2.96 3.14 -5.87
N ALA A 50 1.93 2.74 -5.14
CA ALA A 50 1.76 1.35 -4.73
C ALA A 50 0.60 0.70 -5.49
N TYR A 51 0.90 -0.34 -6.25
CA TYR A 51 -0.11 -1.05 -7.02
C TYR A 51 -0.68 -2.22 -6.22
N ILE A 52 -1.99 -2.21 -6.04
CA ILE A 52 -2.67 -3.27 -5.29
C ILE A 52 -3.04 -4.43 -6.21
N ILE A 53 -2.49 -5.60 -5.91
CA ILE A 53 -2.77 -6.80 -6.70
C ILE A 53 -3.95 -7.58 -6.14
N GLU A 54 -4.14 -7.48 -4.82
CA GLU A 54 -5.23 -8.18 -4.15
C GLU A 54 -5.30 -7.79 -2.67
N VAL A 55 -6.51 -7.53 -2.19
CA VAL A 55 -6.72 -7.16 -0.80
C VAL A 55 -7.44 -8.26 -0.03
N ILE A 56 -6.69 -8.97 0.82
CA ILE A 56 -7.26 -10.05 1.61
C ILE A 56 -8.55 -9.60 2.32
N PRO A 57 -9.58 -10.45 2.26
CA PRO A 57 -10.87 -10.16 2.89
C PRO A 57 -10.79 -10.19 4.41
N ASP A 58 -11.82 -9.65 5.06
CA ASP A 58 -11.87 -9.62 6.52
C ASP A 58 -10.73 -8.76 7.08
N THR A 59 -10.27 -7.80 6.29
CA THR A 59 -9.19 -6.91 6.71
C THR A 59 -9.66 -5.47 6.77
N PRO A 60 -8.96 -4.66 7.57
CA PRO A 60 -9.29 -3.23 7.74
C PRO A 60 -8.97 -2.42 6.49
N ALA A 61 -8.34 -3.06 5.51
CA ALA A 61 -7.99 -2.40 4.26
C ALA A 61 -9.05 -2.64 3.19
N GLU A 62 -9.73 -3.78 3.29
CA GLU A 62 -10.77 -4.13 2.33
C GLU A 62 -12.03 -3.31 2.57
N ALA A 63 -12.34 -3.07 3.85
CA ALA A 63 -13.52 -2.30 4.21
C ALA A 63 -13.24 -0.80 4.15
N GLY A 64 -11.98 -0.44 4.34
CA GLY A 64 -11.59 0.96 4.31
C GLY A 64 -11.85 1.60 2.96
N GLY A 65 -11.57 0.85 1.90
CA GLY A 65 -11.78 1.36 0.55
C GLY A 65 -10.77 0.82 -0.44
N LEU A 66 -9.59 0.45 0.06
CA LEU A 66 -8.53 -0.09 -0.79
C LEU A 66 -9.03 -1.30 -1.56
N LYS A 67 -9.24 -1.11 -2.86
CA LYS A 67 -9.72 -2.20 -3.73
C LYS A 67 -8.63 -2.62 -4.71
N GLU A 68 -8.81 -3.79 -5.32
CA GLU A 68 -7.85 -4.30 -6.29
C GLU A 68 -7.67 -3.33 -7.45
N ASN A 69 -6.50 -3.35 -8.06
CA ASN A 69 -6.21 -2.47 -9.19
C ASN A 69 -6.26 -1.01 -8.77
N ASP A 70 -5.56 -0.69 -7.67
CA ASP A 70 -5.53 0.67 -7.16
C ASP A 70 -4.10 1.21 -7.15
N VAL A 71 -3.97 2.52 -6.99
CA VAL A 71 -2.66 3.16 -6.97
C VAL A 71 -2.64 4.32 -5.97
N ILE A 72 -1.90 4.14 -4.88
CA ILE A 72 -1.79 5.17 -3.85
C ILE A 72 -0.81 6.25 -4.27
N ILE A 73 -1.24 7.51 -4.16
CA ILE A 73 -0.38 8.63 -4.52
C ILE A 73 0.13 9.36 -3.28
N SER A 74 -0.61 9.23 -2.18
CA SER A 74 -0.24 9.87 -0.92
C SER A 74 -0.90 9.19 0.26
N ILE A 75 -0.30 9.32 1.43
CA ILE A 75 -0.83 8.72 2.64
C ILE A 75 -0.53 9.57 3.87
N ASN A 76 -1.58 9.92 4.62
CA ASN A 76 -1.42 10.73 5.82
C ASN A 76 -0.87 12.11 5.47
N GLY A 77 -1.13 12.56 4.24
CA GLY A 77 -0.66 13.85 3.81
C GLY A 77 0.78 13.82 3.30
N GLN A 78 1.23 12.63 2.92
CA GLN A 78 2.59 12.46 2.42
C GLN A 78 2.60 11.64 1.13
N SER A 79 3.07 12.26 0.05
CA SER A 79 3.12 11.59 -1.25
C SER A 79 4.12 10.43 -1.21
N VAL A 80 3.69 9.28 -1.72
CA VAL A 80 4.54 8.09 -1.75
C VAL A 80 4.88 7.70 -3.18
N VAL A 81 6.00 6.98 -3.34
CA VAL A 81 6.44 6.55 -4.66
C VAL A 81 6.98 5.12 -4.62
N SER A 82 6.52 4.36 -3.63
CA SER A 82 6.97 2.98 -3.47
C SER A 82 6.03 2.21 -2.54
N ALA A 83 5.71 0.99 -2.91
CA ALA A 83 4.83 0.14 -2.10
C ALA A 83 5.41 -0.09 -0.71
N ASN A 84 6.72 0.05 -0.60
CA ASN A 84 7.40 -0.15 0.68
C ASN A 84 7.20 1.06 1.60
N ASP A 85 6.94 2.21 0.99
CA ASP A 85 6.73 3.44 1.76
C ASP A 85 5.32 3.46 2.36
N VAL A 86 4.34 3.07 1.55
CA VAL A 86 2.95 3.05 2.01
C VAL A 86 2.76 2.05 3.15
N SER A 87 3.64 1.06 3.20
CA SER A 87 3.57 0.03 4.23
C SER A 87 4.16 0.54 5.55
N ASP A 88 5.05 1.52 5.45
CA ASP A 88 5.69 2.10 6.62
C ASP A 88 4.68 2.88 7.45
N VAL A 89 3.89 3.72 6.78
CA VAL A 89 2.88 4.53 7.46
C VAL A 89 1.94 3.66 8.28
N ILE A 90 1.80 2.40 7.88
CA ILE A 90 0.94 1.46 8.58
C ILE A 90 1.41 1.22 10.01
N LYS A 91 2.73 1.05 10.16
CA LYS A 91 3.31 0.82 11.48
C LYS A 91 3.73 2.13 12.13
N ARG A 92 3.96 3.15 11.30
CA ARG A 92 4.36 4.45 11.81
C ARG A 92 3.19 5.16 12.49
N GLU A 93 2.11 5.36 11.75
CA GLU A 93 0.92 6.02 12.29
C GLU A 93 -0.19 5.01 12.56
N SER A 94 -1.01 5.30 13.57
CA SER A 94 -2.10 4.42 13.94
C SER A 94 -3.17 4.39 12.85
N THR A 95 -3.46 5.55 12.27
CA THR A 95 -4.45 5.65 11.21
C THR A 95 -3.81 5.59 9.84
N LEU A 96 -4.64 5.48 8.81
CA LEU A 96 -4.13 5.41 7.43
C LEU A 96 -5.01 6.24 6.50
N ASN A 97 -4.61 7.48 6.26
CA ASN A 97 -5.35 8.39 5.39
C ASN A 97 -4.79 8.35 3.97
N MET A 98 -5.06 7.25 3.26
CA MET A 98 -4.58 7.10 1.89
C MET A 98 -5.48 7.87 0.92
N VAL A 99 -4.94 8.14 -0.26
CA VAL A 99 -5.68 8.87 -1.28
C VAL A 99 -5.48 8.25 -2.66
N VAL A 100 -6.43 7.41 -3.07
CA VAL A 100 -6.35 6.74 -4.37
C VAL A 100 -7.27 7.41 -5.38
N ARG A 101 -6.91 7.32 -6.66
CA ARG A 101 -7.70 7.91 -7.72
C ARG A 101 -8.67 6.90 -8.31
N ARG A 102 -9.96 7.17 -8.18
CA ARG A 102 -10.99 6.28 -8.70
C ARG A 102 -11.89 7.00 -9.70
N GLY A 103 -12.13 6.37 -10.84
CA GLY A 103 -12.97 6.97 -11.87
C GLY A 103 -12.31 8.18 -12.50
N ASN A 104 -12.53 9.34 -11.90
CA ASN A 104 -11.96 10.59 -12.43
C ASN A 104 -11.76 11.60 -11.31
N GLU A 105 -11.39 11.11 -10.13
CA GLU A 105 -11.17 11.99 -8.98
C GLU A 105 -10.37 11.26 -7.89
N ASP A 106 -10.14 11.95 -6.78
CA ASP A 106 -9.39 11.37 -5.66
C ASP A 106 -10.33 10.98 -4.53
N ILE A 107 -10.07 9.82 -3.93
CA ILE A 107 -10.89 9.33 -2.83
C ILE A 107 -10.03 8.93 -1.64
N MET A 108 -10.40 9.42 -0.46
CA MET A 108 -9.66 9.10 0.76
C MET A 108 -10.03 7.71 1.28
N ILE A 109 -9.04 6.97 1.75
CA ILE A 109 -9.25 5.63 2.29
C ILE A 109 -8.74 5.52 3.71
N THR A 110 -9.65 5.64 4.68
CA THR A 110 -9.29 5.54 6.09
C THR A 110 -9.24 4.09 6.54
N VAL A 111 -8.05 3.63 6.91
CA VAL A 111 -7.86 2.25 7.37
C VAL A 111 -7.24 2.22 8.76
N ILE A 112 -7.66 1.25 9.57
CA ILE A 112 -7.15 1.11 10.93
C ILE A 112 -6.37 -0.19 11.08
N PRO A 113 -5.06 -0.14 10.77
CA PRO A 113 -4.19 -1.31 10.86
C PRO A 113 -3.92 -1.72 12.30
N GLU A 114 -4.09 -3.02 12.59
CA GLU A 114 -3.87 -3.53 13.94
C GLU A 114 -2.43 -3.98 14.12
N GLU A 115 -1.87 -3.71 15.30
CA GLU A 115 -0.49 -4.08 15.60
C GLU A 115 -0.39 -5.56 15.97
N ILE A 116 0.26 -6.33 15.11
CA ILE A 116 0.42 -7.76 15.36
C ILE A 116 1.89 -8.11 15.61
N ASP A 117 2.11 -9.18 16.36
CA ASP A 117 3.46 -9.62 16.68
C ASP A 117 4.28 -9.84 15.41
N PRO A 118 5.61 -9.74 15.54
CA PRO A 118 6.53 -9.91 14.42
C PRO A 118 6.59 -11.36 13.93
#